data_2JTG
#
_entry.id   2JTG
#
_cell.length_a   1.000
_cell.length_b   1.000
_cell.length_c   1.000
_cell.angle_alpha   90.00
_cell.angle_beta   90.00
_cell.angle_gamma   90.00
#
_symmetry.space_group_name_H-M   'P 1'
#
loop_
_entity.id
_entity.type
_entity.pdbx_description
1 polymer 'THAP domain-containing protein 1'
2 non-polymer 'ZINC ION'
#
_entity_poly.entity_id   1
_entity_poly.type   'polypeptide(L)'
_entity_poly.pdbx_seq_one_letter_code
;MVQSCSAYGCKNRYDKDKPVSFHKFPLTRPSLCKEWEAAVRRKNFKPTKYSSICSEHFTPDCFKRECNNKLLKENAVPTI
FLELVPR
;
_entity_poly.pdbx_strand_id   A
#
loop_
_chem_comp.id
_chem_comp.type
_chem_comp.name
_chem_comp.formula
ZN non-polymer 'ZINC ION' 'Zn 2'
#
# COMPACT_ATOMS: atom_id res chain seq x y z
N MET A 1 -1.76 16.89 1.31
CA MET A 1 -2.91 16.06 1.75
C MET A 1 -4.05 16.11 0.74
N VAL A 2 -3.83 15.48 -0.41
CA VAL A 2 -4.83 15.45 -1.47
C VAL A 2 -5.31 14.03 -1.74
N GLN A 3 -5.06 13.13 -0.79
CA GLN A 3 -5.45 11.74 -0.93
C GLN A 3 -5.13 10.97 0.34
N SER A 4 -6.05 10.13 0.75
CA SER A 4 -5.86 9.33 1.95
C SER A 4 -5.37 7.92 1.62
N CYS A 5 -4.97 7.22 2.66
CA CYS A 5 -4.47 5.86 2.54
C CYS A 5 -4.94 5.04 3.75
N SER A 6 -4.66 3.73 3.76
CA SER A 6 -5.11 2.88 4.85
C SER A 6 -4.28 3.10 6.10
N ALA A 7 -2.96 3.16 5.92
CA ALA A 7 -2.04 3.37 7.02
C ALA A 7 -2.58 4.38 8.04
N TYR A 8 -2.85 3.90 9.25
CA TYR A 8 -3.39 4.75 10.31
C TYR A 8 -2.56 6.01 10.50
N GLY A 9 -3.24 7.17 10.48
CA GLY A 9 -2.56 8.44 10.65
C GLY A 9 -1.35 8.58 9.74
N CYS A 10 -1.55 8.28 8.47
CA CYS A 10 -0.49 8.37 7.48
C CYS A 10 -0.19 9.82 7.14
N LYS A 11 1.01 10.07 6.60
CA LYS A 11 1.43 11.41 6.24
C LYS A 11 1.55 11.58 4.73
N ASN A 12 0.81 10.75 4.01
CA ASN A 12 0.81 10.77 2.56
C ASN A 12 0.20 12.06 2.03
N ARG A 13 0.49 12.36 0.77
CA ARG A 13 -0.05 13.56 0.14
C ARG A 13 0.10 13.51 -1.38
N TYR A 14 -1.03 13.42 -2.09
CA TYR A 14 -1.02 13.37 -3.54
C TYR A 14 -0.81 14.77 -4.12
N ASP A 15 0.44 15.21 -4.15
CA ASP A 15 0.78 16.53 -4.68
C ASP A 15 1.54 16.41 -6.00
N LYS A 16 1.46 17.44 -6.83
CA LYS A 16 2.13 17.45 -8.12
C LYS A 16 3.64 17.27 -7.93
N ASP A 17 4.13 17.72 -6.78
CA ASP A 17 5.53 17.63 -6.46
C ASP A 17 5.85 16.26 -5.87
N LYS A 18 5.13 15.90 -4.82
CA LYS A 18 5.32 14.62 -4.15
C LYS A 18 4.93 13.47 -5.07
N PRO A 19 5.91 12.69 -5.56
CA PRO A 19 5.66 11.55 -6.47
C PRO A 19 5.06 10.34 -5.77
N VAL A 20 4.20 10.60 -4.81
CA VAL A 20 3.55 9.53 -4.05
C VAL A 20 2.38 8.93 -4.83
N SER A 21 2.30 7.61 -4.82
CA SER A 21 1.23 6.90 -5.51
C SER A 21 0.31 6.20 -4.53
N PHE A 22 -0.88 5.83 -4.99
CA PHE A 22 -1.86 5.16 -4.15
C PHE A 22 -2.43 3.94 -4.85
N HIS A 23 -2.73 2.90 -4.08
CA HIS A 23 -3.26 1.65 -4.61
C HIS A 23 -4.46 1.18 -3.81
N LYS A 24 -5.34 0.39 -4.42
CA LYS A 24 -6.52 -0.14 -3.74
C LYS A 24 -6.30 -1.60 -3.38
N PHE A 25 -6.91 -2.05 -2.28
CA PHE A 25 -6.75 -3.44 -1.86
C PHE A 25 -7.09 -4.37 -3.01
N PRO A 26 -6.10 -5.14 -3.47
CA PRO A 26 -6.25 -6.05 -4.62
C PRO A 26 -6.75 -7.43 -4.24
N LEU A 27 -7.32 -8.11 -5.24
CA LEU A 27 -7.85 -9.46 -5.05
C LEU A 27 -6.97 -10.50 -5.75
N THR A 28 -6.19 -10.04 -6.73
CA THR A 28 -5.30 -10.93 -7.47
C THR A 28 -4.25 -11.50 -6.53
N ARG A 29 -3.87 -10.71 -5.54
CA ARG A 29 -2.89 -11.09 -4.55
C ARG A 29 -3.59 -11.34 -3.22
N PRO A 30 -3.94 -12.61 -2.92
CA PRO A 30 -4.66 -12.98 -1.69
C PRO A 30 -3.78 -13.41 -0.51
N SER A 31 -3.14 -14.58 -0.59
CA SER A 31 -2.29 -15.05 0.50
C SER A 31 -1.32 -13.95 0.90
N LEU A 32 -0.62 -13.45 -0.10
CA LEU A 32 0.32 -12.37 0.08
C LEU A 32 -0.44 -11.17 0.64
N CYS A 33 -1.69 -11.03 0.21
CA CYS A 33 -2.56 -9.94 0.64
C CYS A 33 -2.59 -9.84 2.16
N LYS A 34 -2.48 -10.99 2.82
CA LYS A 34 -2.47 -11.02 4.27
C LYS A 34 -1.44 -10.02 4.76
N GLU A 35 -0.34 -9.95 4.01
CA GLU A 35 0.73 -9.03 4.30
C GLU A 35 0.22 -7.61 4.32
N TRP A 36 -0.65 -7.33 3.38
CA TRP A 36 -1.25 -6.01 3.28
C TRP A 36 -1.97 -5.66 4.56
N GLU A 37 -2.51 -6.68 5.23
CA GLU A 37 -3.19 -6.44 6.50
C GLU A 37 -2.25 -5.74 7.46
N ALA A 38 -0.98 -6.15 7.40
CA ALA A 38 0.05 -5.55 8.23
C ALA A 38 0.18 -4.07 7.91
N ALA A 39 -0.02 -3.77 6.63
CA ALA A 39 0.04 -2.40 6.14
C ALA A 39 -0.91 -1.51 6.95
N VAL A 40 -1.96 -2.14 7.49
CA VAL A 40 -2.95 -1.42 8.26
C VAL A 40 -2.73 -1.60 9.76
N ARG A 41 -2.84 -2.83 10.24
CA ARG A 41 -2.66 -3.14 11.66
C ARG A 41 -3.78 -2.53 12.51
N ARG A 42 -4.81 -2.01 11.85
CA ARG A 42 -5.93 -1.38 12.55
C ARG A 42 -6.98 -2.43 12.93
N LYS A 43 -7.94 -2.03 13.76
CA LYS A 43 -9.02 -2.91 14.22
C LYS A 43 -9.42 -3.92 13.14
N ASN A 44 -9.87 -3.41 11.99
CA ASN A 44 -10.27 -4.28 10.89
C ASN A 44 -10.39 -3.49 9.58
N PHE A 45 -9.23 -3.21 8.95
CA PHE A 45 -9.19 -2.47 7.68
C PHE A 45 -10.46 -2.66 6.84
N LYS A 46 -11.45 -1.83 7.10
CA LYS A 46 -12.72 -1.91 6.38
C LYS A 46 -12.55 -1.42 4.93
N PRO A 47 -12.72 -2.33 3.95
CA PRO A 47 -12.59 -2.04 2.51
C PRO A 47 -13.46 -0.87 2.01
N THR A 48 -14.23 -0.27 2.90
CA THR A 48 -15.11 0.84 2.51
C THR A 48 -14.29 1.99 1.94
N LYS A 49 -13.39 2.54 2.74
CA LYS A 49 -12.54 3.64 2.30
C LYS A 49 -11.07 3.33 2.60
N TYR A 50 -10.84 2.32 3.45
CA TYR A 50 -9.49 1.93 3.80
C TYR A 50 -8.87 0.96 2.79
N SER A 51 -9.71 0.27 2.00
CA SER A 51 -9.21 -0.68 1.01
C SER A 51 -8.25 -0.02 0.00
N SER A 52 -7.08 0.40 0.48
CA SER A 52 -6.08 1.03 -0.37
C SER A 52 -4.82 1.32 0.43
N ILE A 53 -3.70 1.39 -0.25
CA ILE A 53 -2.43 1.64 0.40
C ILE A 53 -1.65 2.68 -0.39
N CYS A 54 -0.75 3.39 0.27
CA CYS A 54 0.04 4.40 -0.41
C CYS A 54 1.51 3.93 -0.54
N SER A 55 2.22 4.44 -1.55
CA SER A 55 3.60 4.00 -1.80
C SER A 55 4.54 4.17 -0.60
N GLU A 56 4.33 5.24 0.18
CA GLU A 56 5.16 5.53 1.32
C GLU A 56 5.55 4.29 2.13
N HIS A 57 4.72 3.26 2.09
CA HIS A 57 4.99 2.03 2.86
C HIS A 57 5.61 0.95 1.97
N PHE A 58 5.35 1.02 0.68
CA PHE A 58 5.88 0.02 -0.25
C PHE A 58 7.35 0.28 -0.56
N THR A 59 8.03 -0.74 -1.08
CA THR A 59 9.44 -0.61 -1.44
C THR A 59 9.58 -0.08 -2.87
N PRO A 60 10.59 0.75 -3.12
CA PRO A 60 10.86 1.34 -4.43
C PRO A 60 10.91 0.27 -5.53
N ASP A 61 11.48 -0.87 -5.18
CA ASP A 61 11.61 -1.99 -6.11
C ASP A 61 10.25 -2.54 -6.54
N CYS A 62 9.24 -2.32 -5.71
CA CYS A 62 7.89 -2.80 -6.00
C CYS A 62 7.19 -1.90 -7.03
N PHE A 63 7.86 -0.84 -7.46
CA PHE A 63 7.28 0.08 -8.43
C PHE A 63 7.92 -0.11 -9.81
N LYS A 64 8.35 -1.33 -10.09
CA LYS A 64 8.99 -1.65 -11.36
C LYS A 64 8.03 -1.40 -12.52
N ARG A 65 6.74 -1.59 -12.27
CA ARG A 65 5.72 -1.39 -13.30
C ARG A 65 5.42 0.10 -13.47
N GLU A 66 5.41 0.56 -14.72
CA GLU A 66 5.13 1.96 -15.02
C GLU A 66 3.69 2.15 -15.46
N CYS A 67 2.77 1.43 -14.81
CA CYS A 67 1.36 1.52 -15.15
C CYS A 67 0.79 2.88 -14.75
N ASN A 68 -0.51 3.06 -14.98
CA ASN A 68 -1.17 4.31 -14.64
C ASN A 68 -1.18 4.53 -13.13
N ASN A 69 -1.83 3.62 -12.41
CA ASN A 69 -1.92 3.71 -10.96
C ASN A 69 -2.05 2.32 -10.34
N LYS A 70 -1.47 1.33 -11.00
CA LYS A 70 -1.52 -0.04 -10.50
C LYS A 70 -0.13 -0.66 -10.46
N LEU A 71 0.60 -0.40 -9.38
CA LEU A 71 1.95 -0.93 -9.23
C LEU A 71 2.09 -1.69 -7.91
N LEU A 72 1.90 -3.00 -7.96
CA LEU A 72 2.00 -3.85 -6.79
C LEU A 72 2.08 -5.33 -7.19
N LYS A 73 3.06 -5.63 -8.03
CA LYS A 73 3.28 -7.00 -8.52
C LYS A 73 3.37 -7.99 -7.36
N GLU A 74 3.51 -9.27 -7.70
CA GLU A 74 3.62 -10.34 -6.71
C GLU A 74 4.63 -9.99 -5.63
N ASN A 75 5.62 -9.20 -6.00
CA ASN A 75 6.66 -8.78 -5.06
C ASN A 75 6.08 -7.83 -4.02
N ALA A 76 5.21 -6.95 -4.50
CA ALA A 76 4.56 -5.94 -3.68
C ALA A 76 4.38 -6.37 -2.23
N VAL A 77 4.65 -5.43 -1.33
CA VAL A 77 4.54 -5.66 0.09
C VAL A 77 4.75 -4.33 0.84
N PRO A 78 3.98 -4.07 1.91
CA PRO A 78 4.10 -2.83 2.68
C PRO A 78 5.19 -2.89 3.76
N THR A 79 6.27 -3.61 3.46
CA THR A 79 7.42 -3.79 4.35
C THR A 79 7.35 -2.97 5.65
N ILE A 80 7.20 -1.65 5.55
CA ILE A 80 7.17 -0.78 6.71
C ILE A 80 6.35 -1.35 7.86
N PHE A 81 5.33 -2.16 7.56
CA PHE A 81 4.50 -2.76 8.58
C PHE A 81 4.68 -4.28 8.60
N LEU A 82 5.84 -4.74 8.14
CA LEU A 82 6.14 -6.17 8.10
C LEU A 82 6.12 -6.77 9.50
N GLU A 83 4.94 -7.23 9.93
CA GLU A 83 4.79 -7.84 11.25
C GLU A 83 5.66 -9.09 11.37
N LEU A 84 5.88 -9.76 10.23
CA LEU A 84 6.68 -10.99 10.20
C LEU A 84 7.96 -10.82 11.01
N VAL A 85 7.94 -11.30 12.25
CA VAL A 85 9.11 -11.22 13.13
C VAL A 85 9.25 -12.49 13.97
N PRO A 86 10.44 -12.68 14.57
CA PRO A 86 10.72 -13.86 15.41
C PRO A 86 9.73 -14.01 16.56
N ARG A 87 8.60 -14.65 16.28
CA ARG A 87 7.56 -14.86 17.30
C ARG A 87 8.11 -15.64 18.49
ZN ZN B . 0.22 5.60 3.68
N MET A 1 -1.94 17.03 2.34
CA MET A 1 -3.04 16.12 2.76
C MET A 1 -4.24 16.24 1.83
N VAL A 2 -4.09 15.74 0.61
CA VAL A 2 -5.17 15.78 -0.37
C VAL A 2 -5.63 14.38 -0.76
N GLN A 3 -5.29 13.40 0.07
CA GLN A 3 -5.65 12.01 -0.17
C GLN A 3 -5.24 11.17 1.01
N SER A 4 -6.11 10.28 1.43
CA SER A 4 -5.82 9.40 2.55
C SER A 4 -5.41 8.02 2.09
N CYS A 5 -4.92 7.25 3.05
CA CYS A 5 -4.45 5.89 2.81
C CYS A 5 -4.91 4.99 3.96
N SER A 6 -4.63 3.69 3.87
CA SER A 6 -5.07 2.76 4.92
C SER A 6 -4.25 2.93 6.19
N ALA A 7 -2.94 3.07 6.02
CA ALA A 7 -2.03 3.24 7.14
C ALA A 7 -2.58 4.20 8.19
N TYR A 8 -2.47 3.81 9.46
CA TYR A 8 -2.97 4.62 10.56
C TYR A 8 -2.19 5.92 10.69
N GLY A 9 -2.90 7.04 10.73
CA GLY A 9 -2.27 8.34 10.86
C GLY A 9 -1.08 8.50 9.92
N CYS A 10 -1.37 8.44 8.63
CA CYS A 10 -0.35 8.56 7.62
C CYS A 10 -0.12 10.03 7.24
N LYS A 11 1.04 10.31 6.64
CA LYS A 11 1.38 11.66 6.23
C LYS A 11 1.43 11.79 4.71
N ASN A 12 0.72 10.89 4.04
CA ASN A 12 0.66 10.85 2.59
C ASN A 12 -0.03 12.09 2.02
N ARG A 13 0.22 12.34 0.74
CA ARG A 13 -0.38 13.48 0.04
C ARG A 13 -0.37 13.26 -1.48
N TYR A 14 -1.56 13.08 -2.06
CA TYR A 14 -1.68 12.87 -3.49
C TYR A 14 -1.42 14.16 -4.27
N ASP A 15 -0.15 14.47 -4.48
CA ASP A 15 0.22 15.68 -5.21
C ASP A 15 0.98 15.33 -6.49
N LYS A 16 0.82 16.17 -7.52
CA LYS A 16 1.48 15.95 -8.80
C LYS A 16 2.99 15.93 -8.63
N ASP A 17 3.46 16.65 -7.63
CA ASP A 17 4.89 16.74 -7.33
C ASP A 17 5.35 15.52 -6.55
N LYS A 18 4.65 15.26 -5.45
CA LYS A 18 4.98 14.12 -4.60
C LYS A 18 4.62 12.81 -5.28
N PRO A 19 5.63 11.98 -5.64
CA PRO A 19 5.40 10.71 -6.32
C PRO A 19 4.78 9.62 -5.46
N VAL A 20 4.04 10.05 -4.46
CA VAL A 20 3.37 9.14 -3.55
C VAL A 20 2.07 8.62 -4.16
N SER A 21 2.17 7.59 -5.00
CA SER A 21 1.01 7.01 -5.63
C SER A 21 0.18 6.20 -4.63
N PHE A 22 -1.06 5.92 -4.99
CA PHE A 22 -1.95 5.15 -4.12
C PHE A 22 -2.45 3.90 -4.84
N HIS A 23 -2.64 2.83 -4.09
CA HIS A 23 -3.09 1.58 -4.66
C HIS A 23 -4.19 0.93 -3.82
N LYS A 24 -5.33 0.64 -4.44
CA LYS A 24 -6.45 0.01 -3.76
C LYS A 24 -6.12 -1.44 -3.44
N PHE A 25 -6.79 -2.02 -2.43
CA PHE A 25 -6.53 -3.41 -2.07
C PHE A 25 -6.73 -4.31 -3.27
N PRO A 26 -5.74 -5.18 -3.56
CA PRO A 26 -5.76 -6.06 -4.73
C PRO A 26 -6.43 -7.40 -4.47
N LEU A 27 -6.86 -8.04 -5.56
CA LEU A 27 -7.51 -9.34 -5.50
C LEU A 27 -6.62 -10.42 -6.09
N THR A 28 -5.78 -10.05 -7.06
CA THR A 28 -4.87 -10.99 -7.70
C THR A 28 -3.85 -11.50 -6.70
N ARG A 29 -3.56 -10.67 -5.71
CA ARG A 29 -2.60 -11.01 -4.66
C ARG A 29 -3.35 -11.28 -3.35
N PRO A 30 -3.68 -12.56 -3.06
CA PRO A 30 -4.43 -12.94 -1.87
C PRO A 30 -3.58 -13.35 -0.66
N SER A 31 -2.91 -14.51 -0.73
CA SER A 31 -2.08 -14.97 0.39
C SER A 31 -1.13 -13.86 0.78
N LEU A 32 -0.43 -13.36 -0.21
CA LEU A 32 0.50 -12.26 -0.03
C LEU A 32 -0.26 -11.07 0.54
N CYS A 33 -1.52 -10.94 0.09
CA CYS A 33 -2.39 -9.85 0.54
C CYS A 33 -2.42 -9.76 2.04
N LYS A 34 -2.29 -10.89 2.71
CA LYS A 34 -2.30 -10.93 4.16
C LYS A 34 -1.26 -9.94 4.65
N GLU A 35 -0.17 -9.85 3.90
CA GLU A 35 0.91 -8.94 4.20
C GLU A 35 0.39 -7.52 4.23
N TRP A 36 -0.50 -7.23 3.30
CA TRP A 36 -1.10 -5.91 3.21
C TRP A 36 -1.83 -5.59 4.50
N GLU A 37 -2.36 -6.60 5.16
CA GLU A 37 -3.03 -6.40 6.44
C GLU A 37 -2.05 -5.74 7.40
N ALA A 38 -0.80 -6.15 7.31
CA ALA A 38 0.24 -5.60 8.16
C ALA A 38 0.39 -4.12 7.90
N ALA A 39 0.15 -3.74 6.64
CA ALA A 39 0.22 -2.35 6.23
C ALA A 39 -0.64 -1.49 7.13
N VAL A 40 -1.67 -2.11 7.70
CA VAL A 40 -2.59 -1.43 8.59
C VAL A 40 -2.17 -1.64 10.05
N ARG A 41 -2.28 -2.86 10.52
CA ARG A 41 -1.90 -3.21 11.89
C ARG A 41 -2.53 -2.26 12.93
N ARG A 42 -3.53 -1.49 12.53
CA ARG A 42 -4.18 -0.56 13.44
C ARG A 42 -5.71 -0.59 13.31
N LYS A 43 -6.25 0.27 12.46
CA LYS A 43 -7.69 0.35 12.26
C LYS A 43 -8.19 -0.86 11.48
N ASN A 44 -9.47 -1.19 11.68
CA ASN A 44 -10.08 -2.32 11.00
C ASN A 44 -10.24 -2.03 9.51
N PHE A 45 -9.11 -1.96 8.80
CA PHE A 45 -9.06 -1.68 7.36
C PHE A 45 -10.40 -1.96 6.66
N LYS A 46 -11.30 -0.98 6.71
CA LYS A 46 -12.62 -1.12 6.09
C LYS A 46 -12.50 -0.89 4.57
N PRO A 47 -12.65 -1.95 3.76
CA PRO A 47 -12.53 -1.87 2.30
C PRO A 47 -13.48 -0.86 1.63
N THR A 48 -14.33 -0.24 2.42
CA THR A 48 -15.29 0.74 1.90
C THR A 48 -14.56 1.91 1.27
N LYS A 49 -13.67 2.54 2.03
CA LYS A 49 -12.90 3.67 1.55
C LYS A 49 -11.42 3.48 1.85
N TYR A 50 -11.12 2.64 2.84
CA TYR A 50 -9.74 2.38 3.23
C TYR A 50 -9.06 1.38 2.30
N SER A 51 -9.86 0.59 1.57
CA SER A 51 -9.31 -0.42 0.64
C SER A 51 -8.24 0.17 -0.28
N SER A 52 -7.11 0.57 0.30
CA SER A 52 -6.01 1.13 -0.48
C SER A 52 -4.80 1.42 0.40
N ILE A 53 -3.64 1.43 -0.23
CA ILE A 53 -2.39 1.69 0.48
C ILE A 53 -1.61 2.75 -0.29
N CYS A 54 -0.72 3.46 0.40
CA CYS A 54 0.06 4.49 -0.27
C CYS A 54 1.53 4.06 -0.40
N SER A 55 2.24 4.61 -1.39
CA SER A 55 3.63 4.24 -1.66
C SER A 55 4.55 4.34 -0.44
N GLU A 56 4.33 5.34 0.41
CA GLU A 56 5.14 5.57 1.58
C GLU A 56 5.51 4.29 2.34
N HIS A 57 4.70 3.26 2.24
CA HIS A 57 4.95 2.00 2.95
C HIS A 57 5.47 0.91 2.03
N PHE A 58 5.52 1.19 0.73
CA PHE A 58 6.01 0.22 -0.23
C PHE A 58 7.48 0.46 -0.58
N THR A 59 8.13 -0.53 -1.16
CA THR A 59 9.53 -0.40 -1.56
C THR A 59 9.62 0.14 -2.98
N PRO A 60 10.62 0.99 -3.23
CA PRO A 60 10.86 1.60 -4.56
C PRO A 60 10.92 0.54 -5.66
N ASP A 61 11.54 -0.59 -5.35
CA ASP A 61 11.69 -1.68 -6.31
C ASP A 61 10.34 -2.31 -6.65
N CYS A 62 9.39 -2.19 -5.74
CA CYS A 62 8.06 -2.75 -5.95
C CYS A 62 7.27 -1.99 -7.02
N PHE A 63 7.83 -0.87 -7.50
CA PHE A 63 7.16 -0.07 -8.52
C PHE A 63 7.69 -0.42 -9.91
N LYS A 64 7.84 -1.71 -10.17
CA LYS A 64 8.33 -2.19 -11.46
C LYS A 64 7.46 -1.68 -12.60
N ARG A 65 6.23 -2.18 -12.68
CA ARG A 65 5.30 -1.76 -13.72
C ARG A 65 5.26 -0.25 -13.87
N GLU A 66 5.22 0.23 -15.12
CA GLU A 66 5.18 1.66 -15.39
C GLU A 66 3.83 2.07 -15.97
N CYS A 67 2.79 2.01 -15.13
CA CYS A 67 1.45 2.37 -15.56
C CYS A 67 0.69 3.04 -14.41
N ASN A 68 -0.44 3.70 -14.73
CA ASN A 68 -1.23 4.37 -13.71
C ASN A 68 -2.28 3.43 -13.12
N ASN A 69 -2.67 2.42 -13.90
CA ASN A 69 -3.67 1.45 -13.45
C ASN A 69 -3.38 0.96 -12.03
N LYS A 70 -2.44 0.04 -11.91
CA LYS A 70 -2.07 -0.51 -10.61
C LYS A 70 -0.68 -1.12 -10.64
N LEU A 71 0.16 -0.73 -9.69
CA LEU A 71 1.52 -1.24 -9.60
C LEU A 71 1.79 -1.86 -8.24
N LEU A 72 1.61 -3.17 -8.14
CA LEU A 72 1.84 -3.88 -6.88
C LEU A 72 1.76 -5.39 -7.11
N LYS A 73 2.65 -5.90 -7.96
CA LYS A 73 2.69 -7.32 -8.28
C LYS A 73 3.13 -8.17 -7.08
N GLU A 74 3.26 -9.46 -7.32
CA GLU A 74 3.66 -10.42 -6.28
C GLU A 74 4.82 -9.88 -5.44
N ASN A 75 5.63 -9.02 -6.03
CA ASN A 75 6.76 -8.45 -5.32
C ASN A 75 6.25 -7.47 -4.26
N ALA A 76 5.27 -6.68 -4.65
CA ALA A 76 4.66 -5.69 -3.79
C ALA A 76 4.51 -6.15 -2.36
N VAL A 77 4.79 -5.24 -1.43
CA VAL A 77 4.71 -5.50 -0.02
C VAL A 77 4.91 -4.20 0.77
N PRO A 78 4.15 -3.97 1.85
CA PRO A 78 4.26 -2.76 2.67
C PRO A 78 5.30 -2.91 3.79
N THR A 79 6.37 -3.65 3.48
CA THR A 79 7.48 -3.93 4.42
C THR A 79 7.47 -3.07 5.68
N ILE A 80 7.35 -1.74 5.52
CA ILE A 80 7.37 -0.83 6.65
C ILE A 80 6.58 -1.35 7.86
N PHE A 81 5.53 -2.13 7.61
CA PHE A 81 4.72 -2.69 8.69
C PHE A 81 4.97 -4.18 8.84
N LEU A 82 5.30 -4.85 7.75
CA LEU A 82 5.56 -6.28 7.78
C LEU A 82 6.81 -6.59 8.58
N GLU A 83 6.68 -6.56 9.91
CA GLU A 83 7.80 -6.84 10.80
C GLU A 83 8.08 -8.34 10.86
N LEU A 84 7.03 -9.13 11.06
CA LEU A 84 7.17 -10.57 11.14
C LEU A 84 7.58 -11.16 9.79
N VAL A 85 8.87 -11.08 9.49
CA VAL A 85 9.39 -11.60 8.23
C VAL A 85 10.40 -12.71 8.45
N PRO A 86 9.91 -13.96 8.62
CA PRO A 86 10.76 -15.13 8.84
C PRO A 86 11.77 -15.35 7.71
N ARG A 87 12.87 -14.61 7.76
CA ARG A 87 13.92 -14.73 6.75
C ARG A 87 15.09 -13.81 7.07
ZN ZN B . 0.26 5.71 3.85
N MET A 1 -2.10 17.26 1.98
CA MET A 1 -2.78 15.93 1.87
C MET A 1 -4.01 16.02 0.98
N VAL A 2 -3.90 15.53 -0.24
CA VAL A 2 -5.02 15.55 -1.18
C VAL A 2 -5.46 14.13 -1.55
N GLN A 3 -5.05 13.17 -0.74
CA GLN A 3 -5.38 11.77 -0.96
C GLN A 3 -5.07 10.98 0.30
N SER A 4 -5.96 10.10 0.67
CA SER A 4 -5.77 9.29 1.86
C SER A 4 -5.25 7.90 1.54
N CYS A 5 -4.82 7.22 2.59
CA CYS A 5 -4.27 5.87 2.49
C CYS A 5 -4.72 5.07 3.72
N SER A 6 -4.46 3.76 3.74
CA SER A 6 -4.89 2.93 4.86
C SER A 6 -4.02 3.14 6.09
N ALA A 7 -2.71 3.23 5.88
CA ALA A 7 -1.76 3.43 6.97
C ALA A 7 -2.29 4.40 8.02
N TYR A 8 -2.11 4.04 9.29
CA TYR A 8 -2.58 4.87 10.39
C TYR A 8 -1.82 6.19 10.47
N GLY A 9 -2.57 7.29 10.51
CA GLY A 9 -1.94 8.61 10.59
C GLY A 9 -0.82 8.79 9.60
N CYS A 10 -1.06 8.41 8.37
CA CYS A 10 -0.07 8.52 7.31
C CYS A 10 0.15 9.98 6.93
N LYS A 11 1.28 10.27 6.29
CA LYS A 11 1.62 11.63 5.89
C LYS A 11 1.72 11.75 4.37
N ASN A 12 0.99 10.89 3.69
CA ASN A 12 0.96 10.87 2.24
C ASN A 12 0.34 12.13 1.66
N ARG A 13 0.51 12.31 0.36
CA ARG A 13 -0.07 13.48 -0.33
C ARG A 13 0.09 13.37 -1.84
N TYR A 14 -1.03 13.25 -2.55
CA TYR A 14 -0.99 13.16 -4.00
C TYR A 14 -0.68 14.54 -4.59
N ASP A 15 0.60 14.85 -4.67
CA ASP A 15 1.04 16.14 -5.21
C ASP A 15 1.76 15.97 -6.54
N LYS A 16 1.73 17.02 -7.35
CA LYS A 16 2.38 16.99 -8.66
C LYS A 16 3.89 16.75 -8.51
N ASP A 17 4.42 17.17 -7.38
CA ASP A 17 5.84 17.01 -7.09
C ASP A 17 6.10 15.62 -6.51
N LYS A 18 5.42 15.31 -5.43
CA LYS A 18 5.56 14.03 -4.77
C LYS A 18 4.95 12.90 -5.59
N PRO A 19 5.78 12.01 -6.17
CA PRO A 19 5.31 10.89 -6.99
C PRO A 19 4.71 9.74 -6.18
N VAL A 20 4.11 10.10 -5.08
CA VAL A 20 3.50 9.13 -4.19
C VAL A 20 2.17 8.61 -4.73
N SER A 21 2.23 7.49 -5.43
CA SER A 21 1.03 6.88 -6.00
C SER A 21 0.22 6.15 -4.94
N PHE A 22 -1.04 5.84 -5.25
CA PHE A 22 -1.91 5.14 -4.33
C PHE A 22 -2.48 3.89 -4.96
N HIS A 23 -2.72 2.87 -4.14
CA HIS A 23 -3.26 1.60 -4.63
C HIS A 23 -4.42 1.11 -3.79
N LYS A 24 -5.29 0.30 -4.39
CA LYS A 24 -6.45 -0.25 -3.68
C LYS A 24 -6.16 -1.69 -3.27
N PHE A 25 -6.86 -2.19 -2.26
CA PHE A 25 -6.65 -3.56 -1.82
C PHE A 25 -6.95 -4.52 -2.97
N PRO A 26 -5.97 -5.39 -3.30
CA PRO A 26 -6.09 -6.32 -4.41
C PRO A 26 -6.71 -7.66 -4.03
N LEU A 27 -7.20 -8.37 -5.04
CA LEU A 27 -7.84 -9.68 -4.85
C LEU A 27 -6.97 -10.80 -5.42
N THR A 28 -6.18 -10.48 -6.44
CA THR A 28 -5.31 -11.47 -7.07
C THR A 28 -4.26 -11.94 -6.07
N ARG A 29 -3.92 -11.06 -5.13
CA ARG A 29 -2.96 -11.35 -4.09
C ARG A 29 -3.68 -11.53 -2.76
N PRO A 30 -3.99 -12.79 -2.38
CA PRO A 30 -4.71 -13.10 -1.15
C PRO A 30 -3.82 -13.45 0.05
N SER A 31 -3.18 -14.61 0.05
CA SER A 31 -2.31 -15.00 1.16
C SER A 31 -1.31 -13.89 1.43
N LEU A 32 -0.65 -13.47 0.37
CA LEU A 32 0.29 -12.39 0.42
C LEU A 32 -0.41 -11.14 0.94
N CYS A 33 -1.69 -11.02 0.56
CA CYS A 33 -2.52 -9.89 0.97
C CYS A 33 -2.50 -9.70 2.47
N LYS A 34 -2.36 -10.80 3.19
CA LYS A 34 -2.31 -10.74 4.65
C LYS A 34 -1.25 -9.74 5.04
N GLU A 35 -0.18 -9.73 4.26
CA GLU A 35 0.92 -8.81 4.46
C GLU A 35 0.42 -7.39 4.42
N TRP A 36 -0.49 -7.15 3.50
CA TRP A 36 -1.08 -5.83 3.35
C TRP A 36 -1.76 -5.42 4.64
N GLU A 37 -2.31 -6.39 5.36
CA GLU A 37 -2.92 -6.10 6.64
C GLU A 37 -1.92 -5.37 7.52
N ALA A 38 -0.68 -5.82 7.45
CA ALA A 38 0.40 -5.21 8.20
C ALA A 38 0.59 -3.77 7.76
N ALA A 39 0.40 -3.56 6.47
CA ALA A 39 0.51 -2.23 5.90
C ALA A 39 -0.39 -1.25 6.64
N VAL A 40 -1.45 -1.79 7.23
CA VAL A 40 -2.40 -0.97 7.96
C VAL A 40 -2.08 -0.95 9.44
N ARG A 41 -2.12 -2.11 10.08
CA ARG A 41 -1.85 -2.21 11.51
C ARG A 41 -2.92 -1.50 12.33
N ARG A 42 -4.04 -1.17 11.67
CA ARG A 42 -5.14 -0.48 12.33
C ARG A 42 -6.12 -1.48 12.95
N LYS A 43 -7.04 -0.97 13.77
CA LYS A 43 -8.04 -1.82 14.42
C LYS A 43 -8.64 -2.83 13.44
N ASN A 44 -9.44 -2.34 12.50
CA ASN A 44 -10.07 -3.21 11.51
C ASN A 44 -10.14 -2.53 10.14
N PHE A 45 -9.00 -2.48 9.43
CA PHE A 45 -8.91 -1.88 8.10
C PHE A 45 -10.18 -2.07 7.28
N LYS A 46 -11.18 -1.22 7.51
CA LYS A 46 -12.45 -1.29 6.79
C LYS A 46 -12.25 -1.21 5.28
N PRO A 47 -12.29 -2.35 4.57
CA PRO A 47 -12.07 -2.43 3.11
C PRO A 47 -13.15 -1.70 2.29
N THR A 48 -14.12 -1.11 2.97
CA THR A 48 -15.20 -0.41 2.28
C THR A 48 -14.65 0.74 1.44
N LYS A 49 -13.90 1.63 2.08
CA LYS A 49 -13.31 2.77 1.39
C LYS A 49 -11.83 2.90 1.73
N TYR A 50 -11.42 2.33 2.86
CA TYR A 50 -10.04 2.41 3.28
C TYR A 50 -9.17 1.39 2.55
N SER A 51 -9.79 0.32 2.02
CA SER A 51 -9.04 -0.71 1.31
C SER A 51 -8.13 -0.10 0.23
N SER A 52 -6.95 0.35 0.65
CA SER A 52 -5.98 0.94 -0.27
C SER A 52 -4.70 1.26 0.49
N ILE A 53 -3.58 1.32 -0.24
CA ILE A 53 -2.31 1.60 0.40
C ILE A 53 -1.55 2.64 -0.43
N CYS A 54 -0.63 3.37 0.19
CA CYS A 54 0.13 4.38 -0.53
C CYS A 54 1.60 3.92 -0.70
N SER A 55 2.29 4.46 -1.70
CA SER A 55 3.66 4.05 -2.01
C SER A 55 4.62 4.19 -0.82
N GLU A 56 4.44 5.23 0.00
CA GLU A 56 5.30 5.48 1.12
C GLU A 56 5.69 4.23 1.90
N HIS A 57 4.85 3.20 1.86
CA HIS A 57 5.12 1.96 2.60
C HIS A 57 5.67 0.86 1.70
N PHE A 58 5.54 1.04 0.39
CA PHE A 58 6.03 0.05 -0.56
C PHE A 58 7.47 0.34 -0.95
N THR A 59 8.19 -0.69 -1.42
CA THR A 59 9.57 -0.51 -1.85
C THR A 59 9.64 -0.11 -3.32
N PRO A 60 10.59 0.77 -3.66
CA PRO A 60 10.79 1.26 -5.03
C PRO A 60 10.95 0.12 -6.03
N ASP A 61 11.67 -0.92 -5.62
CA ASP A 61 11.90 -2.08 -6.48
C ASP A 61 10.59 -2.73 -6.91
N CYS A 62 9.57 -2.61 -6.07
CA CYS A 62 8.27 -3.19 -6.35
C CYS A 62 7.46 -2.29 -7.30
N PHE A 63 8.04 -1.15 -7.70
CA PHE A 63 7.36 -0.23 -8.59
C PHE A 63 7.92 -0.32 -10.02
N LYS A 64 8.13 -1.56 -10.48
CA LYS A 64 8.66 -1.77 -11.82
C LYS A 64 7.68 -2.57 -12.68
N ARG A 65 6.52 -1.98 -12.93
CA ARG A 65 5.50 -2.64 -13.75
C ARG A 65 4.97 -1.69 -14.81
N GLU A 66 3.93 -2.13 -15.53
CA GLU A 66 3.34 -1.31 -16.57
C GLU A 66 1.97 -1.87 -16.98
N CYS A 67 1.26 -2.46 -16.03
CA CYS A 67 -0.05 -3.03 -16.30
C CYS A 67 -1.13 -1.96 -16.22
N ASN A 68 -2.36 -2.36 -16.50
CA ASN A 68 -3.49 -1.44 -16.46
C ASN A 68 -3.83 -1.04 -15.03
N ASN A 69 -3.92 -2.03 -14.15
CA ASN A 69 -4.25 -1.77 -12.74
C ASN A 69 -3.26 -0.78 -12.12
N LYS A 70 -2.29 -1.30 -11.35
CA LYS A 70 -1.31 -0.44 -10.70
C LYS A 70 -0.04 -1.23 -10.38
N LEU A 71 0.78 -0.72 -9.47
CA LEU A 71 2.02 -1.40 -9.09
C LEU A 71 1.86 -2.10 -7.74
N LEU A 72 1.49 -3.38 -7.78
CA LEU A 72 1.31 -4.16 -6.56
C LEU A 72 1.10 -5.63 -6.91
N LYS A 73 2.09 -6.24 -7.55
CA LYS A 73 2.02 -7.64 -7.96
C LYS A 73 2.50 -8.58 -6.86
N GLU A 74 2.57 -9.86 -7.20
CA GLU A 74 3.00 -10.91 -6.27
C GLU A 74 4.20 -10.46 -5.45
N ASN A 75 5.05 -9.64 -6.05
CA ASN A 75 6.23 -9.14 -5.36
C ASN A 75 5.83 -8.10 -4.32
N ALA A 76 4.92 -7.22 -4.72
CA ALA A 76 4.40 -6.16 -3.89
C ALA A 76 4.31 -6.53 -2.41
N VAL A 77 4.66 -5.56 -1.57
CA VAL A 77 4.64 -5.74 -0.13
C VAL A 77 4.92 -4.40 0.57
N PRO A 78 4.22 -4.10 1.68
CA PRO A 78 4.41 -2.85 2.42
C PRO A 78 5.55 -2.92 3.43
N THR A 79 6.61 -3.67 3.08
CA THR A 79 7.80 -3.87 3.93
C THR A 79 7.80 -3.06 5.22
N ILE A 80 7.65 -1.74 5.12
CA ILE A 80 7.67 -0.87 6.28
C ILE A 80 6.90 -1.45 7.48
N PHE A 81 5.75 -2.09 7.22
CA PHE A 81 4.96 -2.67 8.29
C PHE A 81 5.09 -4.19 8.33
N LEU A 82 6.09 -4.71 7.62
CA LEU A 82 6.35 -6.14 7.57
C LEU A 82 7.31 -6.55 8.69
N GLU A 83 7.48 -7.86 8.89
CA GLU A 83 8.36 -8.36 9.94
C GLU A 83 9.73 -7.67 9.87
N LEU A 84 10.12 -7.26 8.66
CA LEU A 84 11.40 -6.59 8.46
C LEU A 84 11.19 -5.17 7.94
N VAL A 85 12.11 -4.28 8.27
CA VAL A 85 12.03 -2.89 7.84
C VAL A 85 13.41 -2.26 7.66
N PRO A 86 13.58 -1.39 6.66
CA PRO A 86 14.86 -0.72 6.39
C PRO A 86 15.34 0.12 7.57
N ARG A 87 16.25 1.03 7.30
CA ARG A 87 16.80 1.89 8.36
C ARG A 87 16.12 3.25 8.35
ZN ZN B . 0.44 5.66 3.54
N MET A 1 -2.02 17.17 1.24
CA MET A 1 -2.79 15.90 1.28
C MET A 1 -4.05 15.99 0.44
N VAL A 2 -4.05 15.31 -0.70
CA VAL A 2 -5.21 15.32 -1.60
C VAL A 2 -5.83 13.92 -1.72
N GLN A 3 -5.50 13.04 -0.77
CA GLN A 3 -6.02 11.68 -0.77
C GLN A 3 -5.47 10.94 0.44
N SER A 4 -6.32 10.13 1.05
CA SER A 4 -5.92 9.37 2.23
C SER A 4 -5.42 7.98 1.89
N CYS A 5 -4.84 7.34 2.89
CA CYS A 5 -4.28 6.00 2.78
C CYS A 5 -4.73 5.16 3.99
N SER A 6 -4.44 3.86 3.97
CA SER A 6 -4.86 3.00 5.07
C SER A 6 -4.05 3.28 6.33
N ALA A 7 -2.74 3.38 6.14
CA ALA A 7 -1.82 3.66 7.25
C ALA A 7 -2.39 4.73 8.19
N TYR A 8 -2.42 4.41 9.48
CA TYR A 8 -2.94 5.32 10.49
C TYR A 8 -2.17 6.64 10.51
N GLY A 9 -2.90 7.75 10.44
CA GLY A 9 -2.27 9.07 10.47
C GLY A 9 -1.06 9.15 9.57
N CYS A 10 -1.23 8.76 8.32
CA CYS A 10 -0.17 8.79 7.35
C CYS A 10 0.10 10.21 6.86
N LYS A 11 1.28 10.43 6.29
CA LYS A 11 1.66 11.75 5.79
C LYS A 11 1.60 11.83 4.26
N ASN A 12 0.90 10.87 3.67
CA ASN A 12 0.76 10.82 2.22
C ASN A 12 0.15 12.10 1.65
N ARG A 13 0.30 12.28 0.35
CA ARG A 13 -0.25 13.45 -0.33
C ARG A 13 -0.27 13.27 -1.85
N TYR A 14 -1.47 13.20 -2.42
CA TYR A 14 -1.62 13.02 -3.86
C TYR A 14 -1.34 14.31 -4.60
N ASP A 15 -0.05 14.60 -4.81
CA ASP A 15 0.36 15.80 -5.51
C ASP A 15 1.19 15.47 -6.74
N LYS A 16 1.19 16.37 -7.72
CA LYS A 16 1.95 16.16 -8.95
C LYS A 16 3.45 16.17 -8.65
N ASP A 17 3.83 16.88 -7.60
CA ASP A 17 5.22 16.99 -7.20
C ASP A 17 5.65 15.74 -6.44
N LYS A 18 4.86 15.37 -5.44
CA LYS A 18 5.12 14.21 -4.62
C LYS A 18 4.68 12.93 -5.34
N PRO A 19 5.64 12.13 -5.87
CA PRO A 19 5.33 10.90 -6.61
C PRO A 19 4.79 9.77 -5.74
N VAL A 20 4.07 10.13 -4.70
CA VAL A 20 3.50 9.16 -3.79
C VAL A 20 2.23 8.53 -4.39
N SER A 21 2.42 7.51 -5.24
CA SER A 21 1.30 6.84 -5.87
C SER A 21 0.43 6.13 -4.84
N PHE A 22 -0.79 5.79 -5.23
CA PHE A 22 -1.73 5.11 -4.35
C PHE A 22 -2.22 3.82 -5.00
N HIS A 23 -2.58 2.84 -4.17
CA HIS A 23 -3.04 1.55 -4.68
C HIS A 23 -4.15 0.97 -3.80
N LYS A 24 -5.31 0.73 -4.39
CA LYS A 24 -6.45 0.17 -3.66
C LYS A 24 -6.18 -1.28 -3.26
N PHE A 25 -6.96 -1.82 -2.31
CA PHE A 25 -6.76 -3.20 -1.89
C PHE A 25 -7.08 -4.14 -3.04
N PRO A 26 -6.06 -4.86 -3.52
CA PRO A 26 -6.20 -5.77 -4.67
C PRO A 26 -6.62 -7.18 -4.27
N LEU A 27 -7.20 -7.90 -5.24
CA LEU A 27 -7.65 -9.26 -5.01
C LEU A 27 -6.80 -10.27 -5.78
N THR A 28 -6.02 -9.79 -6.74
CA THR A 28 -5.16 -10.67 -7.53
C THR A 28 -4.12 -11.30 -6.64
N ARG A 29 -3.69 -10.55 -5.63
CA ARG A 29 -2.71 -11.00 -4.67
C ARG A 29 -3.41 -11.32 -3.35
N PRO A 30 -3.72 -12.60 -3.08
CA PRO A 30 -4.44 -13.04 -1.88
C PRO A 30 -3.56 -13.47 -0.70
N SER A 31 -2.90 -14.62 -0.80
CA SER A 31 -2.05 -15.10 0.30
C SER A 31 -1.10 -14.00 0.72
N LEU A 32 -0.39 -13.49 -0.26
CA LEU A 32 0.53 -12.39 -0.05
C LEU A 32 -0.25 -11.21 0.54
N CYS A 33 -1.50 -11.07 0.09
CA CYS A 33 -2.39 -10.00 0.54
C CYS A 33 -2.44 -9.94 2.05
N LYS A 34 -2.30 -11.09 2.69
CA LYS A 34 -2.32 -11.14 4.15
C LYS A 34 -1.31 -10.11 4.66
N GLU A 35 -0.21 -10.01 3.93
CA GLU A 35 0.83 -9.08 4.25
C GLU A 35 0.28 -7.66 4.28
N TRP A 36 -0.58 -7.39 3.31
CA TRP A 36 -1.22 -6.09 3.21
C TRP A 36 -1.98 -5.78 4.47
N GLU A 37 -2.51 -6.82 5.11
CA GLU A 37 -3.23 -6.61 6.36
C GLU A 37 -2.35 -5.84 7.32
N ALA A 38 -1.08 -6.18 7.33
CA ALA A 38 -0.12 -5.50 8.18
C ALA A 38 -0.04 -4.05 7.78
N ALA A 39 -0.14 -3.81 6.49
CA ALA A 39 -0.11 -2.47 5.94
C ALA A 39 -1.14 -1.59 6.65
N VAL A 40 -2.18 -2.22 7.17
CA VAL A 40 -3.23 -1.51 7.87
C VAL A 40 -3.02 -1.55 9.38
N ARG A 41 -3.09 -2.74 9.96
CA ARG A 41 -2.90 -2.90 11.39
C ARG A 41 -3.99 -2.16 12.18
N ARG A 42 -5.13 -1.92 11.54
CA ARG A 42 -6.24 -1.23 12.20
C ARG A 42 -7.20 -2.23 12.84
N LYS A 43 -8.37 -1.76 13.23
CA LYS A 43 -9.37 -2.62 13.86
C LYS A 43 -9.95 -3.62 12.86
N ASN A 44 -10.33 -3.12 11.68
CA ASN A 44 -10.89 -3.97 10.64
C ASN A 44 -10.93 -3.24 9.30
N PHE A 45 -9.74 -3.04 8.70
CA PHE A 45 -9.59 -2.35 7.41
C PHE A 45 -10.88 -2.38 6.57
N LYS A 46 -11.78 -1.44 6.85
CA LYS A 46 -13.04 -1.35 6.11
C LYS A 46 -12.78 -1.00 4.65
N PRO A 47 -12.97 -1.97 3.72
CA PRO A 47 -12.73 -1.77 2.28
C PRO A 47 -13.50 -0.62 1.65
N THR A 48 -14.32 0.07 2.45
CA THR A 48 -15.10 1.18 1.94
C THR A 48 -14.19 2.28 1.41
N LYS A 49 -13.29 2.75 2.27
CA LYS A 49 -12.35 3.79 1.92
C LYS A 49 -10.93 3.40 2.32
N TYR A 50 -10.82 2.47 3.28
CA TYR A 50 -9.53 2.02 3.75
C TYR A 50 -8.88 1.05 2.78
N SER A 51 -9.70 0.39 1.95
CA SER A 51 -9.17 -0.57 0.97
C SER A 51 -8.19 0.08 -0.01
N SER A 52 -7.04 0.51 0.50
CA SER A 52 -6.02 1.14 -0.33
C SER A 52 -4.77 1.43 0.48
N ILE A 53 -3.65 1.51 -0.20
CA ILE A 53 -2.38 1.75 0.44
C ILE A 53 -1.60 2.80 -0.34
N CYS A 54 -0.67 3.49 0.32
CA CYS A 54 0.11 4.50 -0.36
C CYS A 54 1.56 4.03 -0.52
N SER A 55 2.29 4.59 -1.50
CA SER A 55 3.66 4.17 -1.79
C SER A 55 4.61 4.30 -0.59
N GLU A 56 4.44 5.33 0.21
CA GLU A 56 5.28 5.59 1.36
C GLU A 56 5.68 4.32 2.13
N HIS A 57 4.86 3.28 2.07
CA HIS A 57 5.14 2.04 2.79
C HIS A 57 5.72 0.96 1.88
N PHE A 58 5.45 1.07 0.59
CA PHE A 58 5.94 0.09 -0.37
C PHE A 58 7.41 0.36 -0.73
N THR A 59 8.08 -0.65 -1.29
CA THR A 59 9.47 -0.51 -1.69
C THR A 59 9.58 0.12 -3.08
N PRO A 60 10.58 0.98 -3.29
CA PRO A 60 10.81 1.66 -4.57
C PRO A 60 10.87 0.67 -5.73
N ASP A 61 11.50 -0.47 -5.49
CA ASP A 61 11.65 -1.50 -6.52
C ASP A 61 10.32 -2.20 -6.83
N CYS A 62 9.34 -2.05 -5.94
CA CYS A 62 8.04 -2.68 -6.13
C CYS A 62 7.27 -2.07 -7.31
N PHE A 63 7.81 -0.99 -7.88
CA PHE A 63 7.14 -0.34 -9.00
C PHE A 63 7.71 -0.82 -10.33
N LYS A 64 7.90 -2.13 -10.43
CA LYS A 64 8.43 -2.75 -11.64
C LYS A 64 7.30 -3.23 -12.55
N ARG A 65 6.10 -3.30 -11.97
CA ARG A 65 4.90 -3.74 -12.69
C ARG A 65 4.81 -3.15 -14.09
N GLU A 66 3.84 -3.62 -14.87
CA GLU A 66 3.63 -3.14 -16.23
C GLU A 66 2.27 -2.44 -16.36
N CYS A 67 1.69 -2.05 -15.23
CA CYS A 67 0.39 -1.38 -15.23
C CYS A 67 0.56 0.13 -15.03
N ASN A 68 -0.53 0.89 -15.20
CA ASN A 68 -0.49 2.33 -15.04
C ASN A 68 -0.81 2.75 -13.61
N ASN A 69 -2.07 2.55 -13.20
CA ASN A 69 -2.50 2.92 -11.86
C ASN A 69 -2.25 1.81 -10.87
N LYS A 70 -2.66 0.59 -11.21
CA LYS A 70 -2.48 -0.56 -10.34
C LYS A 70 -1.02 -1.00 -10.34
N LEU A 71 -0.39 -0.99 -9.16
CA LEU A 71 1.01 -1.37 -9.04
C LEU A 71 1.29 -2.11 -7.73
N LEU A 72 1.40 -3.43 -7.81
CA LEU A 72 1.67 -4.25 -6.64
C LEU A 72 1.96 -5.69 -7.05
N LYS A 73 2.89 -5.86 -7.97
CA LYS A 73 3.27 -7.18 -8.47
C LYS A 73 3.48 -8.17 -7.33
N GLU A 74 3.68 -9.44 -7.68
CA GLU A 74 3.89 -10.49 -6.68
C GLU A 74 4.91 -10.07 -5.63
N ASN A 75 5.82 -9.21 -6.03
CA ASN A 75 6.86 -8.72 -5.11
C ASN A 75 6.26 -7.76 -4.10
N ALA A 76 5.38 -6.90 -4.58
CA ALA A 76 4.71 -5.90 -3.77
C ALA A 76 4.52 -6.32 -2.33
N VAL A 77 4.79 -5.38 -1.43
CA VAL A 77 4.67 -5.60 0.00
C VAL A 77 4.87 -4.28 0.74
N PRO A 78 4.08 -4.01 1.80
CA PRO A 78 4.18 -2.79 2.58
C PRO A 78 5.21 -2.88 3.71
N THR A 79 6.29 -3.62 3.44
CA THR A 79 7.39 -3.84 4.40
C THR A 79 7.25 -3.07 5.72
N ILE A 80 7.11 -1.75 5.65
CA ILE A 80 7.00 -0.92 6.84
C ILE A 80 6.12 -1.55 7.93
N PHE A 81 5.05 -2.24 7.51
CA PHE A 81 4.15 -2.89 8.45
C PHE A 81 4.32 -4.40 8.42
N LEU A 82 5.05 -4.90 7.41
CA LEU A 82 5.30 -6.32 7.26
C LEU A 82 5.80 -6.92 8.58
N GLU A 83 5.84 -8.26 8.65
CA GLU A 83 6.30 -8.95 9.86
C GLU A 83 7.62 -8.37 10.36
N LEU A 84 8.43 -7.86 9.44
CA LEU A 84 9.73 -7.28 9.79
C LEU A 84 9.61 -6.37 11.01
N VAL A 85 8.85 -5.29 10.87
CA VAL A 85 8.64 -4.34 11.96
C VAL A 85 7.28 -3.67 11.87
N PRO A 86 6.28 -4.19 12.60
CA PRO A 86 4.92 -3.65 12.60
C PRO A 86 4.88 -2.17 13.02
N ARG A 87 5.63 -1.84 14.07
CA ARG A 87 5.68 -0.48 14.57
C ARG A 87 6.70 -0.34 15.69
ZN ZN B . 0.46 5.69 3.75
N MET A 1 -2.53 14.94 1.99
CA MET A 1 -3.29 16.21 1.90
C MET A 1 -4.20 16.21 0.67
N VAL A 2 -3.78 15.50 -0.37
CA VAL A 2 -4.55 15.43 -1.61
C VAL A 2 -5.02 13.99 -1.87
N GLN A 3 -5.00 13.16 -0.83
CA GLN A 3 -5.43 11.78 -0.94
C GLN A 3 -5.14 11.05 0.37
N SER A 4 -6.01 10.15 0.74
CA SER A 4 -5.83 9.39 1.98
C SER A 4 -5.31 7.98 1.70
N CYS A 5 -4.92 7.32 2.78
CA CYS A 5 -4.38 5.97 2.73
C CYS A 5 -4.86 5.18 3.95
N SER A 6 -4.61 3.88 3.99
CA SER A 6 -5.05 3.06 5.11
C SER A 6 -4.18 3.26 6.34
N ALA A 7 -2.87 3.28 6.13
CA ALA A 7 -1.91 3.46 7.21
C ALA A 7 -2.40 4.46 8.26
N TYR A 8 -2.46 4.00 9.50
CA TYR A 8 -2.92 4.84 10.62
C TYR A 8 -2.12 6.14 10.72
N GLY A 9 -2.82 7.26 10.77
CA GLY A 9 -2.18 8.56 10.88
C GLY A 9 -1.03 8.72 9.91
N CYS A 10 -1.27 8.37 8.66
CA CYS A 10 -0.25 8.48 7.62
C CYS A 10 -0.04 9.94 7.22
N LYS A 11 1.13 10.22 6.63
CA LYS A 11 1.47 11.57 6.22
C LYS A 11 1.55 11.70 4.69
N ASN A 12 0.87 10.79 4.00
CA ASN A 12 0.86 10.78 2.55
C ASN A 12 0.39 12.11 1.96
N ARG A 13 0.61 12.28 0.67
CA ARG A 13 0.17 13.49 -0.02
C ARG A 13 0.37 13.39 -1.54
N TYR A 14 -0.75 13.35 -2.27
CA TYR A 14 -0.71 13.28 -3.72
C TYR A 14 -0.28 14.62 -4.29
N ASP A 15 1.02 14.84 -4.37
CA ASP A 15 1.55 16.10 -4.88
C ASP A 15 2.23 15.91 -6.23
N LYS A 16 2.26 16.96 -7.04
CA LYS A 16 2.89 16.90 -8.35
C LYS A 16 4.38 16.59 -8.23
N ASP A 17 4.95 16.97 -7.09
CA ASP A 17 6.36 16.74 -6.82
C ASP A 17 6.57 15.34 -6.27
N LYS A 18 5.87 15.03 -5.18
CA LYS A 18 5.95 13.74 -4.53
C LYS A 18 5.28 12.66 -5.38
N PRO A 19 6.06 11.74 -5.98
CA PRO A 19 5.53 10.66 -6.82
C PRO A 19 4.83 9.56 -6.03
N VAL A 20 4.19 9.96 -4.96
CA VAL A 20 3.47 9.03 -4.09
C VAL A 20 2.14 8.61 -4.70
N SER A 21 2.06 7.34 -5.12
CA SER A 21 0.84 6.82 -5.71
C SER A 21 0.03 6.05 -4.67
N PHE A 22 -1.24 5.81 -4.97
CA PHE A 22 -2.11 5.09 -4.06
C PHE A 22 -2.68 3.85 -4.73
N HIS A 23 -2.87 2.80 -3.95
CA HIS A 23 -3.37 1.53 -4.46
C HIS A 23 -4.47 0.95 -3.58
N LYS A 24 -5.61 0.61 -4.19
CA LYS A 24 -6.73 0.02 -3.45
C LYS A 24 -6.40 -1.42 -3.06
N PHE A 25 -7.11 -1.94 -2.05
CA PHE A 25 -6.87 -3.31 -1.62
C PHE A 25 -7.18 -4.29 -2.74
N PRO A 26 -6.21 -5.17 -3.06
CA PRO A 26 -6.33 -6.13 -4.15
C PRO A 26 -6.89 -7.48 -3.71
N LEU A 27 -7.48 -8.20 -4.64
CA LEU A 27 -8.06 -9.51 -4.36
C LEU A 27 -7.26 -10.62 -5.04
N THR A 28 -6.51 -10.27 -6.09
CA THR A 28 -5.69 -11.23 -6.81
C THR A 28 -4.58 -11.76 -5.91
N ARG A 29 -4.14 -10.91 -4.99
CA ARG A 29 -3.08 -11.24 -4.05
C ARG A 29 -3.69 -11.46 -2.66
N PRO A 30 -3.99 -12.72 -2.28
CA PRO A 30 -4.62 -13.06 -1.00
C PRO A 30 -3.65 -13.41 0.14
N SER A 31 -3.00 -14.57 0.07
CA SER A 31 -2.07 -14.97 1.14
C SER A 31 -1.10 -13.85 1.42
N LEU A 32 -0.48 -13.39 0.36
CA LEU A 32 0.44 -12.28 0.43
C LEU A 32 -0.29 -11.07 1.01
N CYS A 33 -1.57 -10.96 0.65
CA CYS A 33 -2.43 -9.87 1.10
C CYS A 33 -2.42 -9.73 2.61
N LYS A 34 -2.21 -10.84 3.30
CA LYS A 34 -2.15 -10.81 4.75
C LYS A 34 -1.15 -9.75 5.15
N GLU A 35 -0.09 -9.65 4.37
CA GLU A 35 0.95 -8.68 4.57
C GLU A 35 0.36 -7.29 4.57
N TRP A 36 -0.56 -7.08 3.65
CA TRP A 36 -1.23 -5.79 3.54
C TRP A 36 -1.93 -5.45 4.83
N GLU A 37 -2.42 -6.47 5.53
CA GLU A 37 -3.05 -6.25 6.82
C GLU A 37 -2.07 -5.55 7.75
N ALA A 38 -0.81 -5.93 7.62
CA ALA A 38 0.25 -5.34 8.42
C ALA A 38 0.36 -3.86 8.12
N ALA A 39 0.08 -3.51 6.87
CA ALA A 39 0.11 -2.13 6.43
C ALA A 39 -0.74 -1.27 7.36
N VAL A 40 -1.74 -1.90 7.97
CA VAL A 40 -2.63 -1.22 8.89
C VAL A 40 -2.18 -1.45 10.34
N ARG A 41 -2.30 -2.69 10.80
CA ARG A 41 -1.88 -3.05 12.15
C ARG A 41 -2.72 -2.38 13.24
N ARG A 42 -3.66 -1.51 12.86
CA ARG A 42 -4.48 -0.82 13.84
C ARG A 42 -5.94 -1.31 13.80
N LYS A 43 -6.75 -0.70 12.94
CA LYS A 43 -8.14 -1.09 12.81
C LYS A 43 -8.34 -2.14 11.73
N ASN A 44 -9.50 -2.80 11.75
CA ASN A 44 -9.80 -3.83 10.77
C ASN A 44 -10.02 -3.21 9.39
N PHE A 45 -8.92 -2.71 8.80
CA PHE A 45 -8.94 -2.07 7.47
C PHE A 45 -10.30 -2.14 6.76
N LYS A 46 -11.23 -1.29 7.18
CA LYS A 46 -12.56 -1.25 6.58
C LYS A 46 -12.45 -0.94 5.08
N PRO A 47 -12.64 -1.94 4.21
CA PRO A 47 -12.52 -1.77 2.75
C PRO A 47 -13.50 -0.77 2.14
N THR A 48 -14.35 -0.18 2.97
CA THR A 48 -15.33 0.79 2.49
C THR A 48 -14.63 1.98 1.83
N LYS A 49 -13.72 2.60 2.56
CA LYS A 49 -12.98 3.75 2.06
C LYS A 49 -11.48 3.57 2.33
N TYR A 50 -11.14 2.74 3.32
CA TYR A 50 -9.76 2.50 3.66
C TYR A 50 -9.10 1.47 2.75
N SER A 51 -9.91 0.67 2.03
CA SER A 51 -9.38 -0.35 1.12
C SER A 51 -8.36 0.25 0.14
N SER A 52 -7.20 0.63 0.66
CA SER A 52 -6.14 1.22 -0.17
C SER A 52 -4.88 1.47 0.65
N ILE A 53 -3.74 1.50 -0.01
CA ILE A 53 -2.46 1.73 0.63
C ILE A 53 -1.69 2.75 -0.17
N CYS A 54 -0.76 3.46 0.46
CA CYS A 54 0.02 4.45 -0.24
C CYS A 54 1.47 3.98 -0.41
N SER A 55 2.17 4.52 -1.42
CA SER A 55 3.54 4.10 -1.72
C SER A 55 4.50 4.21 -0.53
N GLU A 56 4.33 5.25 0.29
CA GLU A 56 5.19 5.49 1.43
C GLU A 56 5.56 4.23 2.21
N HIS A 57 4.71 3.21 2.15
CA HIS A 57 4.98 1.97 2.88
C HIS A 57 5.54 0.88 1.97
N PHE A 58 5.35 1.04 0.68
CA PHE A 58 5.85 0.08 -0.29
C PHE A 58 7.29 0.37 -0.66
N THR A 59 8.00 -0.63 -1.20
CA THR A 59 9.39 -0.46 -1.61
C THR A 59 9.47 0.21 -2.97
N PRO A 60 10.46 1.10 -3.16
CA PRO A 60 10.68 1.82 -4.42
C PRO A 60 10.78 0.88 -5.61
N ASP A 61 11.46 -0.24 -5.40
CA ASP A 61 11.66 -1.23 -6.46
C ASP A 61 10.34 -1.88 -6.88
N CYS A 62 9.40 -1.94 -5.95
CA CYS A 62 8.10 -2.54 -6.21
C CYS A 62 7.35 -1.78 -7.32
N PHE A 63 7.79 -0.57 -7.64
CA PHE A 63 7.14 0.23 -8.67
C PHE A 63 7.86 0.08 -10.00
N LYS A 64 8.17 -1.16 -10.36
CA LYS A 64 8.87 -1.45 -11.61
C LYS A 64 7.93 -1.33 -12.81
N ARG A 65 6.63 -1.21 -12.55
CA ARG A 65 5.65 -1.10 -13.63
C ARG A 65 5.13 0.33 -13.74
N GLU A 66 5.68 1.08 -14.68
CA GLU A 66 5.27 2.46 -14.89
C GLU A 66 4.10 2.54 -15.86
N CYS A 67 3.03 1.81 -15.55
CA CYS A 67 1.84 1.78 -16.40
C CYS A 67 0.58 1.85 -15.54
N ASN A 68 -0.57 2.12 -16.17
CA ASN A 68 -1.83 2.21 -15.45
C ASN A 68 -2.43 0.83 -15.22
N ASN A 69 -2.13 -0.11 -16.11
CA ASN A 69 -2.65 -1.46 -15.99
C ASN A 69 -1.66 -2.39 -15.30
N LYS A 70 -0.71 -1.80 -14.57
CA LYS A 70 0.30 -2.58 -13.86
C LYS A 70 0.69 -1.89 -12.56
N LEU A 71 0.30 -2.49 -11.44
CA LEU A 71 0.60 -1.93 -10.11
C LEU A 71 0.89 -3.06 -9.12
N LEU A 72 1.09 -2.71 -7.84
CA LEU A 72 1.40 -3.68 -6.77
C LEU A 72 1.23 -5.13 -7.22
N LYS A 73 2.24 -5.64 -7.91
CA LYS A 73 2.23 -7.01 -8.41
C LYS A 73 2.51 -8.00 -7.29
N GLU A 74 2.56 -9.27 -7.66
CA GLU A 74 2.82 -10.36 -6.72
C GLU A 74 3.97 -10.01 -5.77
N ASN A 75 4.88 -9.18 -6.26
CA ASN A 75 6.03 -8.76 -5.45
C ASN A 75 5.59 -7.80 -4.36
N ALA A 76 4.71 -6.89 -4.73
CA ALA A 76 4.17 -5.86 -3.85
C ALA A 76 4.11 -6.31 -2.39
N VAL A 77 4.44 -5.37 -1.51
CA VAL A 77 4.46 -5.62 -0.07
C VAL A 77 4.71 -4.31 0.68
N PRO A 78 3.99 -4.06 1.79
CA PRO A 78 4.15 -2.84 2.60
C PRO A 78 5.24 -2.96 3.66
N THR A 79 6.29 -3.70 3.33
CA THR A 79 7.45 -3.95 4.22
C THR A 79 7.44 -3.14 5.52
N ILE A 80 7.34 -1.81 5.41
CA ILE A 80 7.36 -0.94 6.57
C ILE A 80 6.56 -1.48 7.76
N PHE A 81 5.51 -2.25 7.49
CA PHE A 81 4.68 -2.81 8.55
C PHE A 81 4.79 -4.34 8.60
N LEU A 82 5.48 -4.92 7.62
CA LEU A 82 5.64 -6.37 7.58
C LEU A 82 6.28 -6.88 8.87
N GLU A 83 5.61 -7.82 9.52
CA GLU A 83 6.11 -8.39 10.77
C GLU A 83 7.44 -9.11 10.55
N LEU A 84 7.50 -9.94 9.52
CA LEU A 84 8.72 -10.68 9.20
C LEU A 84 8.76 -11.07 7.72
N VAL A 85 9.89 -11.61 7.29
CA VAL A 85 10.06 -12.01 5.90
C VAL A 85 10.25 -13.53 5.79
N PRO A 86 9.21 -14.26 5.35
CA PRO A 86 9.25 -15.72 5.21
C PRO A 86 10.34 -16.17 4.23
N ARG A 87 10.11 -17.32 3.58
CA ARG A 87 11.08 -17.86 2.63
C ARG A 87 12.32 -18.36 3.34
ZN ZN B . 0.32 5.66 3.83
N MET A 1 -3.15 14.68 2.40
CA MET A 1 -3.69 16.04 2.14
C MET A 1 -4.65 16.04 0.96
N VAL A 2 -4.25 15.38 -0.13
CA VAL A 2 -5.09 15.30 -1.32
C VAL A 2 -5.51 13.86 -1.61
N GLN A 3 -5.39 13.00 -0.61
CA GLN A 3 -5.74 11.59 -0.75
C GLN A 3 -5.37 10.84 0.52
N SER A 4 -6.24 9.94 0.95
CA SER A 4 -5.98 9.15 2.14
C SER A 4 -5.49 7.76 1.78
N CYS A 5 -5.03 7.06 2.80
CA CYS A 5 -4.51 5.71 2.66
C CYS A 5 -4.93 4.88 3.86
N SER A 6 -4.64 3.58 3.85
CA SER A 6 -5.05 2.71 4.96
C SER A 6 -4.24 3.01 6.21
N ALA A 7 -2.93 3.11 6.02
CA ALA A 7 -2.02 3.40 7.12
C ALA A 7 -2.58 4.48 8.04
N TYR A 8 -2.90 4.08 9.28
CA TYR A 8 -3.46 5.01 10.25
C TYR A 8 -2.62 6.27 10.39
N GLY A 9 -3.28 7.42 10.27
CA GLY A 9 -2.58 8.70 10.38
C GLY A 9 -1.35 8.76 9.51
N CYS A 10 -1.52 8.38 8.26
CA CYS A 10 -0.42 8.38 7.30
C CYS A 10 -0.05 9.81 6.90
N LYS A 11 1.16 9.98 6.37
CA LYS A 11 1.65 11.29 5.96
C LYS A 11 1.59 11.46 4.44
N ASN A 12 0.85 10.59 3.78
CA ASN A 12 0.71 10.63 2.34
C ASN A 12 0.06 11.92 1.85
N ARG A 13 0.25 12.21 0.57
CA ARG A 13 -0.35 13.40 -0.03
C ARG A 13 -0.27 13.36 -1.55
N TYR A 14 -1.43 13.25 -2.21
CA TYR A 14 -1.46 13.21 -3.66
C TYR A 14 -1.10 14.58 -4.23
N ASP A 15 0.20 14.86 -4.32
CA ASP A 15 0.67 16.14 -4.83
C ASP A 15 1.57 15.93 -6.05
N LYS A 16 1.67 16.97 -6.89
CA LYS A 16 2.50 16.92 -8.08
C LYS A 16 3.98 16.82 -7.71
N ASP A 17 4.31 17.38 -6.55
CA ASP A 17 5.68 17.37 -6.06
C ASP A 17 6.01 16.02 -5.45
N LYS A 18 5.14 15.56 -4.56
CA LYS A 18 5.31 14.30 -3.88
C LYS A 18 4.79 13.16 -4.76
N PRO A 19 5.70 12.39 -5.40
CA PRO A 19 5.33 11.26 -6.30
C PRO A 19 4.65 10.10 -5.59
N VAL A 20 3.83 10.41 -4.63
CA VAL A 20 3.10 9.38 -3.88
C VAL A 20 1.97 8.79 -4.71
N SER A 21 1.83 7.47 -4.64
CA SER A 21 0.78 6.78 -5.37
C SER A 21 -0.11 6.00 -4.41
N PHE A 22 -1.29 5.62 -4.88
CA PHE A 22 -2.23 4.87 -4.05
C PHE A 22 -2.74 3.64 -4.78
N HIS A 23 -2.92 2.56 -4.03
CA HIS A 23 -3.37 1.29 -4.60
C HIS A 23 -4.45 0.63 -3.74
N LYS A 24 -5.60 0.35 -4.34
CA LYS A 24 -6.70 -0.29 -3.62
C LYS A 24 -6.33 -1.73 -3.28
N PHE A 25 -6.98 -2.30 -2.25
CA PHE A 25 -6.70 -3.68 -1.86
C PHE A 25 -6.93 -4.62 -3.04
N PRO A 26 -5.94 -5.46 -3.36
CA PRO A 26 -5.99 -6.38 -4.49
C PRO A 26 -6.58 -7.75 -4.14
N LEU A 27 -7.08 -8.44 -5.17
CA LEU A 27 -7.67 -9.76 -5.00
C LEU A 27 -6.79 -10.84 -5.63
N THR A 28 -6.03 -10.46 -6.64
CA THR A 28 -5.15 -11.40 -7.34
C THR A 28 -4.07 -11.91 -6.38
N ARG A 29 -3.73 -11.08 -5.41
CA ARG A 29 -2.73 -11.41 -4.42
C ARG A 29 -3.42 -11.67 -3.07
N PRO A 30 -3.72 -12.96 -2.75
CA PRO A 30 -4.41 -13.34 -1.51
C PRO A 30 -3.50 -13.71 -0.34
N SER A 31 -2.83 -14.86 -0.40
CA SER A 31 -1.96 -15.27 0.69
C SER A 31 -1.00 -14.15 1.05
N LEU A 32 -0.34 -13.65 0.04
CA LEU A 32 0.57 -12.54 0.18
C LEU A 32 -0.21 -11.34 0.74
N CYS A 33 -1.48 -11.25 0.31
CA CYS A 33 -2.36 -10.17 0.75
C CYS A 33 -2.38 -10.05 2.27
N LYS A 34 -2.20 -11.17 2.95
CA LYS A 34 -2.18 -11.17 4.40
C LYS A 34 -1.18 -10.14 4.85
N GLU A 35 -0.09 -10.05 4.09
CA GLU A 35 0.96 -9.10 4.34
C GLU A 35 0.39 -7.70 4.36
N TRP A 36 -0.49 -7.46 3.40
CA TRP A 36 -1.14 -6.16 3.28
C TRP A 36 -1.87 -5.82 4.56
N GLU A 37 -2.39 -6.84 5.24
CA GLU A 37 -3.06 -6.61 6.50
C GLU A 37 -2.15 -5.82 7.43
N ALA A 38 -0.89 -6.20 7.41
CA ALA A 38 0.12 -5.52 8.22
C ALA A 38 0.23 -4.08 7.78
N ALA A 39 0.11 -3.88 6.47
CA ALA A 39 0.15 -2.57 5.86
C ALA A 39 -0.81 -1.63 6.55
N VAL A 40 -1.87 -2.21 7.11
CA VAL A 40 -2.89 -1.43 7.78
C VAL A 40 -2.67 -1.36 9.28
N ARG A 41 -2.81 -2.51 9.95
CA ARG A 41 -2.63 -2.60 11.40
C ARG A 41 -3.86 -2.06 12.14
N ARG A 42 -4.70 -1.31 11.42
CA ARG A 42 -5.92 -0.74 12.01
C ARG A 42 -6.84 -1.84 12.54
N LYS A 43 -7.84 -1.45 13.33
CA LYS A 43 -8.79 -2.41 13.89
C LYS A 43 -9.25 -3.43 12.86
N ASN A 44 -9.93 -2.95 11.82
CA ASN A 44 -10.43 -3.83 10.76
C ASN A 44 -10.56 -3.06 9.44
N PHE A 45 -9.42 -2.78 8.80
CA PHE A 45 -9.36 -2.07 7.52
C PHE A 45 -10.70 -2.03 6.78
N LYS A 46 -11.56 -1.08 7.15
CA LYS A 46 -12.87 -0.95 6.52
C LYS A 46 -12.70 -0.68 5.01
N PRO A 47 -12.99 -1.71 4.17
CA PRO A 47 -12.84 -1.61 2.70
C PRO A 47 -13.63 -0.48 2.03
N THR A 48 -14.38 0.28 2.82
CA THR A 48 -15.17 1.38 2.28
C THR A 48 -14.26 2.41 1.60
N LYS A 49 -13.31 2.92 2.37
CA LYS A 49 -12.38 3.91 1.87
C LYS A 49 -10.94 3.51 2.23
N TYR A 50 -10.80 2.67 3.25
CA TYR A 50 -9.49 2.22 3.69
C TYR A 50 -8.92 1.14 2.78
N SER A 51 -9.78 0.44 2.05
CA SER A 51 -9.33 -0.62 1.14
C SER A 51 -8.35 -0.08 0.08
N SER A 52 -7.19 0.36 0.55
CA SER A 52 -6.16 0.89 -0.35
C SER A 52 -4.90 1.22 0.44
N ILE A 53 -3.77 1.22 -0.24
CA ILE A 53 -2.49 1.50 0.40
C ILE A 53 -1.73 2.54 -0.42
N CYS A 54 -0.82 3.26 0.21
CA CYS A 54 -0.07 4.28 -0.49
C CYS A 54 1.40 3.82 -0.65
N SER A 55 2.09 4.34 -1.67
CA SER A 55 3.47 3.93 -1.96
C SER A 55 4.43 4.13 -0.79
N GLU A 56 4.24 5.19 -0.02
CA GLU A 56 5.10 5.52 1.10
C GLU A 56 5.54 4.29 1.89
N HIS A 57 4.74 3.22 1.89
CA HIS A 57 5.07 2.01 2.63
C HIS A 57 5.70 0.96 1.73
N PHE A 58 5.33 0.97 0.46
CA PHE A 58 5.87 0.02 -0.49
C PHE A 58 7.32 0.37 -0.85
N THR A 59 8.05 -0.58 -1.43
CA THR A 59 9.44 -0.34 -1.81
C THR A 59 9.51 0.38 -3.16
N PRO A 60 10.46 1.33 -3.28
CA PRO A 60 10.67 2.11 -4.51
C PRO A 60 10.93 1.21 -5.73
N ASP A 61 11.72 0.17 -5.53
CA ASP A 61 12.09 -0.75 -6.61
C ASP A 61 10.90 -1.58 -7.09
N CYS A 62 9.83 -1.62 -6.30
CA CYS A 62 8.65 -2.39 -6.66
C CYS A 62 7.66 -1.55 -7.46
N PHE A 63 8.15 -0.49 -8.11
CA PHE A 63 7.31 0.37 -8.91
C PHE A 63 7.83 0.46 -10.34
N LYS A 64 8.39 -0.65 -10.82
CA LYS A 64 8.93 -0.70 -12.17
C LYS A 64 7.87 -0.36 -13.21
N ARG A 65 6.62 -0.72 -12.93
CA ARG A 65 5.52 -0.46 -13.85
C ARG A 65 5.08 0.99 -13.76
N GLU A 66 4.86 1.62 -14.92
CA GLU A 66 4.43 3.01 -14.97
C GLU A 66 3.03 3.16 -14.38
N CYS A 67 2.69 4.38 -13.99
CA CYS A 67 1.37 4.65 -13.41
C CYS A 67 0.25 4.41 -14.42
N ASN A 68 -0.03 3.14 -14.74
CA ASN A 68 -1.09 2.82 -15.70
C ASN A 68 -2.42 2.62 -14.98
N ASN A 69 -2.49 1.60 -14.14
CA ASN A 69 -3.72 1.31 -13.41
C ASN A 69 -3.39 0.93 -11.96
N LYS A 70 -2.40 0.07 -11.78
CA LYS A 70 -2.00 -0.37 -10.46
C LYS A 70 -0.59 -0.97 -10.48
N LEU A 71 0.24 -0.53 -9.53
CA LEU A 71 1.62 -1.01 -9.43
C LEU A 71 1.84 -1.73 -8.11
N LEU A 72 1.67 -3.05 -8.11
CA LEU A 72 1.84 -3.86 -6.91
C LEU A 72 1.81 -5.34 -7.28
N LYS A 73 2.70 -5.74 -8.19
CA LYS A 73 2.79 -7.13 -8.63
C LYS A 73 2.96 -8.09 -7.46
N GLU A 74 3.02 -9.38 -7.79
CA GLU A 74 3.18 -10.42 -6.78
C GLU A 74 4.29 -10.09 -5.79
N ASN A 75 5.26 -9.32 -6.25
CA ASN A 75 6.38 -8.91 -5.41
C ASN A 75 5.91 -7.94 -4.33
N ALA A 76 5.02 -7.05 -4.74
CA ALA A 76 4.46 -6.02 -3.87
C ALA A 76 4.37 -6.45 -2.42
N VAL A 77 4.65 -5.49 -1.53
CA VAL A 77 4.62 -5.71 -0.10
C VAL A 77 4.84 -4.36 0.62
N PRO A 78 4.10 -4.11 1.72
CA PRO A 78 4.21 -2.88 2.48
C PRO A 78 5.27 -2.94 3.58
N THR A 79 6.36 -3.68 3.29
CA THR A 79 7.50 -3.87 4.20
C THR A 79 7.42 -3.04 5.49
N ILE A 80 7.24 -1.72 5.36
CA ILE A 80 7.20 -0.84 6.51
C ILE A 80 6.43 -1.43 7.70
N PHE A 81 5.27 -2.03 7.42
CA PHE A 81 4.47 -2.63 8.47
C PHE A 81 4.82 -4.10 8.65
N LEU A 82 5.26 -4.74 7.57
CA LEU A 82 5.64 -6.15 7.60
C LEU A 82 7.09 -6.31 8.04
N GLU A 83 7.36 -5.95 9.29
CA GLU A 83 8.71 -6.05 9.85
C GLU A 83 9.14 -7.51 9.96
N LEU A 84 8.18 -8.40 10.17
CA LEU A 84 8.46 -9.82 10.29
C LEU A 84 9.12 -10.36 9.04
N VAL A 85 10.12 -11.22 9.21
CA VAL A 85 10.84 -11.80 8.09
C VAL A 85 11.24 -13.25 8.38
N PRO A 86 11.49 -14.05 7.34
CA PRO A 86 11.89 -15.45 7.47
C PRO A 86 13.17 -15.62 8.27
N ARG A 87 13.33 -16.77 8.91
CA ARG A 87 14.52 -17.06 9.71
C ARG A 87 15.07 -18.44 9.39
ZN ZN B . 0.24 5.47 3.59
N MET A 1 -1.58 17.08 1.73
CA MET A 1 -2.53 15.97 1.96
C MET A 1 -3.81 16.15 1.13
N VAL A 2 -3.84 15.53 -0.05
CA VAL A 2 -4.99 15.62 -0.94
C VAL A 2 -5.64 14.25 -1.13
N GLN A 3 -5.34 13.31 -0.23
CA GLN A 3 -5.89 11.97 -0.30
C GLN A 3 -5.37 11.14 0.86
N SER A 4 -6.26 10.35 1.46
CA SER A 4 -5.89 9.53 2.60
C SER A 4 -5.41 8.14 2.17
N CYS A 5 -4.86 7.42 3.15
CA CYS A 5 -4.35 6.08 2.95
C CYS A 5 -4.82 5.18 4.11
N SER A 6 -4.59 3.88 4.02
CA SER A 6 -5.03 2.96 5.06
C SER A 6 -4.21 3.16 6.33
N ALA A 7 -2.89 3.23 6.15
CA ALA A 7 -1.98 3.41 7.27
C ALA A 7 -2.49 4.45 8.25
N TYR A 8 -2.85 4.02 9.45
CA TYR A 8 -3.37 4.90 10.48
C TYR A 8 -2.42 6.06 10.75
N GLY A 9 -2.96 7.28 10.76
CA GLY A 9 -2.15 8.46 11.01
C GLY A 9 -0.96 8.55 10.08
N CYS A 10 -1.22 8.41 8.80
CA CYS A 10 -0.19 8.47 7.79
C CYS A 10 0.10 9.92 7.39
N LYS A 11 1.29 10.16 6.82
CA LYS A 11 1.69 11.50 6.41
C LYS A 11 1.66 11.65 4.88
N ASN A 12 0.93 10.75 4.23
CA ASN A 12 0.81 10.76 2.78
C ASN A 12 0.27 12.09 2.26
N ARG A 13 0.34 12.28 0.94
CA ARG A 13 -0.17 13.49 0.32
C ARG A 13 -0.15 13.38 -1.20
N TYR A 14 -1.34 13.42 -1.81
CA TYR A 14 -1.47 13.34 -3.26
C TYR A 14 -1.18 14.69 -3.91
N ASP A 15 0.10 14.99 -4.08
CA ASP A 15 0.51 16.24 -4.70
C ASP A 15 1.24 16.00 -6.02
N LYS A 16 1.18 16.97 -6.93
CA LYS A 16 1.84 16.84 -8.21
C LYS A 16 3.36 16.73 -8.04
N ASP A 17 3.84 17.30 -6.94
CA ASP A 17 5.26 17.28 -6.63
C ASP A 17 5.64 15.96 -5.97
N LYS A 18 4.94 15.64 -4.89
CA LYS A 18 5.18 14.40 -4.14
C LYS A 18 4.73 13.19 -4.96
N PRO A 19 5.68 12.37 -5.45
CA PRO A 19 5.38 11.19 -6.26
C PRO A 19 4.82 10.01 -5.48
N VAL A 20 4.12 10.32 -4.42
CA VAL A 20 3.52 9.30 -3.57
C VAL A 20 2.21 8.75 -4.16
N SER A 21 2.34 7.84 -5.12
CA SER A 21 1.16 7.25 -5.75
C SER A 21 0.36 6.45 -4.74
N PHE A 22 -0.89 6.16 -5.10
CA PHE A 22 -1.78 5.41 -4.22
C PHE A 22 -2.30 4.15 -4.92
N HIS A 23 -2.60 3.12 -4.13
CA HIS A 23 -3.08 1.85 -4.69
C HIS A 23 -4.19 1.23 -3.84
N LYS A 24 -5.30 0.91 -4.48
CA LYS A 24 -6.44 0.30 -3.79
C LYS A 24 -6.13 -1.16 -3.45
N PHE A 25 -6.89 -1.74 -2.51
CA PHE A 25 -6.65 -3.13 -2.15
C PHE A 25 -6.84 -4.04 -3.35
N PRO A 26 -5.92 -5.01 -3.52
CA PRO A 26 -5.92 -5.93 -4.66
C PRO A 26 -6.66 -7.24 -4.40
N LEU A 27 -7.14 -7.86 -5.48
CA LEU A 27 -7.84 -9.12 -5.40
C LEU A 27 -7.00 -10.25 -6.01
N THR A 28 -6.17 -9.90 -6.99
CA THR A 28 -5.31 -10.88 -7.65
C THR A 28 -4.26 -11.41 -6.67
N ARG A 29 -3.88 -10.57 -5.72
CA ARG A 29 -2.89 -10.92 -4.71
C ARG A 29 -3.60 -11.18 -3.38
N PRO A 30 -3.92 -12.46 -3.07
CA PRO A 30 -4.63 -12.84 -1.85
C PRO A 30 -3.74 -13.24 -0.66
N SER A 31 -3.09 -14.40 -0.74
CA SER A 31 -2.23 -14.84 0.36
C SER A 31 -1.27 -13.74 0.73
N LEU A 32 -0.58 -13.24 -0.27
CA LEU A 32 0.35 -12.14 -0.11
C LEU A 32 -0.43 -10.95 0.46
N CYS A 33 -1.68 -10.82 0.03
CA CYS A 33 -2.56 -9.75 0.48
C CYS A 33 -2.61 -9.65 1.99
N LYS A 34 -2.46 -10.79 2.66
CA LYS A 34 -2.47 -10.82 4.11
C LYS A 34 -1.45 -9.80 4.59
N GLU A 35 -0.35 -9.72 3.85
CA GLU A 35 0.71 -8.78 4.14
C GLU A 35 0.17 -7.37 4.18
N TRP A 36 -0.72 -7.10 3.24
CA TRP A 36 -1.35 -5.79 3.14
C TRP A 36 -2.08 -5.48 4.43
N GLU A 37 -2.63 -6.51 5.06
CA GLU A 37 -3.31 -6.31 6.34
C GLU A 37 -2.35 -5.67 7.31
N ALA A 38 -1.10 -6.09 7.23
CA ALA A 38 -0.05 -5.55 8.08
C ALA A 38 0.09 -4.06 7.83
N ALA A 39 -0.09 -3.69 6.57
CA ALA A 39 -0.02 -2.29 6.16
C ALA A 39 -0.89 -1.44 7.05
N VAL A 40 -1.93 -2.07 7.60
CA VAL A 40 -2.86 -1.38 8.47
C VAL A 40 -2.45 -1.52 9.93
N ARG A 41 -2.53 -2.74 10.45
CA ARG A 41 -2.16 -3.02 11.84
C ARG A 41 -3.17 -2.43 12.83
N ARG A 42 -4.05 -1.56 12.34
CA ARG A 42 -5.05 -0.93 13.19
C ARG A 42 -6.37 -1.71 13.12
N LYS A 43 -7.50 -1.01 13.14
CA LYS A 43 -8.81 -1.65 13.07
C LYS A 43 -8.88 -2.62 11.89
N ASN A 44 -10.04 -3.26 11.72
CA ASN A 44 -10.22 -4.20 10.63
C ASN A 44 -10.29 -3.50 9.28
N PHE A 45 -9.16 -2.87 8.90
CA PHE A 45 -9.02 -2.15 7.62
C PHE A 45 -10.31 -2.18 6.78
N LYS A 46 -11.32 -1.42 7.20
CA LYS A 46 -12.59 -1.36 6.50
C LYS A 46 -12.38 -0.97 5.04
N PRO A 47 -12.48 -1.95 4.11
CA PRO A 47 -12.27 -1.72 2.66
C PRO A 47 -13.21 -0.68 2.04
N THR A 48 -14.11 -0.13 2.84
CA THR A 48 -15.06 0.87 2.34
C THR A 48 -14.34 2.08 1.78
N LYS A 49 -13.53 2.72 2.61
CA LYS A 49 -12.77 3.90 2.21
C LYS A 49 -11.28 3.67 2.40
N TYR A 50 -10.93 2.77 3.33
CA TYR A 50 -9.54 2.46 3.63
C TYR A 50 -8.94 1.49 2.60
N SER A 51 -9.80 0.78 1.85
CA SER A 51 -9.34 -0.18 0.85
C SER A 51 -8.31 0.43 -0.11
N SER A 52 -7.15 0.79 0.42
CA SER A 52 -6.08 1.38 -0.39
C SER A 52 -4.84 1.60 0.47
N ILE A 53 -3.69 1.63 -0.17
CA ILE A 53 -2.43 1.84 0.52
C ILE A 53 -1.63 2.90 -0.22
N CYS A 54 -0.72 3.57 0.47
CA CYS A 54 0.09 4.59 -0.18
C CYS A 54 1.54 4.10 -0.33
N SER A 55 2.27 4.66 -1.30
CA SER A 55 3.64 4.23 -1.58
C SER A 55 4.57 4.28 -0.37
N GLU A 56 4.39 5.28 0.49
CA GLU A 56 5.22 5.46 1.66
C GLU A 56 5.56 4.15 2.40
N HIS A 57 4.71 3.14 2.27
CA HIS A 57 4.95 1.86 2.96
C HIS A 57 5.44 0.78 2.01
N PHE A 58 5.42 1.06 0.71
CA PHE A 58 5.86 0.09 -0.28
C PHE A 58 7.35 0.25 -0.59
N THR A 59 7.95 -0.77 -1.19
CA THR A 59 9.37 -0.71 -1.56
C THR A 59 9.52 -0.12 -2.96
N PRO A 60 10.58 0.68 -3.16
CA PRO A 60 10.87 1.31 -4.46
C PRO A 60 10.89 0.29 -5.59
N ASP A 61 11.44 -0.88 -5.31
CA ASP A 61 11.54 -1.94 -6.30
C ASP A 61 10.17 -2.55 -6.64
N CYS A 62 9.20 -2.33 -5.75
CA CYS A 62 7.87 -2.86 -5.96
C CYS A 62 7.09 -2.07 -7.02
N PHE A 63 7.70 -1.02 -7.55
CA PHE A 63 7.06 -0.20 -8.58
C PHE A 63 7.78 -0.34 -9.93
N LYS A 64 8.10 -1.58 -10.28
CA LYS A 64 8.79 -1.85 -11.54
C LYS A 64 7.91 -2.64 -12.50
N ARG A 65 6.60 -2.43 -12.40
CA ARG A 65 5.64 -3.12 -13.27
C ARG A 65 4.87 -2.12 -14.13
N GLU A 66 4.65 -2.48 -15.39
CA GLU A 66 3.93 -1.60 -16.31
C GLU A 66 2.74 -2.34 -16.94
N CYS A 67 1.58 -2.21 -16.30
CA CYS A 67 0.37 -2.87 -16.79
C CYS A 67 -0.84 -1.94 -16.62
N ASN A 68 -1.95 -2.25 -17.30
CA ASN A 68 -3.16 -1.44 -17.21
C ASN A 68 -3.92 -1.71 -15.92
N ASN A 69 -3.84 -2.95 -15.46
CA ASN A 69 -4.53 -3.36 -14.24
C ASN A 69 -4.10 -2.50 -13.05
N LYS A 70 -2.87 -2.71 -12.59
CA LYS A 70 -2.35 -1.96 -11.45
C LYS A 70 -0.89 -2.32 -11.21
N LEU A 71 -0.26 -1.68 -10.23
CA LEU A 71 1.14 -1.94 -9.92
C LEU A 71 1.32 -2.36 -8.46
N LEU A 72 1.30 -3.67 -8.23
CA LEU A 72 1.49 -4.23 -6.91
C LEU A 72 1.60 -5.75 -6.99
N LYS A 73 2.37 -6.22 -7.97
CA LYS A 73 2.59 -7.64 -8.21
C LYS A 73 3.08 -8.36 -6.96
N GLU A 74 3.35 -9.65 -7.12
CA GLU A 74 3.84 -10.50 -6.04
C GLU A 74 4.95 -9.82 -5.24
N ASN A 75 5.70 -8.97 -5.91
CA ASN A 75 6.78 -8.23 -5.27
C ASN A 75 6.22 -7.25 -4.26
N ALA A 76 5.15 -6.59 -4.68
CA ALA A 76 4.47 -5.61 -3.86
C ALA A 76 4.31 -6.07 -2.44
N VAL A 77 4.60 -5.17 -1.50
CA VAL A 77 4.51 -5.46 -0.09
C VAL A 77 4.72 -4.17 0.72
N PRO A 78 3.95 -3.97 1.81
CA PRO A 78 4.09 -2.79 2.67
C PRO A 78 5.13 -2.96 3.76
N THR A 79 6.20 -3.71 3.44
CA THR A 79 7.31 -4.02 4.36
C THR A 79 7.27 -3.24 5.68
N ILE A 80 7.15 -1.92 5.60
CA ILE A 80 7.14 -1.07 6.78
C ILE A 80 6.35 -1.67 7.95
N PHE A 81 5.22 -2.32 7.66
CA PHE A 81 4.40 -2.92 8.69
C PHE A 81 4.60 -4.43 8.74
N LEU A 82 5.05 -5.01 7.63
CA LEU A 82 5.29 -6.45 7.54
C LEU A 82 6.21 -6.91 8.67
N GLU A 83 5.62 -7.40 9.75
CA GLU A 83 6.38 -7.87 10.89
C GLU A 83 6.89 -9.30 10.69
N LEU A 84 5.96 -10.21 10.38
CA LEU A 84 6.32 -11.61 10.17
C LEU A 84 6.40 -11.93 8.68
N VAL A 85 7.49 -12.60 8.28
CA VAL A 85 7.69 -12.98 6.88
C VAL A 85 8.51 -14.26 6.77
N PRO A 86 8.19 -15.12 5.79
CA PRO A 86 8.91 -16.38 5.58
C PRO A 86 10.40 -16.18 5.35
N ARG A 87 10.74 -15.28 4.43
CA ARG A 87 12.14 -14.99 4.12
C ARG A 87 12.26 -13.71 3.29
ZN ZN B . 0.37 5.66 3.97
N MET A 1 -1.29 16.79 1.91
CA MET A 1 -2.47 16.24 2.60
C MET A 1 -3.73 16.40 1.76
N VAL A 2 -3.69 15.90 0.54
CA VAL A 2 -4.83 15.98 -0.37
C VAL A 2 -5.39 14.60 -0.72
N GLN A 3 -5.01 13.60 0.08
CA GLN A 3 -5.45 12.23 -0.14
C GLN A 3 -5.02 11.37 1.04
N SER A 4 -5.91 10.52 1.49
CA SER A 4 -5.62 9.64 2.61
C SER A 4 -5.26 8.25 2.14
N CYS A 5 -4.76 7.46 3.08
CA CYS A 5 -4.34 6.09 2.82
C CYS A 5 -4.79 5.20 4.00
N SER A 6 -4.57 3.89 3.90
CA SER A 6 -4.99 2.99 4.97
C SER A 6 -4.14 3.18 6.21
N ALA A 7 -2.84 3.28 6.01
CA ALA A 7 -1.88 3.46 7.10
C ALA A 7 -2.38 4.48 8.12
N TYR A 8 -2.39 4.09 9.39
CA TYR A 8 -2.85 4.96 10.46
C TYR A 8 -1.92 6.15 10.65
N GLY A 9 -2.49 7.35 10.73
CA GLY A 9 -1.70 8.56 10.92
C GLY A 9 -0.59 8.69 9.91
N CYS A 10 -0.93 8.52 8.64
CA CYS A 10 0.03 8.63 7.57
C CYS A 10 0.25 10.08 7.16
N LYS A 11 1.36 10.35 6.48
CA LYS A 11 1.69 11.70 6.03
C LYS A 11 1.74 11.78 4.51
N ASN A 12 0.96 10.93 3.88
CA ASN A 12 0.88 10.85 2.44
C ASN A 12 0.25 12.11 1.84
N ARG A 13 0.41 12.26 0.52
CA ARG A 13 -0.14 13.40 -0.20
C ARG A 13 -0.21 13.12 -1.70
N TYR A 14 -1.43 13.06 -2.23
CA TYR A 14 -1.63 12.80 -3.66
C TYR A 14 -1.49 14.08 -4.47
N ASP A 15 -0.26 14.44 -4.81
CA ASP A 15 -0.01 15.64 -5.59
C ASP A 15 0.84 15.34 -6.82
N LYS A 16 0.67 16.15 -7.86
CA LYS A 16 1.42 15.97 -9.10
C LYS A 16 2.92 16.05 -8.84
N ASP A 17 3.29 16.79 -7.81
CA ASP A 17 4.68 16.96 -7.44
C ASP A 17 5.15 15.78 -6.61
N LYS A 18 4.43 15.52 -5.53
CA LYS A 18 4.76 14.41 -4.65
C LYS A 18 4.72 13.08 -5.41
N PRO A 19 5.87 12.41 -5.56
CA PRO A 19 5.95 11.13 -6.29
C PRO A 19 5.30 9.96 -5.57
N VAL A 20 4.24 10.26 -4.84
CA VAL A 20 3.50 9.25 -4.10
C VAL A 20 2.21 8.86 -4.81
N SER A 21 2.03 7.55 -5.00
CA SER A 21 0.82 7.05 -5.65
C SER A 21 0.01 6.22 -4.65
N PHE A 22 -1.25 5.97 -4.99
CA PHE A 22 -2.12 5.19 -4.12
C PHE A 22 -2.66 3.96 -4.83
N HIS A 23 -2.86 2.89 -4.06
CA HIS A 23 -3.34 1.64 -4.63
C HIS A 23 -4.43 1.02 -3.76
N LYS A 24 -5.59 0.78 -4.36
CA LYS A 24 -6.72 0.18 -3.64
C LYS A 24 -6.43 -1.28 -3.31
N PHE A 25 -7.08 -1.81 -2.28
CA PHE A 25 -6.87 -3.20 -1.90
C PHE A 25 -7.15 -4.11 -3.09
N PRO A 26 -6.18 -4.97 -3.44
CA PRO A 26 -6.29 -5.87 -4.60
C PRO A 26 -6.94 -7.20 -4.28
N LEU A 27 -7.47 -7.85 -5.33
CA LEU A 27 -8.12 -9.14 -5.20
C LEU A 27 -7.29 -10.23 -5.85
N THR A 28 -6.51 -9.86 -6.86
CA THR A 28 -5.66 -10.82 -7.55
C THR A 28 -4.61 -11.38 -6.61
N ARG A 29 -4.24 -10.56 -5.62
CA ARG A 29 -3.26 -10.94 -4.62
C ARG A 29 -3.97 -11.18 -3.28
N PRO A 30 -4.34 -12.45 -2.99
CA PRO A 30 -5.07 -12.81 -1.77
C PRO A 30 -4.18 -13.27 -0.59
N SER A 31 -3.57 -14.45 -0.69
CA SER A 31 -2.72 -14.93 0.39
C SER A 31 -1.71 -13.86 0.77
N LEU A 32 -1.03 -13.38 -0.25
CA LEU A 32 -0.06 -12.32 -0.09
C LEU A 32 -0.76 -11.11 0.50
N CYS A 33 -2.02 -10.93 0.10
CA CYS A 33 -2.85 -9.82 0.57
C CYS A 33 -2.85 -9.73 2.09
N LYS A 34 -2.73 -10.89 2.74
CA LYS A 34 -2.70 -10.92 4.19
C LYS A 34 -1.62 -9.95 4.67
N GLU A 35 -0.55 -9.90 3.89
CA GLU A 35 0.56 -9.03 4.16
C GLU A 35 0.08 -7.60 4.21
N TRP A 36 -0.82 -7.27 3.29
CA TRP A 36 -1.39 -5.93 3.22
C TRP A 36 -2.08 -5.59 4.52
N GLU A 37 -2.61 -6.60 5.21
CA GLU A 37 -3.25 -6.38 6.49
C GLU A 37 -2.27 -5.73 7.44
N ALA A 38 -1.02 -6.15 7.33
CA ALA A 38 0.05 -5.61 8.16
C ALA A 38 0.18 -4.12 7.91
N ALA A 39 -0.09 -3.72 6.67
CA ALA A 39 -0.04 -2.33 6.28
C ALA A 39 -0.89 -1.48 7.22
N VAL A 40 -1.91 -2.12 7.80
CA VAL A 40 -2.80 -1.45 8.71
C VAL A 40 -2.43 -1.74 10.17
N ARG A 41 -2.59 -2.99 10.58
CA ARG A 41 -2.26 -3.42 11.94
C ARG A 41 -3.23 -2.85 12.98
N ARG A 42 -4.01 -1.83 12.59
CA ARG A 42 -4.95 -1.22 13.52
C ARG A 42 -6.38 -1.70 13.23
N LYS A 43 -7.36 -0.78 13.28
CA LYS A 43 -8.75 -1.12 13.04
C LYS A 43 -8.91 -2.07 11.85
N ASN A 44 -9.99 -2.84 11.85
CA ASN A 44 -10.27 -3.79 10.77
C ASN A 44 -10.42 -3.06 9.43
N PHE A 45 -9.28 -2.72 8.80
CA PHE A 45 -9.24 -2.01 7.52
C PHE A 45 -10.56 -2.13 6.74
N LYS A 46 -11.51 -1.26 7.05
CA LYS A 46 -12.80 -1.25 6.38
C LYS A 46 -12.65 -0.78 4.94
N PRO A 47 -12.91 -1.66 3.95
CA PRO A 47 -12.78 -1.35 2.52
C PRO A 47 -13.54 -0.09 2.07
N THR A 48 -14.24 0.56 2.99
CA THR A 48 -15.01 1.76 2.67
C THR A 48 -14.08 2.86 2.14
N LYS A 49 -13.07 3.21 2.94
CA LYS A 49 -12.11 4.23 2.58
C LYS A 49 -10.69 3.72 2.81
N TYR A 50 -10.56 2.70 3.66
CA TYR A 50 -9.27 2.13 3.99
C TYR A 50 -8.78 1.15 2.91
N SER A 51 -9.70 0.65 2.08
CA SER A 51 -9.31 -0.30 1.02
C SER A 51 -8.34 0.33 0.02
N SER A 52 -7.16 0.72 0.50
CA SER A 52 -6.14 1.31 -0.34
C SER A 52 -4.87 1.57 0.47
N ILE A 53 -3.74 1.59 -0.21
CA ILE A 53 -2.47 1.80 0.45
C ILE A 53 -1.67 2.84 -0.34
N CYS A 54 -0.75 3.54 0.33
CA CYS A 54 0.04 4.55 -0.35
C CYS A 54 1.49 4.06 -0.52
N SER A 55 2.20 4.57 -1.52
CA SER A 55 3.58 4.15 -1.82
C SER A 55 4.51 4.20 -0.61
N GLU A 56 4.38 5.24 0.21
CA GLU A 56 5.22 5.44 1.37
C GLU A 56 5.55 4.15 2.14
N HIS A 57 4.69 3.14 2.06
CA HIS A 57 4.90 1.89 2.78
C HIS A 57 5.45 0.78 1.87
N PHE A 58 5.30 0.95 0.56
CA PHE A 58 5.78 -0.03 -0.38
C PHE A 58 7.26 0.18 -0.69
N THR A 59 7.96 -0.88 -1.09
CA THR A 59 9.38 -0.77 -1.41
C THR A 59 9.56 -0.23 -2.84
N PRO A 60 10.58 0.61 -3.03
CA PRO A 60 10.89 1.22 -4.33
C PRO A 60 11.04 0.16 -5.42
N ASP A 61 11.67 -0.96 -5.07
CA ASP A 61 11.89 -2.04 -6.03
C ASP A 61 10.57 -2.58 -6.58
N CYS A 62 9.52 -2.47 -5.78
CA CYS A 62 8.20 -2.94 -6.18
C CYS A 62 7.47 -1.90 -7.04
N PHE A 63 8.13 -0.77 -7.29
CA PHE A 63 7.55 0.30 -8.10
C PHE A 63 8.27 0.41 -9.45
N LYS A 64 8.51 -0.72 -10.08
CA LYS A 64 9.19 -0.74 -11.37
C LYS A 64 8.49 0.17 -12.38
N ARG A 65 7.16 0.19 -12.34
CA ARG A 65 6.39 1.03 -13.23
C ARG A 65 5.85 2.26 -12.51
N GLU A 66 6.73 2.93 -11.78
CA GLU A 66 6.35 4.12 -11.02
C GLU A 66 5.52 5.08 -11.88
N CYS A 67 4.20 4.99 -11.74
CA CYS A 67 3.29 5.84 -12.50
C CYS A 67 1.86 5.70 -11.99
N ASN A 68 0.92 6.35 -12.67
CA ASN A 68 -0.48 6.28 -12.28
C ASN A 68 -1.02 4.87 -12.42
N ASN A 69 -0.43 4.11 -13.35
CA ASN A 69 -0.85 2.73 -13.58
C ASN A 69 -0.86 1.92 -12.30
N LYS A 70 -1.20 0.64 -12.42
CA LYS A 70 -1.25 -0.26 -11.27
C LYS A 70 0.14 -0.78 -10.92
N LEU A 71 0.53 -0.66 -9.66
CA LEU A 71 1.83 -1.14 -9.21
C LEU A 71 1.71 -1.87 -7.87
N LEU A 72 1.56 -3.19 -7.95
CA LEU A 72 1.44 -4.03 -6.77
C LEU A 72 1.47 -5.51 -7.16
N LYS A 73 2.49 -5.88 -7.94
CA LYS A 73 2.65 -7.25 -8.41
C LYS A 73 2.90 -8.22 -7.26
N GLU A 74 3.05 -9.49 -7.60
CA GLU A 74 3.30 -10.54 -6.61
C GLU A 74 4.38 -10.12 -5.63
N ASN A 75 5.31 -9.31 -6.08
CA ASN A 75 6.38 -8.82 -5.24
C ASN A 75 5.85 -7.84 -4.20
N ALA A 76 4.96 -6.98 -4.67
CA ALA A 76 4.32 -5.96 -3.86
C ALA A 76 4.14 -6.39 -2.40
N VAL A 77 4.45 -5.46 -1.50
CA VAL A 77 4.35 -5.70 -0.08
C VAL A 77 4.61 -4.39 0.69
N PRO A 78 3.83 -4.12 1.76
CA PRO A 78 3.99 -2.91 2.56
C PRO A 78 5.04 -3.05 3.67
N THR A 79 6.09 -3.82 3.36
CA THR A 79 7.20 -4.09 4.29
C THR A 79 7.22 -3.24 5.55
N ILE A 80 7.14 -1.90 5.39
CA ILE A 80 7.18 -1.00 6.52
C ILE A 80 6.41 -1.51 7.74
N PHE A 81 5.33 -2.27 7.50
CA PHE A 81 4.53 -2.81 8.58
C PHE A 81 4.73 -4.32 8.69
N LEU A 82 5.04 -4.95 7.57
CA LEU A 82 5.25 -6.39 7.53
C LEU A 82 6.74 -6.72 7.37
N GLU A 83 7.51 -6.42 8.41
CA GLU A 83 8.95 -6.68 8.40
C GLU A 83 9.24 -8.17 8.50
N LEU A 84 8.35 -8.90 9.17
CA LEU A 84 8.49 -10.34 9.36
C LEU A 84 9.09 -11.03 8.13
N VAL A 85 8.75 -10.52 6.95
CA VAL A 85 9.25 -11.08 5.70
C VAL A 85 10.60 -10.48 5.33
N PRO A 86 11.67 -11.29 5.37
CA PRO A 86 13.04 -10.83 5.04
C PRO A 86 13.14 -10.32 3.60
N ARG A 87 14.35 -10.31 3.07
CA ARG A 87 14.59 -9.84 1.71
C ARG A 87 14.07 -10.84 0.70
ZN ZN B . 0.39 5.76 3.77
N MET A 1 -1.35 17.05 1.34
CA MET A 1 -2.36 16.14 1.96
C MET A 1 -3.72 16.29 1.30
N VAL A 2 -3.86 15.68 0.12
CA VAL A 2 -5.12 15.76 -0.62
C VAL A 2 -5.76 14.37 -0.78
N GLN A 3 -5.32 13.42 0.04
CA GLN A 3 -5.84 12.07 0.01
C GLN A 3 -5.22 11.27 1.14
N SER A 4 -6.00 10.34 1.66
CA SER A 4 -5.54 9.50 2.75
C SER A 4 -5.24 8.09 2.29
N CYS A 5 -4.61 7.33 3.18
CA CYS A 5 -4.23 5.96 2.92
C CYS A 5 -4.72 5.06 4.06
N SER A 6 -4.49 3.75 3.96
CA SER A 6 -4.95 2.82 4.99
C SER A 6 -4.19 3.04 6.28
N ALA A 7 -2.88 3.18 6.15
CA ALA A 7 -2.00 3.39 7.30
C ALA A 7 -2.62 4.38 8.29
N TYR A 8 -2.31 4.20 9.58
CA TYR A 8 -2.84 5.06 10.62
C TYR A 8 -1.97 6.31 10.79
N GLY A 9 -2.60 7.48 10.75
CA GLY A 9 -1.88 8.73 10.91
C GLY A 9 -0.71 8.84 9.96
N CYS A 10 -0.97 8.55 8.70
CA CYS A 10 0.05 8.61 7.67
C CYS A 10 0.31 10.05 7.23
N LYS A 11 1.43 10.28 6.54
CA LYS A 11 1.79 11.61 6.07
C LYS A 11 1.78 11.68 4.55
N ASN A 12 0.98 10.82 3.94
CA ASN A 12 0.84 10.76 2.49
C ASN A 12 0.14 11.99 1.95
N ARG A 13 0.33 12.23 0.65
CA ARG A 13 -0.30 13.38 -0.01
C ARG A 13 -0.30 13.22 -1.53
N TYR A 14 -1.49 13.05 -2.10
CA TYR A 14 -1.63 12.88 -3.54
C TYR A 14 -1.36 14.21 -4.26
N ASP A 15 -0.08 14.53 -4.44
CA ASP A 15 0.30 15.78 -5.10
C ASP A 15 1.12 15.50 -6.35
N LYS A 16 1.05 16.43 -7.31
CA LYS A 16 1.81 16.29 -8.55
C LYS A 16 3.30 16.25 -8.28
N ASP A 17 3.70 16.89 -7.20
CA ASP A 17 5.11 16.93 -6.80
C ASP A 17 5.49 15.68 -6.04
N LYS A 18 4.73 15.40 -4.98
CA LYS A 18 4.97 14.24 -4.15
C LYS A 18 4.64 12.95 -4.90
N PRO A 19 5.65 12.14 -5.28
CA PRO A 19 5.44 10.89 -6.02
C PRO A 19 4.85 9.76 -5.19
N VAL A 20 4.07 10.13 -4.21
CA VAL A 20 3.43 9.18 -3.32
C VAL A 20 2.15 8.60 -3.95
N SER A 21 2.31 7.54 -4.72
CA SER A 21 1.17 6.90 -5.38
C SER A 21 0.32 6.11 -4.38
N PHE A 22 -0.90 5.79 -4.78
CA PHE A 22 -1.82 5.04 -3.93
C PHE A 22 -2.30 3.79 -4.65
N HIS A 23 -2.56 2.73 -3.89
CA HIS A 23 -3.01 1.49 -4.48
C HIS A 23 -4.11 0.82 -3.64
N LYS A 24 -5.25 0.57 -4.27
CA LYS A 24 -6.39 -0.06 -3.60
C LYS A 24 -6.06 -1.51 -3.23
N PHE A 25 -6.79 -2.06 -2.25
CA PHE A 25 -6.55 -3.44 -1.84
C PHE A 25 -6.76 -4.38 -3.02
N PRO A 26 -5.78 -5.27 -3.26
CA PRO A 26 -5.82 -6.21 -4.39
C PRO A 26 -6.47 -7.55 -4.06
N LEU A 27 -6.97 -8.22 -5.09
CA LEU A 27 -7.63 -9.51 -4.94
C LEU A 27 -6.80 -10.63 -5.55
N THR A 28 -6.02 -10.28 -6.59
CA THR A 28 -5.17 -11.27 -7.26
C THR A 28 -4.12 -11.81 -6.31
N ARG A 29 -3.75 -10.97 -5.33
CA ARG A 29 -2.76 -11.32 -4.34
C ARG A 29 -3.46 -11.56 -3.00
N PRO A 30 -3.76 -12.85 -2.65
CA PRO A 30 -4.46 -13.21 -1.43
C PRO A 30 -3.58 -13.57 -0.23
N SER A 31 -2.88 -14.71 -0.27
CA SER A 31 -2.03 -15.11 0.85
C SER A 31 -1.10 -13.97 1.20
N LEU A 32 -0.40 -13.50 0.19
CA LEU A 32 0.50 -12.38 0.33
C LEU A 32 -0.29 -11.19 0.85
N CYS A 33 -1.54 -11.10 0.41
CA CYS A 33 -2.44 -10.02 0.82
C CYS A 33 -2.46 -9.85 2.32
N LYS A 34 -2.30 -10.96 3.04
CA LYS A 34 -2.29 -10.93 4.48
C LYS A 34 -1.26 -9.89 4.92
N GLU A 35 -0.16 -9.84 4.16
CA GLU A 35 0.90 -8.91 4.41
C GLU A 35 0.36 -7.51 4.40
N TRP A 36 -0.55 -7.28 3.46
CA TRP A 36 -1.17 -5.97 3.34
C TRP A 36 -1.89 -5.63 4.63
N GLU A 37 -2.47 -6.64 5.27
CA GLU A 37 -3.11 -6.42 6.55
C GLU A 37 -2.07 -5.89 7.53
N ALA A 38 -0.85 -6.38 7.36
CA ALA A 38 0.26 -5.98 8.19
C ALA A 38 0.52 -4.49 8.00
N ALA A 39 0.26 -4.01 6.79
CA ALA A 39 0.41 -2.61 6.46
C ALA A 39 -0.37 -1.77 7.46
N VAL A 40 -1.41 -2.38 8.01
CA VAL A 40 -2.26 -1.74 8.99
C VAL A 40 -2.00 -2.30 10.39
N ARG A 41 -2.22 -3.60 10.54
CA ARG A 41 -2.00 -4.27 11.83
C ARG A 41 -2.85 -3.66 12.94
N ARG A 42 -3.90 -2.93 12.57
CA ARG A 42 -4.78 -2.32 13.56
C ARG A 42 -6.24 -2.59 13.23
N LYS A 43 -7.11 -2.66 14.25
CA LYS A 43 -8.53 -2.91 14.02
C LYS A 43 -9.18 -1.66 13.42
N ASN A 44 -9.34 -1.66 12.10
CA ASN A 44 -9.93 -0.52 11.41
C ASN A 44 -9.99 -0.79 9.90
N PHE A 45 -8.89 -0.48 9.19
CA PHE A 45 -8.76 -0.68 7.75
C PHE A 45 -10.03 -1.27 7.13
N LYS A 46 -11.05 -0.43 6.99
CA LYS A 46 -12.31 -0.86 6.41
C LYS A 46 -12.26 -0.73 4.88
N PRO A 47 -12.29 -1.85 4.15
CA PRO A 47 -12.22 -1.85 2.68
C PRO A 47 -13.21 -0.91 1.99
N THR A 48 -14.13 -0.35 2.77
CA THR A 48 -15.14 0.56 2.22
C THR A 48 -14.47 1.77 1.57
N LYS A 49 -13.60 2.42 2.34
CA LYS A 49 -12.88 3.59 1.86
C LYS A 49 -11.38 3.44 2.11
N TYR A 50 -11.03 2.63 3.12
CA TYR A 50 -9.64 2.39 3.48
C TYR A 50 -8.98 1.42 2.52
N SER A 51 -9.77 0.62 1.81
CA SER A 51 -9.23 -0.37 0.85
C SER A 51 -8.18 0.25 -0.08
N SER A 52 -7.04 0.65 0.47
CA SER A 52 -5.97 1.24 -0.32
C SER A 52 -4.74 1.53 0.54
N ILE A 53 -3.57 1.42 -0.08
CA ILE A 53 -2.32 1.64 0.60
C ILE A 53 -1.52 2.69 -0.16
N CYS A 54 -0.61 3.38 0.51
CA CYS A 54 0.19 4.39 -0.15
C CYS A 54 1.65 3.93 -0.31
N SER A 55 2.37 4.52 -1.27
CA SER A 55 3.75 4.13 -1.55
C SER A 55 4.69 4.23 -0.35
N GLU A 56 4.50 5.25 0.49
CA GLU A 56 5.33 5.47 1.64
C GLU A 56 5.70 4.19 2.40
N HIS A 57 4.87 3.17 2.31
CA HIS A 57 5.13 1.91 3.02
C HIS A 57 5.72 0.85 2.09
N PHE A 58 5.48 1.00 0.79
CA PHE A 58 6.00 0.06 -0.19
C PHE A 58 7.45 0.40 -0.55
N THR A 59 8.16 -0.55 -1.16
CA THR A 59 9.55 -0.31 -1.55
C THR A 59 9.61 0.35 -2.93
N PRO A 60 10.53 1.29 -3.10
CA PRO A 60 10.73 2.02 -4.37
C PRO A 60 10.97 1.09 -5.55
N ASP A 61 11.78 0.05 -5.32
CA ASP A 61 12.12 -0.90 -6.36
C ASP A 61 10.96 -1.84 -6.70
N CYS A 62 9.95 -1.90 -5.84
CA CYS A 62 8.82 -2.77 -6.07
C CYS A 62 7.63 -1.98 -6.61
N PHE A 63 7.90 -0.86 -7.26
CA PHE A 63 6.83 -0.03 -7.81
C PHE A 63 6.66 -0.30 -9.30
N LYS A 64 6.82 -1.56 -9.69
CA LYS A 64 6.68 -1.94 -11.08
C LYS A 64 5.22 -1.79 -11.53
N ARG A 65 5.03 -1.67 -12.84
CA ARG A 65 3.69 -1.51 -13.40
C ARG A 65 3.44 -2.50 -14.53
N GLU A 66 2.17 -2.66 -14.88
CA GLU A 66 1.77 -3.57 -15.95
C GLU A 66 0.27 -3.52 -16.16
N CYS A 67 -0.29 -2.31 -16.06
CA CYS A 67 -1.73 -2.11 -16.23
C CYS A 67 -2.04 -0.64 -16.49
N ASN A 68 -3.32 -0.29 -16.49
CA ASN A 68 -3.75 1.08 -16.72
C ASN A 68 -3.02 2.05 -15.80
N ASN A 69 -3.11 1.84 -14.50
CA ASN A 69 -2.46 2.71 -13.52
C ASN A 69 -2.44 2.08 -12.13
N LYS A 70 -1.56 1.09 -11.94
CA LYS A 70 -1.45 0.42 -10.64
C LYS A 70 -0.09 -0.28 -10.51
N LEU A 71 0.60 0.01 -9.41
CA LEU A 71 1.91 -0.59 -9.15
C LEU A 71 1.91 -1.36 -7.83
N LEU A 72 1.64 -2.66 -7.91
CA LEU A 72 1.62 -3.50 -6.71
C LEU A 72 1.49 -4.97 -7.10
N LYS A 73 2.24 -5.40 -8.11
CA LYS A 73 2.20 -6.78 -8.56
C LYS A 73 2.38 -7.77 -7.42
N GLU A 74 2.32 -9.06 -7.75
CA GLU A 74 2.46 -10.13 -6.76
C GLU A 74 3.66 -9.89 -5.84
N ASN A 75 4.66 -9.19 -6.35
CA ASN A 75 5.86 -8.90 -5.58
C ASN A 75 5.54 -7.93 -4.45
N ALA A 76 4.73 -6.94 -4.79
CA ALA A 76 4.31 -5.90 -3.86
C ALA A 76 4.26 -6.36 -2.41
N VAL A 77 4.60 -5.44 -1.51
CA VAL A 77 4.62 -5.69 -0.09
C VAL A 77 4.88 -4.38 0.67
N PRO A 78 4.19 -4.16 1.81
CA PRO A 78 4.36 -2.95 2.62
C PRO A 78 5.53 -3.05 3.60
N THR A 79 6.58 -3.75 3.18
CA THR A 79 7.80 -3.97 3.97
C THR A 79 7.84 -3.23 5.32
N ILE A 80 7.68 -1.90 5.28
CA ILE A 80 7.73 -1.09 6.48
C ILE A 80 7.01 -1.73 7.67
N PHE A 81 5.87 -2.36 7.42
CA PHE A 81 5.11 -3.01 8.48
C PHE A 81 5.41 -4.50 8.54
N LEU A 82 5.98 -5.03 7.44
CA LEU A 82 6.33 -6.44 7.36
C LEU A 82 7.49 -6.75 8.30
N GLU A 83 7.69 -8.03 8.60
CA GLU A 83 8.77 -8.46 9.49
C GLU A 83 10.11 -7.85 9.05
N LEU A 84 10.24 -7.60 7.75
CA LEU A 84 11.47 -7.02 7.20
C LEU A 84 11.80 -5.70 7.90
N VAL A 85 12.62 -5.77 8.94
CA VAL A 85 13.03 -4.59 9.69
C VAL A 85 14.54 -4.56 9.91
N PRO A 86 15.28 -3.87 9.03
CA PRO A 86 16.74 -3.76 9.13
C PRO A 86 17.19 -3.12 10.44
N ARG A 87 18.49 -2.87 10.55
CA ARG A 87 19.04 -2.25 11.76
C ARG A 87 19.25 -0.75 11.57
ZN ZN B . 0.48 5.60 3.98
N MET A 1 -2.10 17.44 1.92
CA MET A 1 -2.78 16.12 1.84
C MET A 1 -4.00 16.18 0.93
N VAL A 2 -3.89 15.58 -0.25
CA VAL A 2 -4.98 15.57 -1.22
C VAL A 2 -5.48 14.15 -1.47
N GLN A 3 -5.14 13.23 -0.56
CA GLN A 3 -5.55 11.84 -0.69
C GLN A 3 -5.16 11.07 0.56
N SER A 4 -6.08 10.25 1.02
CA SER A 4 -5.83 9.43 2.21
C SER A 4 -5.36 8.04 1.84
N CYS A 5 -4.90 7.32 2.85
CA CYS A 5 -4.39 5.98 2.68
C CYS A 5 -4.84 5.11 3.87
N SER A 6 -4.56 3.80 3.82
CA SER A 6 -5.00 2.90 4.89
C SER A 6 -4.24 3.18 6.17
N ALA A 7 -2.92 3.32 6.03
CA ALA A 7 -2.05 3.60 7.17
C ALA A 7 -2.66 4.67 8.08
N TYR A 8 -2.68 4.40 9.38
CA TYR A 8 -3.25 5.35 10.35
C TYR A 8 -2.32 6.55 10.53
N GLY A 9 -2.89 7.76 10.39
CA GLY A 9 -2.11 8.97 10.54
C GLY A 9 -0.92 9.01 9.61
N CYS A 10 -1.17 8.71 8.34
CA CYS A 10 -0.12 8.70 7.34
C CYS A 10 0.24 10.13 6.91
N LYS A 11 1.44 10.29 6.35
CA LYS A 11 1.92 11.60 5.90
C LYS A 11 1.87 11.71 4.38
N ASN A 12 1.10 10.85 3.74
CA ASN A 12 0.95 10.85 2.29
C ASN A 12 0.32 12.14 1.79
N ARG A 13 0.48 12.40 0.51
CA ARG A 13 -0.10 13.59 -0.11
C ARG A 13 -0.09 13.50 -1.64
N TYR A 14 -1.28 13.42 -2.23
CA TYR A 14 -1.41 13.35 -3.67
C TYR A 14 -1.07 14.69 -4.31
N ASP A 15 0.23 14.93 -4.49
CA ASP A 15 0.68 16.19 -5.08
C ASP A 15 1.36 15.97 -6.42
N LYS A 16 1.28 16.96 -7.30
CA LYS A 16 1.90 16.87 -8.62
C LYS A 16 3.40 16.64 -8.50
N ASP A 17 3.97 17.14 -7.41
CA ASP A 17 5.40 17.01 -7.16
C ASP A 17 5.70 15.65 -6.54
N LYS A 18 5.01 15.36 -5.44
CA LYS A 18 5.20 14.09 -4.73
C LYS A 18 4.57 12.94 -5.51
N PRO A 19 5.39 12.04 -6.08
CA PRO A 19 4.91 10.89 -6.86
C PRO A 19 4.34 9.77 -6.01
N VAL A 20 3.78 10.15 -4.88
CA VAL A 20 3.19 9.20 -3.95
C VAL A 20 1.86 8.67 -4.46
N SER A 21 1.92 7.69 -5.36
CA SER A 21 0.70 7.10 -5.92
C SER A 21 -0.06 6.31 -4.85
N PHE A 22 -1.33 6.01 -5.13
CA PHE A 22 -2.16 5.27 -4.20
C PHE A 22 -2.72 4.01 -4.85
N HIS A 23 -2.90 2.97 -4.05
CA HIS A 23 -3.42 1.70 -4.54
C HIS A 23 -4.54 1.19 -3.65
N LYS A 24 -5.43 0.37 -4.21
CA LYS A 24 -6.53 -0.19 -3.44
C LYS A 24 -6.12 -1.57 -2.93
N PHE A 25 -7.05 -2.24 -2.29
CA PHE A 25 -6.76 -3.58 -1.78
C PHE A 25 -6.93 -4.60 -2.90
N PRO A 26 -5.88 -5.42 -3.14
CA PRO A 26 -5.86 -6.41 -4.21
C PRO A 26 -6.47 -7.76 -3.83
N LEU A 27 -7.01 -8.45 -4.82
CA LEU A 27 -7.62 -9.75 -4.61
C LEU A 27 -6.79 -10.86 -5.26
N THR A 28 -6.08 -10.51 -6.33
CA THR A 28 -5.25 -11.47 -7.04
C THR A 28 -4.14 -11.97 -6.12
N ARG A 29 -3.74 -11.12 -5.19
CA ARG A 29 -2.71 -11.43 -4.22
C ARG A 29 -3.36 -11.68 -2.86
N PRO A 30 -3.61 -12.96 -2.50
CA PRO A 30 -4.27 -13.33 -1.25
C PRO A 30 -3.35 -13.65 -0.07
N SER A 31 -2.64 -14.78 -0.12
CA SER A 31 -1.75 -15.15 0.98
C SER A 31 -0.83 -13.98 1.30
N LEU A 32 -0.18 -13.50 0.26
CA LEU A 32 0.70 -12.35 0.37
C LEU A 32 -0.11 -11.17 0.91
N CYS A 33 -1.38 -11.12 0.49
CA CYS A 33 -2.29 -10.06 0.90
C CYS A 33 -2.29 -9.89 2.41
N LYS A 34 -2.09 -10.99 3.13
CA LYS A 34 -2.04 -10.94 4.57
C LYS A 34 -1.04 -9.87 4.98
N GLU A 35 0.02 -9.78 4.21
CA GLU A 35 1.06 -8.80 4.42
C GLU A 35 0.45 -7.41 4.40
N TRP A 36 -0.47 -7.22 3.48
CA TRP A 36 -1.14 -5.94 3.35
C TRP A 36 -1.87 -5.61 4.63
N GLU A 37 -2.38 -6.64 5.31
CA GLU A 37 -3.03 -6.43 6.59
C GLU A 37 -2.05 -5.79 7.55
N ALA A 38 -0.79 -6.20 7.43
CA ALA A 38 0.28 -5.66 8.24
C ALA A 38 0.41 -4.16 8.01
N ALA A 39 0.12 -3.76 6.78
CA ALA A 39 0.17 -2.36 6.40
C ALA A 39 -0.71 -1.54 7.34
N VAL A 40 -1.71 -2.20 7.90
CA VAL A 40 -2.63 -1.57 8.82
C VAL A 40 -2.34 -1.97 10.26
N ARG A 41 -2.56 -3.25 10.58
CA ARG A 41 -2.33 -3.76 11.93
C ARG A 41 -3.08 -2.91 12.97
N ARG A 42 -4.17 -2.30 12.53
CA ARG A 42 -4.96 -1.45 13.41
C ARG A 42 -6.45 -1.73 13.22
N LYS A 43 -7.29 -0.80 13.67
CA LYS A 43 -8.75 -0.94 13.56
C LYS A 43 -9.15 -1.68 12.29
N ASN A 44 -10.25 -2.43 12.36
CA ASN A 44 -10.75 -3.19 11.22
C ASN A 44 -10.74 -2.36 9.93
N PHE A 45 -9.61 -2.36 9.21
CA PHE A 45 -9.47 -1.60 7.96
C PHE A 45 -10.75 -1.63 7.12
N LYS A 46 -11.67 -0.74 7.42
CA LYS A 46 -12.93 -0.65 6.70
C LYS A 46 -12.68 -0.34 5.23
N PRO A 47 -12.96 -1.30 4.32
CA PRO A 47 -12.74 -1.13 2.87
C PRO A 47 -13.35 0.14 2.26
N THR A 48 -14.07 0.91 3.08
CA THR A 48 -14.69 2.14 2.61
C THR A 48 -13.65 3.12 2.07
N LYS A 49 -12.68 3.44 2.93
CA LYS A 49 -11.60 4.35 2.56
C LYS A 49 -10.25 3.72 2.88
N TYR A 50 -10.25 2.74 3.79
CA TYR A 50 -9.03 2.07 4.20
C TYR A 50 -8.59 1.05 3.15
N SER A 51 -9.52 0.56 2.33
CA SER A 51 -9.18 -0.42 1.29
C SER A 51 -8.25 0.18 0.24
N SER A 52 -7.08 0.62 0.68
CA SER A 52 -6.08 1.20 -0.22
C SER A 52 -4.82 1.53 0.56
N ILE A 53 -3.68 1.38 -0.10
CA ILE A 53 -2.40 1.65 0.52
C ILE A 53 -1.66 2.70 -0.31
N CYS A 54 -0.74 3.43 0.30
CA CYS A 54 0.00 4.45 -0.43
C CYS A 54 1.46 4.00 -0.62
N SER A 55 2.14 4.56 -1.63
CA SER A 55 3.52 4.18 -1.94
C SER A 55 4.48 4.31 -0.75
N GLU A 56 4.31 5.36 0.04
CA GLU A 56 5.18 5.63 1.17
C GLU A 56 5.59 4.37 1.96
N HIS A 57 4.77 3.34 1.93
CA HIS A 57 5.07 2.11 2.68
C HIS A 57 5.65 1.02 1.78
N PHE A 58 5.41 1.13 0.47
CA PHE A 58 5.91 0.14 -0.46
C PHE A 58 7.36 0.45 -0.85
N THR A 59 8.11 -0.59 -1.24
CA THR A 59 9.50 -0.41 -1.63
C THR A 59 9.61 0.05 -3.08
N PRO A 60 10.56 0.94 -3.37
CA PRO A 60 10.80 1.46 -4.72
C PRO A 60 10.95 0.35 -5.75
N ASP A 61 11.63 -0.72 -5.35
CA ASP A 61 11.87 -1.85 -6.24
C ASP A 61 10.56 -2.41 -6.79
N CYS A 62 9.51 -2.31 -5.99
CA CYS A 62 8.20 -2.81 -6.39
C CYS A 62 7.43 -1.75 -7.19
N PHE A 63 8.06 -0.60 -7.44
CA PHE A 63 7.42 0.47 -8.20
C PHE A 63 8.18 0.73 -9.50
N LYS A 64 8.51 -0.34 -10.22
CA LYS A 64 9.23 -0.23 -11.48
C LYS A 64 8.32 -0.53 -12.67
N ARG A 65 7.01 -0.47 -12.46
CA ARG A 65 6.06 -0.74 -13.54
C ARG A 65 5.44 0.55 -14.05
N GLU A 66 5.06 0.56 -15.32
CA GLU A 66 4.45 1.74 -15.93
C GLU A 66 3.23 1.36 -16.76
N CYS A 67 2.11 1.13 -16.08
CA CYS A 67 0.87 0.76 -16.76
C CYS A 67 -0.30 1.60 -16.26
N ASN A 68 -1.45 1.44 -16.89
CA ASN A 68 -2.65 2.19 -16.51
C ASN A 68 -3.34 1.54 -15.31
N ASN A 69 -3.15 0.23 -15.15
CA ASN A 69 -3.76 -0.51 -14.06
C ASN A 69 -3.30 0.03 -12.70
N LYS A 70 -2.12 -0.39 -12.27
CA LYS A 70 -1.56 0.04 -11.01
C LYS A 70 -0.17 -0.56 -10.79
N LEU A 71 0.45 -0.26 -9.65
CA LEU A 71 1.78 -0.78 -9.35
C LEU A 71 1.82 -1.47 -7.99
N LEU A 72 1.61 -2.78 -8.00
CA LEU A 72 1.63 -3.57 -6.78
C LEU A 72 1.55 -5.06 -7.11
N LYS A 73 2.29 -5.46 -8.15
CA LYS A 73 2.32 -6.85 -8.61
C LYS A 73 2.50 -7.82 -7.44
N GLU A 74 2.45 -9.12 -7.76
CA GLU A 74 2.61 -10.17 -6.76
C GLU A 74 3.78 -9.91 -5.84
N ASN A 75 4.78 -9.18 -6.35
CA ASN A 75 5.96 -8.86 -5.56
C ASN A 75 5.61 -7.88 -4.45
N ALA A 76 4.77 -6.92 -4.81
CA ALA A 76 4.32 -5.87 -3.90
C ALA A 76 4.27 -6.30 -2.45
N VAL A 77 4.59 -5.35 -1.57
CA VAL A 77 4.60 -5.57 -0.13
C VAL A 77 4.83 -4.24 0.61
N PRO A 78 4.10 -4.00 1.72
CA PRO A 78 4.22 -2.77 2.49
C PRO A 78 5.31 -2.85 3.57
N THR A 79 6.38 -3.59 3.25
CA THR A 79 7.53 -3.81 4.16
C THR A 79 7.51 -2.96 5.44
N ILE A 80 7.39 -1.64 5.29
CA ILE A 80 7.41 -0.74 6.44
C ILE A 80 6.64 -1.28 7.65
N PHE A 81 5.58 -2.05 7.41
CA PHE A 81 4.79 -2.61 8.49
C PHE A 81 5.05 -4.10 8.64
N LEU A 82 5.44 -4.75 7.56
CA LEU A 82 5.72 -6.18 7.58
C LEU A 82 6.89 -6.48 8.50
N GLU A 83 6.60 -6.83 9.74
CA GLU A 83 7.64 -7.14 10.72
C GLU A 83 8.35 -8.44 10.38
N LEU A 84 7.57 -9.45 9.97
CA LEU A 84 8.13 -10.74 9.62
C LEU A 84 7.61 -11.21 8.27
N VAL A 85 8.29 -12.20 7.68
CA VAL A 85 7.90 -12.74 6.39
C VAL A 85 7.55 -14.22 6.49
N PRO A 86 6.54 -14.68 5.73
CA PRO A 86 6.11 -16.09 5.74
C PRO A 86 7.24 -17.05 5.38
N ARG A 87 7.87 -16.80 4.24
CA ARG A 87 8.98 -17.64 3.77
C ARG A 87 10.32 -17.01 4.12
ZN ZN B . 0.35 5.73 3.65
N MET A 1 -3.05 17.62 2.20
CA MET A 1 -3.40 16.25 1.74
C MET A 1 -4.52 16.29 0.70
N VAL A 2 -4.27 15.64 -0.44
CA VAL A 2 -5.26 15.59 -1.51
C VAL A 2 -5.74 14.16 -1.77
N GLN A 3 -5.51 13.28 -0.79
CA GLN A 3 -5.92 11.88 -0.89
C GLN A 3 -5.46 11.14 0.35
N SER A 4 -6.32 10.27 0.85
CA SER A 4 -6.00 9.51 2.06
C SER A 4 -5.47 8.12 1.75
N CYS A 5 -4.92 7.50 2.79
CA CYS A 5 -4.36 6.16 2.70
C CYS A 5 -4.79 5.36 3.94
N SER A 6 -4.53 4.06 3.96
CA SER A 6 -4.93 3.23 5.09
C SER A 6 -4.02 3.43 6.30
N ALA A 7 -2.72 3.44 6.05
CA ALA A 7 -1.72 3.61 7.11
C ALA A 7 -2.19 4.57 8.19
N TYR A 8 -2.11 4.11 9.44
CA TYR A 8 -2.54 4.92 10.59
C TYR A 8 -1.78 6.25 10.63
N GLY A 9 -2.54 7.34 10.73
CA GLY A 9 -1.94 8.66 10.79
C GLY A 9 -0.81 8.84 9.80
N CYS A 10 -1.07 8.45 8.57
CA CYS A 10 -0.07 8.55 7.51
C CYS A 10 0.14 10.01 7.11
N LYS A 11 1.30 10.29 6.52
CA LYS A 11 1.64 11.65 6.08
C LYS A 11 1.49 11.80 4.57
N ASN A 12 0.72 10.89 3.99
CA ASN A 12 0.48 10.89 2.56
C ASN A 12 -0.06 12.23 2.06
N ARG A 13 -0.01 12.41 0.75
CA ARG A 13 -0.51 13.64 0.13
C ARG A 13 -0.34 13.61 -1.39
N TYR A 14 -1.45 13.65 -2.13
CA TYR A 14 -1.41 13.65 -3.57
C TYR A 14 -1.12 15.05 -4.10
N ASP A 15 0.15 15.44 -4.11
CA ASP A 15 0.56 16.76 -4.58
C ASP A 15 1.35 16.66 -5.87
N LYS A 16 1.37 17.76 -6.63
CA LYS A 16 2.11 17.81 -7.89
C LYS A 16 3.60 17.60 -7.64
N ASP A 17 4.05 17.98 -6.46
CA ASP A 17 5.44 17.84 -6.09
C ASP A 17 5.71 16.43 -5.57
N LYS A 18 4.96 16.04 -4.55
CA LYS A 18 5.08 14.72 -3.94
C LYS A 18 4.71 13.62 -4.92
N PRO A 19 5.70 12.84 -5.41
CA PRO A 19 5.46 11.75 -6.36
C PRO A 19 4.84 10.51 -5.71
N VAL A 20 3.98 10.74 -4.77
CA VAL A 20 3.31 9.66 -4.03
C VAL A 20 2.11 9.12 -4.81
N SER A 21 2.04 7.79 -4.89
CA SER A 21 0.95 7.12 -5.59
C SER A 21 0.06 6.38 -4.61
N PHE A 22 -1.14 6.00 -5.07
CA PHE A 22 -2.08 5.29 -4.21
C PHE A 22 -2.59 4.02 -4.90
N HIS A 23 -2.90 3.00 -4.11
CA HIS A 23 -3.38 1.73 -4.65
C HIS A 23 -4.46 1.13 -3.76
N LYS A 24 -5.63 0.88 -4.35
CA LYS A 24 -6.75 0.30 -3.61
C LYS A 24 -6.44 -1.16 -3.26
N PHE A 25 -7.13 -1.70 -2.25
CA PHE A 25 -6.90 -3.09 -1.85
C PHE A 25 -7.17 -4.01 -3.04
N PRO A 26 -6.28 -5.00 -3.24
CA PRO A 26 -6.36 -5.93 -4.36
C PRO A 26 -7.12 -7.23 -4.05
N LEU A 27 -7.63 -7.86 -5.10
CA LEU A 27 -8.35 -9.11 -4.98
C LEU A 27 -7.54 -10.26 -5.56
N THR A 28 -6.71 -9.95 -6.56
CA THR A 28 -5.88 -10.95 -7.21
C THR A 28 -4.82 -11.46 -6.24
N ARG A 29 -4.44 -10.61 -5.30
CA ARG A 29 -3.44 -10.94 -4.29
C ARG A 29 -4.14 -11.14 -2.94
N PRO A 30 -4.50 -12.40 -2.60
CA PRO A 30 -5.22 -12.72 -1.37
C PRO A 30 -4.33 -13.13 -0.18
N SER A 31 -3.72 -14.32 -0.24
CA SER A 31 -2.85 -14.76 0.85
C SER A 31 -1.81 -13.70 1.15
N LEU A 32 -1.16 -13.28 0.08
CA LEU A 32 -0.17 -12.22 0.15
C LEU A 32 -0.84 -10.97 0.72
N CYS A 33 -2.11 -10.81 0.37
CA CYS A 33 -2.91 -9.66 0.81
C CYS A 33 -2.88 -9.52 2.32
N LYS A 34 -2.77 -10.65 3.02
CA LYS A 34 -2.71 -10.64 4.46
C LYS A 34 -1.62 -9.67 4.88
N GLU A 35 -0.55 -9.65 4.09
CA GLU A 35 0.56 -8.78 4.32
C GLU A 35 0.10 -7.33 4.32
N TRP A 36 -0.82 -7.05 3.42
CA TRP A 36 -1.38 -5.71 3.31
C TRP A 36 -2.02 -5.31 4.62
N GLU A 37 -2.57 -6.28 5.33
CA GLU A 37 -3.16 -6.00 6.63
C GLU A 37 -2.14 -5.29 7.50
N ALA A 38 -0.90 -5.76 7.40
CA ALA A 38 0.19 -5.16 8.14
C ALA A 38 0.36 -3.71 7.72
N ALA A 39 0.15 -3.47 6.44
CA ALA A 39 0.24 -2.14 5.88
C ALA A 39 -0.62 -1.17 6.68
N VAL A 40 -1.66 -1.72 7.31
CA VAL A 40 -2.57 -0.94 8.10
C VAL A 40 -2.26 -1.01 9.59
N ARG A 41 -2.38 -2.20 10.16
CA ARG A 41 -2.11 -2.41 11.58
C ARG A 41 -3.22 -1.80 12.44
N ARG A 42 -4.35 -1.47 11.80
CA ARG A 42 -5.48 -0.89 12.51
C ARG A 42 -6.38 -1.99 13.07
N LYS A 43 -7.35 -1.60 13.91
CA LYS A 43 -8.28 -2.55 14.50
C LYS A 43 -8.74 -3.60 13.49
N ASN A 44 -9.26 -3.13 12.36
CA ASN A 44 -9.72 -4.03 11.30
C ASN A 44 -9.91 -3.28 9.98
N PHE A 45 -8.79 -2.92 9.34
CA PHE A 45 -8.78 -2.20 8.06
C PHE A 45 -10.08 -2.41 7.26
N LYS A 46 -11.10 -1.61 7.58
CA LYS A 46 -12.38 -1.71 6.89
C LYS A 46 -12.24 -1.27 5.42
N PRO A 47 -12.33 -2.22 4.48
CA PRO A 47 -12.20 -1.96 3.03
C PRO A 47 -13.18 -0.94 2.47
N THR A 48 -14.06 -0.41 3.31
CA THR A 48 -15.05 0.57 2.88
C THR A 48 -14.38 1.80 2.27
N LYS A 49 -13.53 2.45 3.05
CA LYS A 49 -12.82 3.64 2.61
C LYS A 49 -11.32 3.45 2.75
N TYR A 50 -10.92 2.55 3.66
CA TYR A 50 -9.52 2.28 3.91
C TYR A 50 -8.93 1.35 2.85
N SER A 51 -9.79 0.62 2.13
CA SER A 51 -9.33 -0.32 1.08
C SER A 51 -8.37 0.35 0.10
N SER A 52 -7.19 0.74 0.58
CA SER A 52 -6.19 1.37 -0.27
C SER A 52 -4.91 1.64 0.51
N ILE A 53 -3.80 1.73 -0.20
CA ILE A 53 -2.52 1.96 0.42
C ILE A 53 -1.75 3.00 -0.39
N CYS A 54 -0.81 3.69 0.24
CA CYS A 54 -0.02 4.69 -0.46
C CYS A 54 1.42 4.18 -0.65
N SER A 55 2.10 4.61 -1.73
CA SER A 55 3.45 4.14 -2.03
C SER A 55 4.44 4.30 -0.88
N GLU A 56 4.30 5.37 -0.10
CA GLU A 56 5.19 5.65 1.00
C GLU A 56 5.60 4.41 1.80
N HIS A 57 4.75 3.38 1.80
CA HIS A 57 5.03 2.15 2.54
C HIS A 57 5.63 1.07 1.63
N PHE A 58 5.25 1.08 0.37
CA PHE A 58 5.76 0.10 -0.59
C PHE A 58 7.22 0.38 -0.93
N THR A 59 7.91 -0.60 -1.49
CA THR A 59 9.32 -0.41 -1.87
C THR A 59 9.42 0.31 -3.21
N PRO A 60 10.40 1.21 -3.32
CA PRO A 60 10.65 1.99 -4.55
C PRO A 60 10.87 1.11 -5.78
N ASP A 61 11.62 0.03 -5.59
CA ASP A 61 11.94 -0.89 -6.69
C ASP A 61 10.77 -1.81 -7.03
N CYS A 62 9.72 -1.80 -6.22
CA CYS A 62 8.56 -2.65 -6.47
C CYS A 62 7.45 -1.86 -7.14
N PHE A 63 7.79 -0.76 -7.78
CA PHE A 63 6.82 0.07 -8.47
C PHE A 63 6.81 -0.26 -9.96
N LYS A 64 6.87 -1.56 -10.26
CA LYS A 64 6.88 -2.03 -11.64
C LYS A 64 5.46 -2.21 -12.18
N ARG A 65 4.61 -1.20 -11.99
CA ARG A 65 3.24 -1.26 -12.46
C ARG A 65 3.02 -0.27 -13.60
N GLU A 66 4.04 -0.10 -14.44
CA GLU A 66 3.97 0.81 -15.57
C GLU A 66 3.16 0.20 -16.71
N CYS A 67 3.22 -1.13 -16.82
CA CYS A 67 2.49 -1.83 -17.87
C CYS A 67 0.98 -1.69 -17.69
N ASN A 68 0.22 -2.26 -18.62
CA ASN A 68 -1.23 -2.20 -18.55
C ASN A 68 -1.77 -3.14 -17.49
N ASN A 69 -1.56 -4.44 -17.69
CA ASN A 69 -2.02 -5.45 -16.76
C ASN A 69 -0.93 -5.81 -15.75
N LYS A 70 -0.31 -4.78 -15.17
CA LYS A 70 0.75 -4.98 -14.18
C LYS A 70 0.56 -4.06 -12.99
N LEU A 71 0.32 -4.65 -11.83
CA LEU A 71 0.11 -3.89 -10.60
C LEU A 71 0.60 -4.68 -9.39
N LEU A 72 0.79 -3.99 -8.25
CA LEU A 72 1.26 -4.62 -7.00
C LEU A 72 1.27 -6.14 -7.07
N LYS A 73 2.24 -6.67 -7.82
CA LYS A 73 2.38 -8.11 -8.01
C LYS A 73 2.77 -8.83 -6.73
N GLU A 74 2.98 -10.14 -6.86
CA GLU A 74 3.36 -10.98 -5.73
C GLU A 74 4.48 -10.33 -4.92
N ASN A 75 5.31 -9.56 -5.59
CA ASN A 75 6.41 -8.87 -4.94
C ASN A 75 5.86 -7.81 -4.02
N ALA A 76 4.86 -7.10 -4.51
CA ALA A 76 4.20 -6.03 -3.78
C ALA A 76 4.04 -6.36 -2.32
N VAL A 77 4.36 -5.39 -1.48
CA VAL A 77 4.29 -5.54 -0.04
C VAL A 77 4.56 -4.19 0.65
N PRO A 78 3.86 -3.86 1.73
CA PRO A 78 4.05 -2.61 2.46
C PRO A 78 5.22 -2.68 3.44
N THR A 79 6.26 -3.42 3.06
CA THR A 79 7.48 -3.63 3.87
C THR A 79 7.52 -2.81 5.17
N ILE A 80 7.33 -1.49 5.08
CA ILE A 80 7.38 -0.62 6.23
C ILE A 80 6.71 -1.24 7.47
N PHE A 81 5.45 -1.67 7.33
CA PHE A 81 4.74 -2.28 8.43
C PHE A 81 5.15 -3.73 8.61
N LEU A 82 5.58 -4.36 7.52
CA LEU A 82 6.01 -5.75 7.56
C LEU A 82 7.38 -5.88 8.23
N GLU A 83 7.45 -6.71 9.26
CA GLU A 83 8.69 -6.92 10.01
C GLU A 83 9.80 -7.46 9.11
N LEU A 84 9.52 -8.56 8.43
CA LEU A 84 10.50 -9.18 7.54
C LEU A 84 10.98 -8.20 6.48
N VAL A 85 11.93 -8.65 5.65
CA VAL A 85 12.47 -7.81 4.59
C VAL A 85 11.93 -8.21 3.23
N PRO A 86 11.70 -7.24 2.34
CA PRO A 86 11.17 -7.49 0.99
C PRO A 86 12.07 -8.41 0.17
N ARG A 87 11.84 -9.70 0.28
CA ARG A 87 12.63 -10.70 -0.45
C ARG A 87 14.10 -10.58 -0.09
ZN ZN B . 0.38 5.81 3.63
N MET A 1 -2.29 16.68 0.36
CA MET A 1 -3.27 15.68 0.84
C MET A 1 -4.56 15.75 0.03
N VAL A 2 -4.63 14.96 -1.03
CA VAL A 2 -5.83 14.95 -1.89
C VAL A 2 -6.52 13.58 -1.86
N GLN A 3 -6.20 12.77 -0.86
CA GLN A 3 -6.80 11.45 -0.71
C GLN A 3 -6.13 10.73 0.44
N SER A 4 -6.93 9.99 1.19
CA SER A 4 -6.42 9.24 2.34
C SER A 4 -5.90 7.86 1.94
N CYS A 5 -5.23 7.24 2.90
CA CYS A 5 -4.66 5.91 2.72
C CYS A 5 -5.07 5.04 3.90
N SER A 6 -4.77 3.75 3.85
CA SER A 6 -5.17 2.85 4.94
C SER A 6 -4.33 3.06 6.18
N ALA A 7 -3.02 3.17 5.98
CA ALA A 7 -2.09 3.39 7.09
C ALA A 7 -2.63 4.42 8.08
N TYR A 8 -2.91 3.95 9.31
CA TYR A 8 -3.45 4.83 10.35
C TYR A 8 -2.59 6.08 10.53
N GLY A 9 -3.24 7.23 10.50
CA GLY A 9 -2.54 8.49 10.67
C GLY A 9 -1.39 8.67 9.72
N CYS A 10 -1.64 8.40 8.45
CA CYS A 10 -0.63 8.52 7.42
C CYS A 10 -0.48 9.98 6.98
N LYS A 11 0.66 10.31 6.39
CA LYS A 11 0.93 11.67 5.92
C LYS A 11 0.92 11.75 4.40
N ASN A 12 0.26 10.78 3.77
CA ASN A 12 0.18 10.73 2.32
C ASN A 12 -0.38 12.01 1.73
N ARG A 13 -0.12 12.21 0.44
CA ARG A 13 -0.62 13.39 -0.27
C ARG A 13 -0.19 13.41 -1.72
N TYR A 14 -1.15 13.30 -2.64
CA TYR A 14 -0.85 13.32 -4.06
C TYR A 14 -0.64 14.75 -4.55
N ASP A 15 0.56 15.28 -4.31
CA ASP A 15 0.88 16.64 -4.71
C ASP A 15 1.54 16.66 -6.09
N LYS A 16 1.46 17.80 -6.76
CA LYS A 16 2.07 17.94 -8.09
C LYS A 16 3.56 17.60 -8.05
N ASP A 17 4.16 17.79 -6.88
CA ASP A 17 5.56 17.51 -6.69
C ASP A 17 5.77 16.07 -6.23
N LYS A 18 5.06 15.69 -5.17
CA LYS A 18 5.14 14.34 -4.62
C LYS A 18 4.46 13.32 -5.54
N PRO A 19 5.25 12.46 -6.21
CA PRO A 19 4.73 11.45 -7.12
C PRO A 19 4.16 10.22 -6.41
N VAL A 20 3.55 10.46 -5.28
CA VAL A 20 2.96 9.40 -4.46
C VAL A 20 1.74 8.79 -5.13
N SER A 21 1.81 7.50 -5.43
CA SER A 21 0.69 6.79 -6.05
C SER A 21 -0.11 6.05 -5.00
N PHE A 22 -1.35 5.70 -5.34
CA PHE A 22 -2.22 4.98 -4.43
C PHE A 22 -2.69 3.68 -5.06
N HIS A 23 -2.94 2.67 -4.22
CA HIS A 23 -3.37 1.36 -4.71
C HIS A 23 -4.43 0.72 -3.82
N LYS A 24 -5.55 0.33 -4.41
CA LYS A 24 -6.63 -0.30 -3.67
C LYS A 24 -6.25 -1.72 -3.26
N PHE A 25 -6.96 -2.29 -2.28
CA PHE A 25 -6.65 -3.64 -1.84
C PHE A 25 -6.85 -4.64 -2.97
N PRO A 26 -5.87 -5.55 -3.15
CA PRO A 26 -5.89 -6.53 -4.23
C PRO A 26 -6.53 -7.86 -3.84
N LEU A 27 -7.03 -8.57 -4.84
CA LEU A 27 -7.66 -9.86 -4.62
C LEU A 27 -6.80 -11.00 -5.20
N THR A 28 -6.03 -10.68 -6.24
CA THR A 28 -5.16 -11.66 -6.88
C THR A 28 -4.06 -12.10 -5.94
N ARG A 29 -3.68 -11.20 -5.03
CA ARG A 29 -2.64 -11.46 -4.04
C ARG A 29 -3.29 -11.67 -2.68
N PRO A 30 -3.54 -12.95 -2.27
CA PRO A 30 -4.19 -13.29 -1.02
C PRO A 30 -3.24 -13.58 0.16
N SER A 31 -2.53 -14.71 0.13
CA SER A 31 -1.62 -15.06 1.22
C SER A 31 -0.70 -13.88 1.50
N LEU A 32 -0.07 -13.42 0.44
CA LEU A 32 0.80 -12.28 0.52
C LEU A 32 0.01 -11.08 1.05
N CYS A 33 -1.27 -11.04 0.65
CA CYS A 33 -2.17 -9.98 1.05
C CYS A 33 -2.17 -9.78 2.56
N LYS A 34 -1.95 -10.87 3.29
CA LYS A 34 -1.90 -10.80 4.74
C LYS A 34 -0.93 -9.70 5.13
N GLU A 35 0.14 -9.60 4.35
CA GLU A 35 1.15 -8.59 4.54
C GLU A 35 0.52 -7.23 4.50
N TRP A 36 -0.39 -7.06 3.56
CA TRP A 36 -1.10 -5.81 3.41
C TRP A 36 -1.85 -5.47 4.67
N GLU A 37 -2.35 -6.50 5.36
CA GLU A 37 -3.04 -6.28 6.62
C GLU A 37 -2.12 -5.52 7.56
N ALA A 38 -0.85 -5.87 7.50
CA ALA A 38 0.15 -5.21 8.33
C ALA A 38 0.22 -3.74 7.97
N ALA A 39 0.04 -3.46 6.68
CA ALA A 39 0.04 -2.11 6.18
C ALA A 39 -0.96 -1.25 6.95
N VAL A 40 -1.98 -1.90 7.50
CA VAL A 40 -3.00 -1.22 8.25
C VAL A 40 -2.76 -1.32 9.75
N ARG A 41 -2.85 -2.53 10.29
CA ARG A 41 -2.63 -2.76 11.71
C ARG A 41 -3.68 -2.05 12.56
N ARG A 42 -4.83 -1.74 11.96
CA ARG A 42 -5.90 -1.05 12.70
C ARG A 42 -6.92 -2.06 13.25
N LYS A 43 -8.10 -1.56 13.61
CA LYS A 43 -9.15 -2.41 14.17
C LYS A 43 -9.74 -3.35 13.13
N ASN A 44 -10.18 -2.79 12.00
CA ASN A 44 -10.76 -3.60 10.93
C ASN A 44 -10.83 -2.82 9.61
N PHE A 45 -9.66 -2.67 8.97
CA PHE A 45 -9.55 -1.95 7.69
C PHE A 45 -10.84 -1.97 6.87
N LYS A 46 -11.75 -1.05 7.18
CA LYS A 46 -13.01 -0.97 6.47
C LYS A 46 -12.77 -0.72 4.98
N PRO A 47 -13.05 -1.72 4.12
CA PRO A 47 -12.84 -1.62 2.67
C PRO A 47 -13.47 -0.38 2.01
N THR A 48 -14.24 0.37 2.78
CA THR A 48 -14.90 1.57 2.26
C THR A 48 -13.86 2.56 1.75
N LYS A 49 -12.95 2.96 2.62
CA LYS A 49 -11.89 3.90 2.27
C LYS A 49 -10.53 3.32 2.64
N TYR A 50 -10.53 2.35 3.57
CA TYR A 50 -9.29 1.72 4.00
C TYR A 50 -8.78 0.72 2.97
N SER A 51 -9.68 0.19 2.13
CA SER A 51 -9.27 -0.78 1.11
C SER A 51 -8.34 -0.15 0.07
N SER A 52 -7.19 0.32 0.52
CA SER A 52 -6.20 0.95 -0.35
C SER A 52 -4.96 1.30 0.44
N ILE A 53 -3.84 1.39 -0.24
CA ILE A 53 -2.57 1.69 0.40
C ILE A 53 -1.84 2.76 -0.40
N CYS A 54 -0.95 3.50 0.25
CA CYS A 54 -0.22 4.53 -0.46
C CYS A 54 1.26 4.12 -0.63
N SER A 55 1.95 4.72 -1.60
CA SER A 55 3.34 4.37 -1.90
C SER A 55 4.28 4.46 -0.70
N GLU A 56 4.10 5.48 0.12
CA GLU A 56 4.93 5.72 1.28
C GLU A 56 5.35 4.46 2.03
N HIS A 57 4.55 3.39 1.95
CA HIS A 57 4.87 2.16 2.67
C HIS A 57 5.44 1.08 1.74
N PHE A 58 5.26 1.26 0.43
CA PHE A 58 5.79 0.29 -0.53
C PHE A 58 7.23 0.60 -0.88
N THR A 59 7.98 -0.42 -1.30
CA THR A 59 9.38 -0.23 -1.69
C THR A 59 9.49 0.11 -3.16
N PRO A 60 10.43 1.00 -3.51
CA PRO A 60 10.67 1.42 -4.90
C PRO A 60 10.87 0.23 -5.83
N ASP A 61 11.56 -0.78 -5.34
CA ASP A 61 11.84 -1.98 -6.13
C ASP A 61 10.55 -2.63 -6.64
N CYS A 62 9.49 -2.47 -5.86
CA CYS A 62 8.20 -3.04 -6.21
C CYS A 62 7.38 -2.08 -7.08
N PHE A 63 7.92 -0.88 -7.33
CA PHE A 63 7.23 0.12 -8.15
C PHE A 63 8.00 0.39 -9.44
N LYS A 64 8.34 -0.68 -10.15
CA LYS A 64 9.09 -0.54 -11.40
C LYS A 64 8.21 -0.86 -12.61
N ARG A 65 6.91 -1.02 -12.39
CA ARG A 65 5.99 -1.31 -13.48
C ARG A 65 5.46 -0.02 -14.11
N GLU A 66 5.58 0.09 -15.43
CA GLU A 66 5.13 1.28 -16.14
C GLU A 66 3.66 1.57 -15.86
N CYS A 67 2.88 0.52 -15.61
CA CYS A 67 1.46 0.67 -15.34
C CYS A 67 1.23 1.43 -14.02
N ASN A 68 1.46 2.75 -14.02
CA ASN A 68 1.27 3.55 -12.82
C ASN A 68 -0.12 3.31 -12.21
N ASN A 69 -1.09 3.03 -13.07
CA ASN A 69 -2.45 2.79 -12.62
C ASN A 69 -2.57 1.45 -11.88
N LYS A 70 -1.54 0.63 -11.98
CA LYS A 70 -1.55 -0.68 -11.32
C LYS A 70 -0.14 -1.14 -10.95
N LEU A 71 0.24 -0.96 -9.69
CA LEU A 71 1.55 -1.37 -9.22
C LEU A 71 1.44 -2.02 -7.84
N LEU A 72 1.29 -3.33 -7.82
CA LEU A 72 1.19 -4.07 -6.57
C LEU A 72 1.22 -5.57 -6.84
N LYS A 73 2.04 -5.98 -7.81
CA LYS A 73 2.16 -7.38 -8.20
C LYS A 73 2.62 -8.26 -7.03
N GLU A 74 2.75 -9.55 -7.30
CA GLU A 74 3.18 -10.53 -6.31
C GLU A 74 4.39 -10.03 -5.52
N ASN A 75 5.20 -9.20 -6.14
CA ASN A 75 6.37 -8.64 -5.49
C ASN A 75 5.95 -7.66 -4.41
N ALA A 76 4.96 -6.84 -4.77
CA ALA A 76 4.41 -5.82 -3.89
C ALA A 76 4.37 -6.23 -2.44
N VAL A 77 4.65 -5.26 -1.57
CA VAL A 77 4.66 -5.48 -0.14
C VAL A 77 4.84 -4.13 0.59
N PRO A 78 4.11 -3.90 1.69
CA PRO A 78 4.19 -2.66 2.47
C PRO A 78 5.24 -2.72 3.57
N THR A 79 6.32 -3.46 3.30
CA THR A 79 7.44 -3.66 4.24
C THR A 79 7.34 -2.85 5.53
N ILE A 80 7.23 -1.53 5.42
CA ILE A 80 7.16 -0.65 6.57
C ILE A 80 6.30 -1.21 7.72
N PHE A 81 5.29 -2.02 7.38
CA PHE A 81 4.41 -2.60 8.38
C PHE A 81 4.48 -4.13 8.39
N LEU A 82 5.31 -4.70 7.51
CA LEU A 82 5.46 -6.14 7.43
C LEU A 82 6.04 -6.70 8.72
N GLU A 83 5.81 -8.00 8.94
CA GLU A 83 6.31 -8.68 10.13
C GLU A 83 7.81 -8.49 10.31
N LEU A 84 8.52 -8.32 9.19
CA LEU A 84 9.98 -8.13 9.19
C LEU A 84 10.50 -7.57 10.52
N VAL A 85 10.39 -6.26 10.70
CA VAL A 85 10.86 -5.63 11.93
C VAL A 85 9.92 -4.49 12.35
N PRO A 86 9.58 -4.42 13.65
CA PRO A 86 8.69 -3.37 14.19
C PRO A 86 9.23 -1.97 13.94
N ARG A 87 8.82 -1.02 14.78
CA ARG A 87 9.27 0.36 14.65
C ARG A 87 10.63 0.55 15.30
ZN ZN B . 0.08 5.71 3.63
N MET A 1 -1.68 16.96 1.47
CA MET A 1 -2.71 16.00 1.97
C MET A 1 -4.00 16.11 1.16
N VAL A 2 -4.03 15.49 0.00
CA VAL A 2 -5.21 15.52 -0.87
C VAL A 2 -5.80 14.11 -1.04
N GLN A 3 -5.43 13.19 -0.14
CA GLN A 3 -5.91 11.83 -0.18
C GLN A 3 -5.33 11.04 0.99
N SER A 4 -6.16 10.22 1.59
CA SER A 4 -5.73 9.42 2.74
C SER A 4 -5.31 8.02 2.34
N CYS A 5 -4.70 7.34 3.30
CA CYS A 5 -4.21 5.97 3.13
C CYS A 5 -4.66 5.14 4.33
N SER A 6 -4.41 3.82 4.30
CA SER A 6 -4.85 2.96 5.39
C SER A 6 -4.03 3.22 6.64
N ALA A 7 -2.73 3.31 6.46
CA ALA A 7 -1.80 3.56 7.58
C ALA A 7 -2.33 4.65 8.50
N TYR A 8 -2.32 4.37 9.81
CA TYR A 8 -2.81 5.32 10.81
C TYR A 8 -2.07 6.66 10.72
N GLY A 9 -2.83 7.75 10.64
CA GLY A 9 -2.25 9.07 10.55
C GLY A 9 -0.99 9.11 9.69
N CYS A 10 -1.16 8.73 8.44
CA CYS A 10 -0.05 8.69 7.50
C CYS A 10 0.30 10.09 6.99
N LYS A 11 1.55 10.24 6.54
CA LYS A 11 2.05 11.51 6.03
C LYS A 11 1.64 11.76 4.58
N ASN A 12 1.34 10.67 3.87
CA ASN A 12 0.95 10.72 2.47
C ASN A 12 0.20 12.00 2.06
N ARG A 13 0.22 12.27 0.77
CA ARG A 13 -0.47 13.43 0.22
C ARG A 13 -0.47 13.40 -1.31
N TYR A 14 -1.67 13.33 -1.88
CA TYR A 14 -1.82 13.30 -3.33
C TYR A 14 -1.53 14.67 -3.92
N ASP A 15 -0.25 14.98 -4.09
CA ASP A 15 0.17 16.27 -4.65
C ASP A 15 0.94 16.08 -5.94
N LYS A 16 0.92 17.10 -6.79
CA LYS A 16 1.62 17.06 -8.06
C LYS A 16 3.12 16.92 -7.85
N ASP A 17 3.59 17.40 -6.71
CA ASP A 17 4.99 17.35 -6.36
C ASP A 17 5.34 16.01 -5.72
N LYS A 18 4.61 15.67 -4.66
CA LYS A 18 4.82 14.43 -3.94
C LYS A 18 4.35 13.23 -4.76
N PRO A 19 5.28 12.41 -5.28
CA PRO A 19 4.96 11.23 -6.10
C PRO A 19 4.45 10.04 -5.30
N VAL A 20 3.73 10.32 -4.25
CA VAL A 20 3.19 9.30 -3.38
C VAL A 20 1.94 8.65 -3.98
N SER A 21 2.16 7.64 -4.83
CA SER A 21 1.05 6.94 -5.47
C SER A 21 0.22 6.17 -4.46
N PHE A 22 -1.00 5.79 -4.87
CA PHE A 22 -1.90 5.05 -4.00
C PHE A 22 -2.39 3.78 -4.68
N HIS A 23 -2.67 2.75 -3.87
CA HIS A 23 -3.13 1.47 -4.41
C HIS A 23 -4.24 0.87 -3.55
N LYS A 24 -5.36 0.52 -4.17
CA LYS A 24 -6.48 -0.08 -3.47
C LYS A 24 -6.17 -1.52 -3.09
N PHE A 25 -6.90 -2.08 -2.12
CA PHE A 25 -6.65 -3.45 -1.70
C PHE A 25 -6.88 -4.40 -2.86
N PRO A 26 -5.92 -5.31 -3.10
CA PRO A 26 -5.98 -6.26 -4.21
C PRO A 26 -6.65 -7.58 -3.85
N LEU A 27 -7.18 -8.25 -4.87
CA LEU A 27 -7.85 -9.53 -4.70
C LEU A 27 -7.03 -10.66 -5.29
N THR A 28 -6.25 -10.36 -6.32
CA THR A 28 -5.41 -11.36 -6.97
C THR A 28 -4.36 -11.87 -5.99
N ARG A 29 -4.01 -11.03 -5.02
CA ARG A 29 -3.04 -11.35 -4.01
C ARG A 29 -3.74 -11.53 -2.67
N PRO A 30 -4.10 -12.79 -2.31
CA PRO A 30 -4.81 -13.10 -1.07
C PRO A 30 -3.92 -13.49 0.13
N SER A 31 -3.31 -14.67 0.08
CA SER A 31 -2.45 -15.11 1.18
C SER A 31 -1.45 -14.02 1.51
N LEU A 32 -0.76 -13.58 0.48
CA LEU A 32 0.21 -12.50 0.60
C LEU A 32 -0.52 -11.27 1.14
N CYS A 33 -1.78 -11.12 0.73
CA CYS A 33 -2.62 -10.00 1.14
C CYS A 33 -2.62 -9.83 2.65
N LYS A 34 -2.46 -10.94 3.36
CA LYS A 34 -2.41 -10.91 4.81
C LYS A 34 -1.36 -9.88 5.21
N GLU A 35 -0.28 -9.87 4.45
CA GLU A 35 0.80 -8.94 4.67
C GLU A 35 0.29 -7.52 4.66
N TRP A 36 -0.61 -7.28 3.72
CA TRP A 36 -1.22 -5.96 3.58
C TRP A 36 -1.91 -5.58 4.87
N GLU A 37 -2.48 -6.57 5.56
CA GLU A 37 -3.12 -6.31 6.83
C GLU A 37 -2.13 -5.61 7.74
N ALA A 38 -0.89 -6.07 7.70
CA ALA A 38 0.18 -5.48 8.50
C ALA A 38 0.40 -4.05 8.08
N ALA A 39 0.24 -3.80 6.79
CA ALA A 39 0.38 -2.47 6.22
C ALA A 39 -0.54 -1.50 6.94
N VAL A 40 -1.62 -2.03 7.50
CA VAL A 40 -2.59 -1.22 8.20
C VAL A 40 -2.37 -1.22 9.70
N ARG A 41 -2.35 -2.39 10.31
CA ARG A 41 -2.15 -2.51 11.75
C ARG A 41 -3.19 -1.69 12.51
N ARG A 42 -4.34 -1.47 11.87
CA ARG A 42 -5.44 -0.71 12.47
C ARG A 42 -6.62 -1.62 12.79
N LYS A 43 -7.81 -1.04 12.89
CA LYS A 43 -9.02 -1.80 13.19
C LYS A 43 -9.41 -2.68 12.00
N ASN A 44 -10.68 -3.10 11.97
CA ASN A 44 -11.17 -3.95 10.89
C ASN A 44 -11.22 -3.19 9.56
N PHE A 45 -10.04 -2.89 9.01
CA PHE A 45 -9.91 -2.16 7.74
C PHE A 45 -11.11 -2.35 6.81
N LYS A 46 -12.15 -1.54 7.02
CA LYS A 46 -13.35 -1.62 6.20
C LYS A 46 -13.01 -1.28 4.74
N PRO A 47 -13.05 -2.27 3.84
CA PRO A 47 -12.73 -2.11 2.41
C PRO A 47 -13.51 -0.99 1.69
N THR A 48 -14.39 -0.31 2.40
CA THR A 48 -15.18 0.76 1.79
C THR A 48 -14.26 1.85 1.23
N LYS A 49 -13.73 2.70 2.10
CA LYS A 49 -12.83 3.76 1.66
C LYS A 49 -11.40 3.47 2.15
N TYR A 50 -11.26 2.47 3.02
CA TYR A 50 -9.96 2.11 3.56
C TYR A 50 -9.21 1.14 2.65
N SER A 51 -9.93 0.39 1.80
CA SER A 51 -9.30 -0.57 0.89
C SER A 51 -8.24 0.10 0.01
N SER A 52 -7.12 0.49 0.61
CA SER A 52 -6.04 1.12 -0.16
C SER A 52 -4.82 1.38 0.72
N ILE A 53 -3.67 1.45 0.07
CA ILE A 53 -2.40 1.68 0.73
C ILE A 53 -1.61 2.72 -0.07
N CYS A 54 -0.68 3.41 0.57
CA CYS A 54 0.10 4.41 -0.13
C CYS A 54 1.55 3.93 -0.33
N SER A 55 2.26 4.51 -1.31
CA SER A 55 3.63 4.11 -1.63
C SER A 55 4.61 4.20 -0.46
N GLU A 56 4.46 5.23 0.37
CA GLU A 56 5.34 5.46 1.49
C GLU A 56 5.74 4.19 2.23
N HIS A 57 4.91 3.15 2.17
CA HIS A 57 5.19 1.89 2.86
C HIS A 57 5.76 0.84 1.91
N PHE A 58 5.45 0.97 0.63
CA PHE A 58 5.92 0.01 -0.36
C PHE A 58 7.36 0.32 -0.77
N THR A 59 8.09 -0.71 -1.21
CA THR A 59 9.47 -0.53 -1.65
C THR A 59 9.53 -0.19 -3.14
N PRO A 60 10.47 0.67 -3.52
CA PRO A 60 10.65 1.09 -4.92
C PRO A 60 10.75 -0.11 -5.86
N ASP A 61 11.43 -1.16 -5.40
CA ASP A 61 11.61 -2.37 -6.19
C ASP A 61 10.27 -3.01 -6.55
N CYS A 62 9.27 -2.77 -5.72
CA CYS A 62 7.94 -3.33 -5.94
C CYS A 62 7.19 -2.56 -7.04
N PHE A 63 7.81 -1.51 -7.58
CA PHE A 63 7.20 -0.71 -8.63
C PHE A 63 7.73 -1.13 -10.00
N LYS A 64 7.80 -2.44 -10.21
CA LYS A 64 8.29 -3.00 -11.48
C LYS A 64 7.75 -2.22 -12.68
N ARG A 65 6.51 -2.52 -13.07
CA ARG A 65 5.89 -1.84 -14.21
C ARG A 65 5.83 -0.33 -13.98
N GLU A 66 5.97 0.43 -15.06
CA GLU A 66 5.93 1.88 -14.98
C GLU A 66 4.60 2.42 -15.51
N CYS A 67 3.53 1.66 -15.30
CA CYS A 67 2.20 2.05 -15.75
C CYS A 67 1.79 3.38 -15.11
N ASN A 68 0.54 3.79 -15.35
CA ASN A 68 0.03 5.03 -14.81
C ASN A 68 -0.12 4.94 -13.28
N ASN A 69 -1.05 4.11 -12.83
CA ASN A 69 -1.29 3.94 -11.40
C ASN A 69 -1.68 2.50 -11.07
N LYS A 70 -0.70 1.58 -11.14
CA LYS A 70 -0.97 0.19 -10.83
C LYS A 70 0.33 -0.56 -10.54
N LEU A 71 0.74 -0.54 -9.26
CA LEU A 71 1.96 -1.21 -8.84
C LEU A 71 1.77 -1.91 -7.50
N LEU A 72 1.43 -3.19 -7.55
CA LEU A 72 1.22 -3.99 -6.35
C LEU A 72 1.05 -5.46 -6.72
N LYS A 73 1.89 -5.93 -7.63
CA LYS A 73 1.86 -7.32 -8.10
C LYS A 73 2.16 -8.30 -6.96
N GLU A 74 2.15 -9.59 -7.32
CA GLU A 74 2.42 -10.66 -6.36
C GLU A 74 3.65 -10.36 -5.50
N ASN A 75 4.58 -9.61 -6.06
CA ASN A 75 5.80 -9.24 -5.35
C ASN A 75 5.49 -8.23 -4.26
N ALA A 76 4.64 -7.27 -4.61
CA ALA A 76 4.22 -6.20 -3.72
C ALA A 76 4.17 -6.61 -2.27
N VAL A 77 4.53 -5.66 -1.41
CA VAL A 77 4.55 -5.85 0.03
C VAL A 77 4.83 -4.52 0.74
N PRO A 78 4.14 -4.22 1.84
CA PRO A 78 4.32 -2.98 2.60
C PRO A 78 5.42 -3.07 3.66
N THR A 79 6.47 -3.84 3.35
CA THR A 79 7.62 -4.06 4.24
C THR A 79 7.59 -3.26 5.53
N ILE A 80 7.51 -1.93 5.42
CA ILE A 80 7.51 -1.06 6.59
C ILE A 80 6.68 -1.61 7.76
N PHE A 81 5.64 -2.37 7.44
CA PHE A 81 4.79 -2.94 8.48
C PHE A 81 4.92 -4.47 8.51
N LEU A 82 5.54 -5.04 7.49
CA LEU A 82 5.73 -6.48 7.42
C LEU A 82 6.45 -7.00 8.66
N GLU A 83 6.24 -8.28 8.98
CA GLU A 83 6.88 -8.88 10.14
C GLU A 83 8.39 -8.93 9.99
N LEU A 84 8.86 -9.53 8.90
CA LEU A 84 10.29 -9.64 8.63
C LEU A 84 10.56 -9.89 7.16
N VAL A 85 11.83 -9.80 6.77
CA VAL A 85 12.23 -10.01 5.39
C VAL A 85 13.12 -11.24 5.25
N PRO A 86 12.53 -12.41 4.96
CA PRO A 86 13.27 -13.66 4.80
C PRO A 86 14.33 -13.59 3.70
N ARG A 87 15.59 -13.72 4.09
CA ARG A 87 16.69 -13.66 3.14
C ARG A 87 17.98 -14.18 3.77
ZN ZN B . 0.54 5.53 3.97
N MET A 1 -1.82 16.79 1.79
CA MET A 1 -3.05 16.13 2.28
C MET A 1 -4.17 16.23 1.24
N VAL A 2 -3.97 15.59 0.10
CA VAL A 2 -4.96 15.60 -0.98
C VAL A 2 -5.50 14.20 -1.25
N GLN A 3 -5.30 13.29 -0.28
CA GLN A 3 -5.77 11.92 -0.40
C GLN A 3 -5.31 11.13 0.81
N SER A 4 -6.16 10.24 1.29
CA SER A 4 -5.83 9.43 2.46
C SER A 4 -5.36 8.03 2.10
N CYS A 5 -4.82 7.36 3.09
CA CYS A 5 -4.30 6.00 2.95
C CYS A 5 -4.78 5.16 4.15
N SER A 6 -4.52 3.86 4.12
CA SER A 6 -4.96 2.99 5.22
C SER A 6 -4.20 3.30 6.49
N ALA A 7 -2.89 3.40 6.34
CA ALA A 7 -2.02 3.71 7.47
C ALA A 7 -2.57 4.86 8.31
N TYR A 8 -2.93 4.55 9.56
CA TYR A 8 -3.49 5.55 10.47
C TYR A 8 -2.65 6.83 10.49
N GLY A 9 -3.31 7.97 10.29
CA GLY A 9 -2.63 9.25 10.29
C GLY A 9 -1.33 9.23 9.52
N CYS A 10 -1.42 8.82 8.27
CA CYS A 10 -0.26 8.72 7.41
C CYS A 10 0.16 10.11 6.91
N LYS A 11 1.42 10.23 6.49
CA LYS A 11 1.97 11.49 6.00
C LYS A 11 1.70 11.68 4.50
N ASN A 12 1.21 10.64 3.86
CA ASN A 12 0.91 10.66 2.44
C ASN A 12 0.30 11.98 1.97
N ARG A 13 0.36 12.23 0.67
CA ARG A 13 -0.21 13.43 0.08
C ARG A 13 -0.21 13.38 -1.43
N TYR A 14 -1.40 13.37 -2.02
CA TYR A 14 -1.54 13.33 -3.47
C TYR A 14 -1.23 14.69 -4.09
N ASP A 15 0.06 14.99 -4.25
CA ASP A 15 0.48 16.27 -4.82
C ASP A 15 1.24 16.05 -6.12
N LYS A 16 1.19 17.05 -7.00
CA LYS A 16 1.89 16.97 -8.28
C LYS A 16 3.39 16.81 -8.08
N ASP A 17 3.87 17.31 -6.95
CA ASP A 17 5.29 17.24 -6.61
C ASP A 17 5.61 15.90 -5.98
N LYS A 18 4.90 15.58 -4.90
CA LYS A 18 5.09 14.34 -4.19
C LYS A 18 4.70 13.15 -5.05
N PRO A 19 5.68 12.33 -5.49
CA PRO A 19 5.42 11.16 -6.35
C PRO A 19 4.80 9.99 -5.60
N VAL A 20 4.04 10.30 -4.59
CA VAL A 20 3.37 9.29 -3.77
C VAL A 20 2.10 8.78 -4.43
N SER A 21 2.15 7.55 -4.92
CA SER A 21 1.01 6.93 -5.57
C SER A 21 0.16 6.15 -4.56
N PHE A 22 -1.07 5.83 -4.97
CA PHE A 22 -1.98 5.10 -4.09
C PHE A 22 -2.48 3.83 -4.76
N HIS A 23 -2.77 2.81 -3.96
CA HIS A 23 -3.24 1.52 -4.50
C HIS A 23 -4.34 0.92 -3.63
N LYS A 24 -5.48 0.59 -4.24
CA LYS A 24 -6.60 -0.01 -3.52
C LYS A 24 -6.27 -1.45 -3.13
N PHE A 25 -6.97 -1.99 -2.13
CA PHE A 25 -6.73 -3.36 -1.70
C PHE A 25 -6.98 -4.32 -2.85
N PRO A 26 -6.04 -5.24 -3.10
CA PRO A 26 -6.12 -6.19 -4.20
C PRO A 26 -6.80 -7.50 -3.85
N LEU A 27 -7.35 -8.17 -4.86
CA LEU A 27 -8.03 -9.43 -4.68
C LEU A 27 -7.23 -10.58 -5.30
N THR A 28 -6.46 -10.27 -6.35
CA THR A 28 -5.65 -11.26 -7.03
C THR A 28 -4.57 -11.78 -6.08
N ARG A 29 -4.18 -10.94 -5.13
CA ARG A 29 -3.16 -11.28 -4.16
C ARG A 29 -3.81 -11.50 -2.80
N PRO A 30 -4.14 -12.77 -2.45
CA PRO A 30 -4.82 -13.11 -1.20
C PRO A 30 -3.89 -13.50 -0.03
N SER A 31 -3.25 -14.66 -0.10
CA SER A 31 -2.35 -15.10 0.98
C SER A 31 -1.36 -13.99 1.27
N LEU A 32 -0.72 -13.54 0.22
CA LEU A 32 0.23 -12.44 0.29
C LEU A 32 -0.48 -11.22 0.87
N CYS A 33 -1.76 -11.09 0.52
CA CYS A 33 -2.59 -9.99 0.97
C CYS A 33 -2.56 -9.85 2.48
N LYS A 34 -2.39 -10.97 3.17
CA LYS A 34 -2.32 -10.96 4.62
C LYS A 34 -1.28 -9.94 5.04
N GLU A 35 -0.22 -9.87 4.24
CA GLU A 35 0.85 -8.94 4.45
C GLU A 35 0.31 -7.53 4.47
N TRP A 36 -0.60 -7.28 3.55
CA TRP A 36 -1.22 -5.98 3.44
C TRP A 36 -1.91 -5.62 4.74
N GLU A 37 -2.45 -6.64 5.42
CA GLU A 37 -3.09 -6.40 6.70
C GLU A 37 -2.12 -5.65 7.61
N ALA A 38 -0.87 -6.08 7.56
CA ALA A 38 0.17 -5.44 8.35
C ALA A 38 0.34 -4.00 7.91
N ALA A 39 0.19 -3.79 6.62
CA ALA A 39 0.28 -2.47 6.04
C ALA A 39 -0.64 -1.50 6.76
N VAL A 40 -1.70 -2.05 7.35
CA VAL A 40 -2.66 -1.23 8.06
C VAL A 40 -2.27 -1.04 9.53
N ARG A 41 -2.18 -2.14 10.27
CA ARG A 41 -1.83 -2.11 11.68
C ARG A 41 -2.98 -1.59 12.55
N ARG A 42 -3.97 -0.97 11.92
CA ARG A 42 -5.12 -0.44 12.65
C ARG A 42 -6.18 -1.52 12.85
N LYS A 43 -7.38 -1.11 13.25
CA LYS A 43 -8.47 -2.05 13.50
C LYS A 43 -8.72 -2.91 12.26
N ASN A 44 -9.82 -3.66 12.26
CA ASN A 44 -10.17 -4.53 11.14
C ASN A 44 -10.25 -3.75 9.83
N PHE A 45 -9.09 -3.46 9.22
CA PHE A 45 -9.01 -2.73 7.95
C PHE A 45 -10.27 -2.88 7.11
N LYS A 46 -11.24 -2.01 7.35
CA LYS A 46 -12.50 -2.04 6.62
C LYS A 46 -12.32 -1.52 5.20
N PRO A 47 -12.40 -2.41 4.19
CA PRO A 47 -12.22 -2.05 2.77
C PRO A 47 -13.19 -1.00 2.23
N THR A 48 -14.09 -0.54 3.08
CA THR A 48 -15.09 0.45 2.68
C THR A 48 -14.44 1.75 2.21
N LYS A 49 -13.55 2.27 3.05
CA LYS A 49 -12.85 3.52 2.74
C LYS A 49 -11.34 3.33 2.84
N TYR A 50 -10.93 2.40 3.70
CA TYR A 50 -9.52 2.13 3.90
C TYR A 50 -8.96 1.17 2.85
N SER A 51 -9.82 0.51 2.08
CA SER A 51 -9.36 -0.43 1.04
C SER A 51 -8.34 0.21 0.09
N SER A 52 -7.17 0.58 0.62
CA SER A 52 -6.13 1.19 -0.19
C SER A 52 -4.88 1.45 0.64
N ILE A 53 -3.74 1.50 -0.03
CA ILE A 53 -2.46 1.73 0.62
C ILE A 53 -1.68 2.77 -0.17
N CYS A 54 -0.75 3.45 0.48
CA CYS A 54 0.04 4.46 -0.22
C CYS A 54 1.48 3.97 -0.40
N SER A 55 2.19 4.52 -1.39
CA SER A 55 3.55 4.09 -1.70
C SER A 55 4.52 4.23 -0.52
N GLU A 56 4.37 5.26 0.28
CA GLU A 56 5.24 5.52 1.41
C GLU A 56 5.66 4.24 2.15
N HIS A 57 4.82 3.21 2.09
CA HIS A 57 5.11 1.95 2.79
C HIS A 57 5.69 0.91 1.83
N PHE A 58 5.33 1.00 0.57
CA PHE A 58 5.82 0.06 -0.44
C PHE A 58 7.27 0.36 -0.81
N THR A 59 7.95 -0.61 -1.42
CA THR A 59 9.34 -0.43 -1.83
C THR A 59 9.42 0.47 -3.06
N PRO A 60 10.47 1.31 -3.12
CA PRO A 60 10.71 2.22 -4.25
C PRO A 60 10.68 1.50 -5.60
N ASP A 61 11.22 0.29 -5.61
CA ASP A 61 11.29 -0.52 -6.82
C ASP A 61 9.90 -0.93 -7.32
N CYS A 62 8.92 -0.89 -6.43
CA CYS A 62 7.56 -1.27 -6.79
C CYS A 62 6.75 -0.07 -7.28
N PHE A 63 7.45 0.96 -7.77
CA PHE A 63 6.80 2.17 -8.26
C PHE A 63 7.04 2.33 -9.76
N LYS A 64 7.17 1.22 -10.47
CA LYS A 64 7.41 1.25 -11.90
C LYS A 64 6.32 2.03 -12.63
N ARG A 65 5.23 1.36 -13.00
CA ARG A 65 4.13 2.01 -13.69
C ARG A 65 3.01 1.01 -14.01
N GLU A 66 1.80 1.53 -14.19
CA GLU A 66 0.65 0.68 -14.50
C GLU A 66 0.81 0.03 -15.87
N CYS A 67 0.44 -1.24 -15.96
CA CYS A 67 0.55 -1.97 -17.21
C CYS A 67 -0.20 -3.30 -17.13
N ASN A 68 -0.07 -4.12 -18.17
CA ASN A 68 -0.73 -5.42 -18.21
C ASN A 68 -0.35 -6.25 -16.99
N ASN A 69 0.87 -6.05 -16.49
CA ASN A 69 1.35 -6.77 -15.32
C ASN A 69 2.50 -6.02 -14.65
N LYS A 70 2.23 -4.78 -14.25
CA LYS A 70 3.24 -3.96 -13.59
C LYS A 70 2.64 -3.14 -12.45
N LEU A 71 1.81 -3.79 -11.64
CA LEU A 71 1.17 -3.14 -10.50
C LEU A 71 1.19 -4.05 -9.28
N LEU A 72 1.02 -3.47 -8.10
CA LEU A 72 1.02 -4.20 -6.81
C LEU A 72 0.70 -5.69 -7.00
N LYS A 73 1.67 -6.43 -7.51
CA LYS A 73 1.51 -7.86 -7.77
C LYS A 73 2.16 -8.70 -6.67
N GLU A 74 2.25 -10.00 -6.94
CA GLU A 74 2.84 -10.96 -6.01
C GLU A 74 4.10 -10.41 -5.34
N ASN A 75 4.79 -9.53 -6.04
CA ASN A 75 6.00 -8.92 -5.50
C ASN A 75 5.65 -7.89 -4.44
N ALA A 76 4.65 -7.08 -4.76
CA ALA A 76 4.18 -6.02 -3.89
C ALA A 76 4.13 -6.44 -2.43
N VAL A 77 4.48 -5.49 -1.56
CA VAL A 77 4.50 -5.72 -0.12
C VAL A 77 4.76 -4.39 0.61
N PRO A 78 4.06 -4.13 1.74
CA PRO A 78 4.22 -2.91 2.52
C PRO A 78 5.29 -3.02 3.60
N THR A 79 6.35 -3.78 3.29
CA THR A 79 7.50 -4.02 4.20
C THR A 79 7.46 -3.20 5.50
N ILE A 80 7.35 -1.88 5.38
CA ILE A 80 7.35 -1.00 6.54
C ILE A 80 6.56 -1.57 7.73
N PHE A 81 5.44 -2.23 7.46
CA PHE A 81 4.62 -2.79 8.52
C PHE A 81 4.87 -4.29 8.68
N LEU A 82 5.49 -4.89 7.66
CA LEU A 82 5.79 -6.32 7.70
C LEU A 82 6.95 -6.60 8.64
N GLU A 83 6.70 -7.39 9.68
CA GLU A 83 7.74 -7.73 10.65
C GLU A 83 9.01 -8.21 9.97
N LEU A 84 8.85 -8.98 8.90
CA LEU A 84 9.98 -9.51 8.16
C LEU A 84 10.69 -8.39 7.39
N VAL A 85 11.58 -8.77 6.47
CA VAL A 85 12.31 -7.79 5.67
C VAL A 85 11.86 -7.83 4.22
N PRO A 86 12.16 -6.76 3.45
CA PRO A 86 11.79 -6.66 2.03
C PRO A 86 12.41 -7.78 1.19
N ARG A 87 12.56 -7.52 -0.10
CA ARG A 87 13.14 -8.50 -1.02
C ARG A 87 14.52 -8.95 -0.54
ZN ZN B . 0.44 5.56 3.89
N MET A 1 -1.06 16.96 1.77
CA MET A 1 -2.06 15.87 1.96
C MET A 1 -3.29 16.08 1.08
N VAL A 2 -3.28 15.44 -0.08
CA VAL A 2 -4.40 15.55 -1.02
C VAL A 2 -5.08 14.21 -1.23
N GLN A 3 -4.85 13.28 -0.31
CA GLN A 3 -5.46 11.95 -0.39
C GLN A 3 -5.06 11.14 0.83
N SER A 4 -6.03 10.41 1.38
CA SER A 4 -5.78 9.58 2.54
C SER A 4 -5.28 8.20 2.17
N CYS A 5 -4.84 7.48 3.17
CA CYS A 5 -4.32 6.13 3.00
C CYS A 5 -4.76 5.28 4.20
N SER A 6 -4.52 3.97 4.15
CA SER A 6 -4.94 3.08 5.25
C SER A 6 -4.06 3.28 6.48
N ALA A 7 -2.76 3.33 6.25
CA ALA A 7 -1.78 3.50 7.33
C ALA A 7 -2.28 4.51 8.37
N TYR A 8 -2.51 4.03 9.59
CA TYR A 8 -2.98 4.88 10.68
C TYR A 8 -2.09 6.10 10.88
N GLY A 9 -2.72 7.28 10.93
CA GLY A 9 -1.96 8.50 11.12
C GLY A 9 -0.81 8.65 10.15
N CYS A 10 -1.09 8.41 8.89
CA CYS A 10 -0.08 8.51 7.84
C CYS A 10 0.21 9.96 7.48
N LYS A 11 1.36 10.20 6.85
CA LYS A 11 1.76 11.53 6.45
C LYS A 11 1.89 11.64 4.94
N ASN A 12 1.11 10.83 4.25
CA ASN A 12 1.11 10.78 2.79
C ASN A 12 0.79 12.14 2.17
N ARG A 13 0.90 12.20 0.85
CA ARG A 13 0.59 13.42 0.10
C ARG A 13 0.49 13.16 -1.40
N TYR A 14 -0.72 13.32 -1.94
CA TYR A 14 -0.96 13.11 -3.36
C TYR A 14 -0.76 14.41 -4.14
N ASP A 15 0.48 14.71 -4.51
CA ASP A 15 0.78 15.93 -5.25
C ASP A 15 1.51 15.63 -6.56
N LYS A 16 1.37 16.53 -7.52
CA LYS A 16 2.01 16.37 -8.82
C LYS A 16 3.53 16.27 -8.67
N ASP A 17 4.04 16.96 -7.67
CA ASP A 17 5.47 16.98 -7.40
C ASP A 17 5.88 15.73 -6.64
N LYS A 18 5.20 15.48 -5.53
CA LYS A 18 5.48 14.31 -4.71
C LYS A 18 5.19 13.03 -5.48
N PRO A 19 6.24 12.24 -5.79
CA PRO A 19 6.10 10.98 -6.54
C PRO A 19 5.43 9.87 -5.75
N VAL A 20 4.47 10.25 -4.94
CA VAL A 20 3.75 9.30 -4.10
C VAL A 20 2.40 8.95 -4.74
N SER A 21 2.24 7.68 -5.09
CA SER A 21 0.99 7.22 -5.70
C SER A 21 0.18 6.44 -4.66
N PHE A 22 -1.10 6.25 -4.95
CA PHE A 22 -1.98 5.53 -4.05
C PHE A 22 -2.56 4.28 -4.71
N HIS A 23 -2.77 3.24 -3.92
CA HIS A 23 -3.30 1.98 -4.44
C HIS A 23 -4.47 1.48 -3.61
N LYS A 24 -5.33 0.68 -4.23
CA LYS A 24 -6.49 0.12 -3.55
C LYS A 24 -6.21 -1.35 -3.19
N PHE A 25 -6.92 -1.89 -2.20
CA PHE A 25 -6.70 -3.27 -1.81
C PHE A 25 -6.95 -4.19 -3.01
N PRO A 26 -5.97 -5.05 -3.31
CA PRO A 26 -6.02 -5.96 -4.46
C PRO A 26 -6.65 -7.31 -4.15
N LEU A 27 -7.19 -7.94 -5.19
CA LEU A 27 -7.81 -9.24 -5.05
C LEU A 27 -6.98 -10.33 -5.75
N THR A 28 -6.19 -9.92 -6.73
CA THR A 28 -5.35 -10.86 -7.47
C THR A 28 -4.27 -11.43 -6.54
N ARG A 29 -3.86 -10.63 -5.58
CA ARG A 29 -2.86 -11.01 -4.61
C ARG A 29 -3.53 -11.30 -3.27
N PRO A 30 -3.82 -12.59 -2.97
CA PRO A 30 -4.52 -13.00 -1.74
C PRO A 30 -3.60 -13.40 -0.57
N SER A 31 -2.93 -14.55 -0.67
CA SER A 31 -2.06 -15.00 0.42
C SER A 31 -1.12 -13.88 0.80
N LEU A 32 -0.43 -13.36 -0.19
CA LEU A 32 0.47 -12.26 0.00
C LEU A 32 -0.31 -11.08 0.57
N CYS A 33 -1.56 -10.97 0.13
CA CYS A 33 -2.45 -9.90 0.59
C CYS A 33 -2.48 -9.81 2.10
N LYS A 34 -2.32 -10.95 2.75
CA LYS A 34 -2.31 -10.99 4.21
C LYS A 34 -1.29 -9.96 4.69
N GLU A 35 -0.21 -9.86 3.94
CA GLU A 35 0.84 -8.92 4.23
C GLU A 35 0.28 -7.53 4.28
N TRP A 36 -0.60 -7.24 3.33
CA TRP A 36 -1.24 -5.95 3.25
C TRP A 36 -1.97 -5.65 4.55
N GLU A 37 -2.51 -6.70 5.17
CA GLU A 37 -3.18 -6.51 6.44
C GLU A 37 -2.26 -5.79 7.41
N ALA A 38 -1.00 -6.20 7.38
CA ALA A 38 0.01 -5.59 8.23
C ALA A 38 0.17 -4.12 7.86
N ALA A 39 0.05 -3.86 6.57
CA ALA A 39 0.14 -2.51 6.04
C ALA A 39 -0.82 -1.58 6.76
N VAL A 40 -1.90 -2.16 7.27
CA VAL A 40 -2.91 -1.39 7.96
C VAL A 40 -2.60 -1.23 9.44
N ARG A 41 -2.54 -2.35 10.15
CA ARG A 41 -2.24 -2.32 11.58
C ARG A 41 -3.29 -1.50 12.33
N ARG A 42 -4.48 -1.38 11.74
CA ARG A 42 -5.57 -0.62 12.36
C ARG A 42 -6.51 -1.54 13.12
N LYS A 43 -7.57 -0.97 13.67
CA LYS A 43 -8.55 -1.74 14.43
C LYS A 43 -9.11 -2.89 13.60
N ASN A 44 -9.48 -2.60 12.36
CA ASN A 44 -10.02 -3.61 11.46
C ASN A 44 -10.12 -3.08 10.03
N PHE A 45 -8.97 -2.98 9.35
CA PHE A 45 -8.90 -2.49 7.96
C PHE A 45 -10.23 -2.60 7.22
N LYS A 46 -11.06 -1.59 7.36
CA LYS A 46 -12.38 -1.55 6.71
C LYS A 46 -12.24 -1.16 5.24
N PRO A 47 -12.37 -2.13 4.31
CA PRO A 47 -12.23 -1.89 2.86
C PRO A 47 -13.25 -0.92 2.26
N THR A 48 -14.15 -0.41 3.08
CA THR A 48 -15.17 0.52 2.61
C THR A 48 -14.54 1.77 1.99
N LYS A 49 -13.70 2.44 2.76
CA LYS A 49 -13.02 3.65 2.28
C LYS A 49 -11.52 3.52 2.47
N TYR A 50 -11.10 2.68 3.43
CA TYR A 50 -9.69 2.49 3.72
C TYR A 50 -9.04 1.54 2.71
N SER A 51 -9.84 0.72 2.03
CA SER A 51 -9.33 -0.24 1.04
C SER A 51 -8.30 0.40 0.09
N SER A 52 -7.14 0.78 0.63
CA SER A 52 -6.09 1.39 -0.19
C SER A 52 -4.83 1.63 0.65
N ILE A 53 -3.70 1.68 -0.03
CA ILE A 53 -2.44 1.90 0.64
C ILE A 53 -1.64 2.95 -0.14
N CYS A 54 -0.72 3.64 0.52
CA CYS A 54 0.07 4.66 -0.14
C CYS A 54 1.53 4.20 -0.33
N SER A 55 2.24 4.85 -1.24
CA SER A 55 3.62 4.47 -1.56
C SER A 55 4.56 4.46 -0.34
N GLU A 56 4.40 5.44 0.54
CA GLU A 56 5.23 5.58 1.72
C GLU A 56 5.57 4.25 2.42
N HIS A 57 4.72 3.24 2.27
CA HIS A 57 4.95 1.95 2.95
C HIS A 57 5.43 0.88 1.98
N PHE A 58 5.46 1.19 0.70
CA PHE A 58 5.91 0.22 -0.30
C PHE A 58 7.36 0.46 -0.68
N THR A 59 8.03 -0.59 -1.16
CA THR A 59 9.43 -0.47 -1.57
C THR A 59 9.53 0.04 -3.00
N PRO A 60 10.55 0.87 -3.27
CA PRO A 60 10.79 1.44 -4.60
C PRO A 60 10.81 0.37 -5.68
N ASP A 61 11.40 -0.77 -5.34
CA ASP A 61 11.51 -1.89 -6.28
C ASP A 61 10.13 -2.43 -6.64
N CYS A 62 9.20 -2.32 -5.71
CA CYS A 62 7.84 -2.80 -5.93
C CYS A 62 7.02 -1.80 -6.74
N PHE A 63 7.62 -0.67 -7.11
CA PHE A 63 6.94 0.35 -7.90
C PHE A 63 7.39 0.28 -9.35
N LYS A 64 7.43 -0.93 -9.89
CA LYS A 64 7.84 -1.18 -11.28
C LYS A 64 7.58 0.03 -12.18
N ARG A 65 6.37 0.58 -12.13
CA ARG A 65 6.03 1.73 -12.96
C ARG A 65 4.77 2.43 -12.45
N GLU A 66 4.61 3.70 -12.81
CA GLU A 66 3.45 4.47 -12.40
C GLU A 66 2.17 3.82 -12.89
N CYS A 67 1.04 4.47 -12.63
CA CYS A 67 -0.26 3.94 -13.06
C CYS A 67 -0.39 3.91 -14.60
N ASN A 68 0.33 3.00 -15.26
CA ASN A 68 0.28 2.89 -16.70
C ASN A 68 -0.72 1.81 -17.12
N ASN A 69 -0.40 0.57 -16.79
CA ASN A 69 -1.26 -0.56 -17.11
C ASN A 69 -1.07 -1.70 -16.10
N LYS A 70 -0.58 -1.35 -14.91
CA LYS A 70 -0.35 -2.32 -13.86
C LYS A 70 0.09 -1.61 -12.57
N LEU A 71 -0.20 -2.25 -11.44
CA LEU A 71 0.15 -1.68 -10.14
C LEU A 71 0.62 -2.78 -9.18
N LEU A 72 0.92 -2.40 -7.92
CA LEU A 72 1.39 -3.34 -6.88
C LEU A 72 1.29 -4.81 -7.32
N LYS A 73 2.23 -5.23 -8.15
CA LYS A 73 2.26 -6.59 -8.66
C LYS A 73 2.45 -7.61 -7.54
N GLU A 74 2.49 -8.88 -7.92
CA GLU A 74 2.67 -9.97 -6.95
C GLU A 74 3.85 -9.70 -6.02
N ASN A 75 4.80 -8.91 -6.49
CA ASN A 75 5.97 -8.57 -5.69
C ASN A 75 5.60 -7.62 -4.56
N ALA A 76 4.76 -6.65 -4.90
CA ALA A 76 4.29 -5.62 -3.98
C ALA A 76 4.23 -6.11 -2.54
N VAL A 77 4.55 -5.20 -1.62
CA VAL A 77 4.55 -5.50 -0.20
C VAL A 77 4.79 -4.20 0.60
N PRO A 78 4.06 -4.00 1.72
CA PRO A 78 4.19 -2.81 2.56
C PRO A 78 5.20 -2.99 3.69
N THR A 79 6.25 -3.76 3.40
CA THR A 79 7.33 -4.07 4.36
C THR A 79 7.29 -3.25 5.65
N ILE A 80 7.21 -1.92 5.53
CA ILE A 80 7.20 -1.03 6.67
C ILE A 80 6.36 -1.58 7.83
N PHE A 81 5.29 -2.31 7.51
CA PHE A 81 4.43 -2.88 8.53
C PHE A 81 4.59 -4.40 8.59
N LEU A 82 4.99 -4.99 7.47
CA LEU A 82 5.20 -6.43 7.40
C LEU A 82 6.69 -6.75 7.49
N GLU A 83 7.16 -7.04 8.70
CA GLU A 83 8.56 -7.36 8.94
C GLU A 83 8.86 -8.81 8.58
N LEU A 84 7.99 -9.71 9.03
CA LEU A 84 8.16 -11.14 8.76
C LEU A 84 8.27 -11.41 7.27
N VAL A 85 8.23 -12.69 6.90
CA VAL A 85 8.33 -13.09 5.51
C VAL A 85 7.38 -14.24 5.20
N PRO A 86 6.08 -13.95 5.04
CA PRO A 86 5.05 -14.96 4.75
C PRO A 86 5.32 -15.70 3.43
N ARG A 87 4.64 -16.82 3.25
CA ARG A 87 4.81 -17.62 2.04
C ARG A 87 3.55 -18.41 1.73
ZN ZN B . 0.40 5.77 3.98
N MET A 1 -1.60 17.12 2.79
CA MET A 1 -2.49 15.93 2.85
C MET A 1 -3.75 16.15 2.03
N VAL A 2 -3.75 15.66 0.80
CA VAL A 2 -4.90 15.80 -0.09
C VAL A 2 -5.52 14.45 -0.44
N GLN A 3 -5.18 13.43 0.35
CA GLN A 3 -5.69 12.08 0.15
C GLN A 3 -5.21 11.19 1.28
N SER A 4 -6.09 10.32 1.74
CA SER A 4 -5.76 9.43 2.85
C SER A 4 -5.30 8.06 2.37
N CYS A 5 -4.74 7.31 3.32
CA CYS A 5 -4.23 5.97 3.09
C CYS A 5 -4.70 5.06 4.23
N SER A 6 -4.44 3.75 4.14
CA SER A 6 -4.89 2.84 5.17
C SER A 6 -4.13 3.07 6.46
N ALA A 7 -2.83 3.21 6.33
CA ALA A 7 -1.96 3.45 7.48
C ALA A 7 -2.54 4.50 8.41
N TYR A 8 -2.44 4.26 9.72
CA TYR A 8 -2.96 5.19 10.71
C TYR A 8 -2.14 6.48 10.77
N GLY A 9 -2.82 7.61 10.66
CA GLY A 9 -2.14 8.90 10.69
C GLY A 9 -0.89 8.93 9.83
N CYS A 10 -1.08 8.65 8.55
CA CYS A 10 0.02 8.63 7.61
C CYS A 10 0.38 10.05 7.15
N LYS A 11 1.56 10.21 6.58
CA LYS A 11 2.02 11.51 6.11
C LYS A 11 1.95 11.61 4.59
N ASN A 12 1.14 10.75 4.01
CA ASN A 12 0.94 10.71 2.57
C ASN A 12 0.38 12.03 2.04
N ARG A 13 0.52 12.23 0.73
CA ARG A 13 0.00 13.44 0.09
C ARG A 13 -0.04 13.30 -1.43
N TYR A 14 -1.26 13.26 -1.99
CA TYR A 14 -1.43 13.15 -3.43
C TYR A 14 -1.14 14.47 -4.14
N ASP A 15 0.13 14.77 -4.36
CA ASP A 15 0.52 16.01 -5.02
C ASP A 15 1.38 15.74 -6.25
N LYS A 16 1.31 16.62 -7.23
CA LYS A 16 2.10 16.48 -8.46
C LYS A 16 3.58 16.46 -8.14
N ASP A 17 3.95 17.16 -7.07
CA ASP A 17 5.34 17.22 -6.65
C ASP A 17 5.72 15.93 -5.93
N LYS A 18 4.91 15.57 -4.95
CA LYS A 18 5.14 14.36 -4.17
C LYS A 18 4.83 13.12 -5.02
N PRO A 19 5.87 12.34 -5.39
CA PRO A 19 5.70 11.14 -6.23
C PRO A 19 5.06 9.96 -5.50
N VAL A 20 4.20 10.28 -4.56
CA VAL A 20 3.51 9.27 -3.78
C VAL A 20 2.22 8.82 -4.46
N SER A 21 2.21 7.59 -4.96
CA SER A 21 1.03 7.04 -5.62
C SER A 21 0.21 6.25 -4.62
N PHE A 22 -1.04 5.95 -4.98
CA PHE A 22 -1.92 5.20 -4.09
C PHE A 22 -2.42 3.93 -4.77
N HIS A 23 -2.69 2.91 -3.96
CA HIS A 23 -3.15 1.62 -4.47
C HIS A 23 -4.33 1.10 -3.67
N LYS A 24 -5.14 0.25 -4.28
CA LYS A 24 -6.30 -0.34 -3.62
C LYS A 24 -6.00 -1.77 -3.18
N PHE A 25 -6.68 -2.26 -2.14
CA PHE A 25 -6.45 -3.62 -1.67
C PHE A 25 -6.72 -4.61 -2.78
N PRO A 26 -5.75 -5.51 -3.05
CA PRO A 26 -5.84 -6.48 -4.12
C PRO A 26 -6.46 -7.82 -3.70
N LEU A 27 -7.03 -8.52 -4.68
CA LEU A 27 -7.67 -9.80 -4.44
C LEU A 27 -6.84 -10.94 -5.03
N THR A 28 -6.11 -10.64 -6.11
CA THR A 28 -5.28 -11.63 -6.77
C THR A 28 -4.17 -12.09 -5.82
N ARG A 29 -3.78 -11.20 -4.92
CA ARG A 29 -2.75 -11.46 -3.94
C ARG A 29 -3.40 -11.67 -2.56
N PRO A 30 -3.65 -12.95 -2.17
CA PRO A 30 -4.31 -13.29 -0.90
C PRO A 30 -3.36 -13.58 0.27
N SER A 31 -2.66 -14.72 0.24
CA SER A 31 -1.74 -15.06 1.33
C SER A 31 -0.79 -13.91 1.58
N LEU A 32 -0.17 -13.49 0.49
CA LEU A 32 0.74 -12.37 0.52
C LEU A 32 -0.01 -11.15 1.05
N CYS A 33 -1.30 -11.08 0.71
CA CYS A 33 -2.17 -9.98 1.12
C CYS A 33 -2.11 -9.77 2.62
N LYS A 34 -1.90 -10.85 3.36
CA LYS A 34 -1.80 -10.78 4.80
C LYS A 34 -0.77 -9.72 5.14
N GLU A 35 0.27 -9.67 4.34
CA GLU A 35 1.33 -8.71 4.50
C GLU A 35 0.76 -7.31 4.48
N TRP A 36 -0.20 -7.12 3.60
CA TRP A 36 -0.86 -5.83 3.48
C TRP A 36 -1.49 -5.46 4.81
N GLU A 37 -2.01 -6.47 5.51
CA GLU A 37 -2.59 -6.22 6.82
C GLU A 37 -1.51 -5.62 7.72
N ALA A 38 -0.29 -6.09 7.53
CA ALA A 38 0.85 -5.60 8.27
C ALA A 38 1.06 -4.13 7.99
N ALA A 39 0.75 -3.74 6.76
CA ALA A 39 0.86 -2.35 6.35
C ALA A 39 0.08 -1.46 7.30
N VAL A 40 -0.93 -2.06 7.93
CA VAL A 40 -1.78 -1.35 8.86
C VAL A 40 -1.35 -1.61 10.31
N ARG A 41 -1.44 -2.88 10.72
CA ARG A 41 -1.06 -3.30 12.08
C ARG A 41 -2.19 -3.12 13.08
N ARG A 42 -3.25 -2.41 12.69
CA ARG A 42 -4.38 -2.18 13.59
C ARG A 42 -5.70 -2.53 12.93
N LYS A 43 -6.80 -2.32 13.66
CA LYS A 43 -8.13 -2.61 13.15
C LYS A 43 -8.70 -1.41 12.41
N ASN A 44 -8.21 -1.18 11.20
CA ASN A 44 -8.65 -0.06 10.39
C ASN A 44 -9.00 -0.51 8.97
N PHE A 45 -8.00 -0.52 8.08
CA PHE A 45 -8.17 -0.94 6.68
C PHE A 45 -9.51 -1.59 6.42
N LYS A 46 -10.49 -0.77 6.03
CA LYS A 46 -11.83 -1.26 5.73
C LYS A 46 -11.98 -1.41 4.21
N PRO A 47 -11.84 -2.63 3.68
CA PRO A 47 -11.93 -2.89 2.24
C PRO A 47 -13.20 -2.39 1.57
N THR A 48 -14.17 -1.97 2.37
CA THR A 48 -15.42 -1.46 1.82
C THR A 48 -15.15 -0.25 0.95
N LYS A 49 -14.54 0.77 1.53
CA LYS A 49 -14.20 1.99 0.82
C LYS A 49 -12.75 2.40 1.10
N TYR A 50 -12.15 1.83 2.16
CA TYR A 50 -10.79 2.17 2.54
C TYR A 50 -9.74 1.28 1.87
N SER A 51 -10.17 0.15 1.30
CA SER A 51 -9.24 -0.78 0.66
C SER A 51 -8.19 -0.05 -0.19
N SER A 52 -7.07 0.34 0.44
CA SER A 52 -6.01 1.03 -0.29
C SER A 52 -4.79 1.29 0.58
N ILE A 53 -3.64 1.44 -0.07
CA ILE A 53 -2.38 1.68 0.60
C ILE A 53 -1.60 2.75 -0.16
N CYS A 54 -0.68 3.43 0.51
CA CYS A 54 0.09 4.46 -0.16
C CYS A 54 1.53 4.00 -0.36
N SER A 55 2.26 4.65 -1.28
CA SER A 55 3.64 4.26 -1.60
C SER A 55 4.60 4.33 -0.41
N GLU A 56 4.43 5.32 0.46
CA GLU A 56 5.29 5.53 1.60
C GLU A 56 5.70 4.23 2.30
N HIS A 57 4.87 3.20 2.19
CA HIS A 57 5.16 1.91 2.85
C HIS A 57 5.74 0.89 1.87
N PHE A 58 5.48 1.08 0.58
CA PHE A 58 5.98 0.17 -0.44
C PHE A 58 7.42 0.51 -0.82
N THR A 59 8.17 -0.50 -1.25
CA THR A 59 9.57 -0.32 -1.65
C THR A 59 9.66 0.05 -3.14
N PRO A 60 10.61 0.91 -3.49
CA PRO A 60 10.83 1.34 -4.88
C PRO A 60 10.95 0.16 -5.83
N ASP A 61 11.59 -0.89 -5.36
CA ASP A 61 11.78 -2.09 -6.17
C ASP A 61 10.45 -2.67 -6.61
N CYS A 62 9.43 -2.46 -5.79
CA CYS A 62 8.09 -2.94 -6.09
C CYS A 62 7.37 -2.01 -7.06
N PHE A 63 8.02 -0.92 -7.44
CA PHE A 63 7.43 0.04 -8.37
C PHE A 63 7.96 -0.18 -9.78
N LYS A 64 7.96 -1.43 -10.21
CA LYS A 64 8.44 -1.81 -11.54
C LYS A 64 8.07 -0.76 -12.60
N ARG A 65 6.77 -0.43 -12.68
CA ARG A 65 6.31 0.56 -13.64
C ARG A 65 5.82 1.82 -12.93
N GLU A 66 6.50 2.94 -13.19
CA GLU A 66 6.15 4.21 -12.58
C GLU A 66 5.27 5.04 -13.52
N CYS A 67 4.52 4.36 -14.38
CA CYS A 67 3.64 5.03 -15.33
C CYS A 67 2.30 5.38 -14.66
N ASN A 68 1.35 5.86 -15.46
CA ASN A 68 0.02 6.22 -14.95
C ASN A 68 -0.55 5.09 -14.10
N ASN A 69 -0.22 3.85 -14.46
CA ASN A 69 -0.69 2.69 -13.74
C ASN A 69 -0.12 2.66 -12.32
N LYS A 70 -0.42 1.60 -11.58
CA LYS A 70 0.08 1.46 -10.21
C LYS A 70 0.66 0.07 -10.00
N LEU A 71 1.58 -0.03 -9.04
CA LEU A 71 2.23 -1.31 -8.72
C LEU A 71 1.74 -1.86 -7.38
N LEU A 72 1.10 -3.02 -7.43
CA LEU A 72 0.59 -3.67 -6.24
C LEU A 72 0.19 -5.11 -6.56
N LYS A 73 1.07 -5.81 -7.28
CA LYS A 73 0.83 -7.19 -7.68
C LYS A 73 1.50 -8.18 -6.76
N GLU A 74 1.44 -9.45 -7.13
CA GLU A 74 2.01 -10.55 -6.36
C GLU A 74 3.39 -10.19 -5.79
N ASN A 75 4.10 -9.32 -6.48
CA ASN A 75 5.43 -8.90 -6.02
C ASN A 75 5.31 -7.90 -4.88
N ALA A 76 4.40 -6.96 -5.05
CA ALA A 76 4.15 -5.90 -4.08
C ALA A 76 4.23 -6.37 -2.63
N VAL A 77 4.60 -5.43 -1.76
CA VAL A 77 4.73 -5.69 -0.33
C VAL A 77 5.01 -4.37 0.42
N PRO A 78 4.37 -4.17 1.59
CA PRO A 78 4.55 -2.95 2.40
C PRO A 78 5.72 -3.05 3.38
N THR A 79 6.77 -3.76 2.95
CA THR A 79 7.99 -3.97 3.75
C THR A 79 8.05 -3.17 5.06
N ILE A 80 7.92 -1.86 4.97
CA ILE A 80 8.00 -1.00 6.14
C ILE A 80 7.29 -1.57 7.37
N PHE A 81 6.25 -2.38 7.16
CA PHE A 81 5.51 -2.97 8.26
C PHE A 81 5.68 -4.50 8.28
N LEU A 82 6.14 -5.06 7.18
CA LEU A 82 6.35 -6.51 7.09
C LEU A 82 7.60 -6.91 7.85
N GLU A 83 7.42 -7.37 9.08
CA GLU A 83 8.54 -7.79 9.92
C GLU A 83 9.18 -9.06 9.39
N LEU A 84 8.36 -9.94 8.81
CA LEU A 84 8.86 -11.20 8.27
C LEU A 84 8.76 -11.21 6.74
N VAL A 85 9.89 -11.45 6.09
CA VAL A 85 9.95 -11.49 4.63
C VAL A 85 9.63 -12.90 4.12
N PRO A 86 8.94 -13.01 2.97
CA PRO A 86 8.57 -14.30 2.37
C PRO A 86 9.77 -15.19 2.10
N ARG A 87 9.98 -16.18 2.97
CA ARG A 87 11.10 -17.09 2.84
C ARG A 87 10.66 -18.39 2.17
ZN ZN B . 0.52 5.54 4.00
N MET A 1 -1.57 17.49 2.62
CA MET A 1 -2.61 16.46 2.85
C MET A 1 -3.78 16.61 1.86
N VAL A 2 -3.65 15.96 0.71
CA VAL A 2 -4.68 16.02 -0.31
C VAL A 2 -5.31 14.65 -0.55
N GLN A 3 -5.12 13.73 0.40
CA GLN A 3 -5.66 12.39 0.31
C GLN A 3 -5.08 11.54 1.41
N SER A 4 -5.84 10.56 1.83
CA SER A 4 -5.42 9.66 2.90
C SER A 4 -5.18 8.24 2.38
N CYS A 5 -4.59 7.43 3.25
CA CYS A 5 -4.26 6.06 2.94
C CYS A 5 -4.79 5.15 4.06
N SER A 6 -4.60 3.85 3.95
CA SER A 6 -5.09 2.92 4.97
C SER A 6 -4.31 3.09 6.25
N ALA A 7 -2.99 3.15 6.12
CA ALA A 7 -2.10 3.31 7.27
C ALA A 7 -2.64 4.36 8.24
N TYR A 8 -2.88 3.94 9.48
CA TYR A 8 -3.40 4.82 10.51
C TYR A 8 -2.54 6.08 10.65
N GLY A 9 -3.19 7.25 10.58
CA GLY A 9 -2.48 8.50 10.69
C GLY A 9 -1.20 8.55 9.87
N CYS A 10 -1.37 8.47 8.56
CA CYS A 10 -0.24 8.48 7.64
C CYS A 10 0.10 9.91 7.21
N LYS A 11 1.30 10.10 6.67
CA LYS A 11 1.76 11.42 6.24
C LYS A 11 1.53 11.64 4.75
N ASN A 12 1.19 10.57 4.03
CA ASN A 12 0.94 10.63 2.59
C ASN A 12 0.19 11.89 2.19
N ARG A 13 0.28 12.21 0.90
CA ARG A 13 -0.41 13.38 0.36
C ARG A 13 -0.45 13.35 -1.17
N TYR A 14 -1.65 13.25 -1.73
CA TYR A 14 -1.81 13.21 -3.17
C TYR A 14 -1.68 14.61 -3.77
N ASP A 15 -0.43 15.04 -3.96
CA ASP A 15 -0.17 16.36 -4.54
C ASP A 15 0.55 16.23 -5.87
N LYS A 16 0.45 17.27 -6.70
CA LYS A 16 1.09 17.27 -8.01
C LYS A 16 2.60 17.20 -7.86
N ASP A 17 3.10 17.70 -6.73
CA ASP A 17 4.51 17.70 -6.45
C ASP A 17 4.94 16.37 -5.85
N LYS A 18 4.29 15.99 -4.75
CA LYS A 18 4.59 14.73 -4.07
C LYS A 18 4.36 13.54 -4.99
N PRO A 19 5.44 12.88 -5.43
CA PRO A 19 5.36 11.72 -6.33
C PRO A 19 4.84 10.46 -5.67
N VAL A 20 3.97 10.64 -4.70
CA VAL A 20 3.38 9.53 -3.96
C VAL A 20 2.16 8.97 -4.68
N SER A 21 2.08 7.66 -4.77
CA SER A 21 0.95 7.00 -5.42
C SER A 21 0.14 6.20 -4.42
N PHE A 22 -1.08 5.86 -4.80
CA PHE A 22 -1.97 5.09 -3.94
C PHE A 22 -2.50 3.87 -4.67
N HIS A 23 -2.69 2.78 -3.93
CA HIS A 23 -3.18 1.53 -4.52
C HIS A 23 -4.30 0.91 -3.68
N LYS A 24 -5.43 0.65 -4.33
CA LYS A 24 -6.57 0.03 -3.66
C LYS A 24 -6.26 -1.41 -3.27
N PHE A 25 -7.00 -1.97 -2.33
CA PHE A 25 -6.76 -3.35 -1.91
C PHE A 25 -6.94 -4.29 -3.10
N PRO A 26 -5.99 -5.22 -3.29
CA PRO A 26 -6.00 -6.15 -4.43
C PRO A 26 -6.72 -7.46 -4.15
N LEU A 27 -7.23 -8.07 -5.22
CA LEU A 27 -7.92 -9.34 -5.12
C LEU A 27 -7.09 -10.45 -5.79
N THR A 28 -6.31 -10.06 -6.79
CA THR A 28 -5.45 -11.01 -7.50
C THR A 28 -4.39 -11.57 -6.57
N ARG A 29 -4.01 -10.75 -5.59
CA ARG A 29 -3.02 -11.12 -4.59
C ARG A 29 -3.72 -11.39 -3.26
N PRO A 30 -4.06 -12.67 -2.96
CA PRO A 30 -4.77 -13.06 -1.73
C PRO A 30 -3.88 -13.48 -0.57
N SER A 31 -3.23 -14.65 -0.67
CA SER A 31 -2.37 -15.12 0.41
C SER A 31 -1.41 -14.03 0.81
N LEU A 32 -0.71 -13.52 -0.19
CA LEU A 32 0.21 -12.42 -0.01
C LEU A 32 -0.55 -11.23 0.58
N CYS A 33 -1.80 -11.10 0.14
CA CYS A 33 -2.69 -10.03 0.60
C CYS A 33 -2.72 -9.95 2.12
N LYS A 34 -2.59 -11.10 2.76
CA LYS A 34 -2.59 -11.15 4.22
C LYS A 34 -1.56 -10.15 4.71
N GLU A 35 -0.47 -10.05 3.97
CA GLU A 35 0.59 -9.13 4.28
C GLU A 35 0.06 -7.72 4.32
N TRP A 36 -0.82 -7.43 3.37
CA TRP A 36 -1.43 -6.12 3.28
C TRP A 36 -2.18 -5.80 4.57
N GLU A 37 -2.71 -6.83 5.22
CA GLU A 37 -3.39 -6.63 6.48
C GLU A 37 -2.47 -5.92 7.45
N ALA A 38 -1.20 -6.31 7.41
CA ALA A 38 -0.18 -5.71 8.26
C ALA A 38 -0.07 -4.24 7.94
N ALA A 39 -0.25 -3.92 6.66
CA ALA A 39 -0.20 -2.54 6.19
C ALA A 39 -1.11 -1.66 7.03
N VAL A 40 -2.14 -2.28 7.58
CA VAL A 40 -3.12 -1.56 8.39
C VAL A 40 -2.79 -1.67 9.87
N ARG A 41 -2.91 -2.88 10.41
CA ARG A 41 -2.64 -3.14 11.83
C ARG A 41 -3.82 -2.71 12.71
N ARG A 42 -4.62 -1.77 12.22
CA ARG A 42 -5.77 -1.27 12.95
C ARG A 42 -6.90 -2.29 12.91
N LYS A 43 -8.03 -1.97 13.54
CA LYS A 43 -9.18 -2.85 13.58
C LYS A 43 -9.63 -3.24 12.17
N ASN A 44 -10.86 -3.76 12.07
CA ASN A 44 -11.42 -4.18 10.78
C ASN A 44 -11.22 -3.12 9.69
N PHE A 45 -10.08 -3.16 9.00
CA PHE A 45 -9.76 -2.21 7.93
C PHE A 45 -10.98 -1.93 7.05
N LYS A 46 -11.79 -0.96 7.47
CA LYS A 46 -12.99 -0.58 6.74
C LYS A 46 -12.66 -0.21 5.30
N PRO A 47 -12.94 -1.11 4.34
CA PRO A 47 -12.65 -0.92 2.90
C PRO A 47 -13.35 0.28 2.26
N THR A 48 -14.13 1.01 3.04
CA THR A 48 -14.87 2.17 2.51
C THR A 48 -13.91 3.21 1.94
N LYS A 49 -13.03 3.71 2.80
CA LYS A 49 -12.06 4.72 2.39
C LYS A 49 -10.63 4.21 2.61
N TYR A 50 -10.49 3.26 3.54
CA TYR A 50 -9.19 2.70 3.85
C TYR A 50 -8.77 1.66 2.83
N SER A 51 -9.72 1.11 2.05
CA SER A 51 -9.40 0.11 1.03
C SER A 51 -8.36 0.62 0.03
N SER A 52 -7.18 0.95 0.51
CA SER A 52 -6.10 1.44 -0.34
C SER A 52 -4.84 1.67 0.49
N ILE A 53 -3.70 1.58 -0.14
CA ILE A 53 -2.44 1.76 0.54
C ILE A 53 -1.60 2.79 -0.21
N CYS A 54 -0.67 3.44 0.48
CA CYS A 54 0.15 4.46 -0.17
C CYS A 54 1.60 3.95 -0.33
N SER A 55 2.32 4.49 -1.33
CA SER A 55 3.67 4.05 -1.62
C SER A 55 4.62 4.14 -0.42
N GLU A 56 4.48 5.17 0.39
CA GLU A 56 5.32 5.39 1.55
C GLU A 56 5.69 4.11 2.31
N HIS A 57 4.83 3.08 2.22
CA HIS A 57 5.08 1.83 2.93
C HIS A 57 5.66 0.77 2.00
N PHE A 58 5.34 0.87 0.71
CA PHE A 58 5.82 -0.08 -0.26
C PHE A 58 7.28 0.17 -0.63
N THR A 59 7.94 -0.83 -1.22
CA THR A 59 9.32 -0.71 -1.62
C THR A 59 9.42 0.01 -2.97
N PRO A 60 10.47 0.83 -3.14
CA PRO A 60 10.70 1.59 -4.39
C PRO A 60 10.63 0.69 -5.62
N ASP A 61 11.13 -0.53 -5.48
CA ASP A 61 11.14 -1.50 -6.57
C ASP A 61 9.73 -1.88 -7.02
N CYS A 62 8.75 -1.69 -6.15
CA CYS A 62 7.37 -2.02 -6.47
C CYS A 62 6.63 -0.83 -7.08
N PHE A 63 7.38 0.11 -7.64
CA PHE A 63 6.78 1.29 -8.25
C PHE A 63 7.05 1.31 -9.75
N LYS A 64 7.09 0.13 -10.35
CA LYS A 64 7.33 0.00 -11.79
C LYS A 64 6.33 0.82 -12.60
N ARG A 65 5.05 0.60 -12.35
CA ARG A 65 4.00 1.32 -13.06
C ARG A 65 2.80 1.58 -12.16
N GLU A 66 1.93 2.47 -12.59
CA GLU A 66 0.73 2.81 -11.83
C GLU A 66 -0.53 2.70 -12.68
N CYS A 67 -0.48 1.83 -13.69
CA CYS A 67 -1.61 1.61 -14.58
C CYS A 67 -2.43 0.41 -14.12
N ASN A 68 -3.54 0.16 -14.82
CA ASN A 68 -4.41 -0.95 -14.49
C ASN A 68 -3.80 -2.28 -14.92
N ASN A 69 -3.09 -2.26 -16.04
CA ASN A 69 -2.44 -3.45 -16.56
C ASN A 69 -1.44 -4.03 -15.57
N LYS A 70 -0.66 -3.15 -14.95
CA LYS A 70 0.34 -3.56 -13.96
C LYS A 70 0.13 -2.84 -12.64
N LEU A 71 0.15 -3.60 -11.55
CA LEU A 71 -0.03 -3.05 -10.21
C LEU A 71 0.61 -3.95 -9.17
N LEU A 72 0.82 -3.41 -7.96
CA LEU A 72 1.41 -4.14 -6.83
C LEU A 72 1.56 -5.64 -7.11
N LYS A 73 2.56 -5.97 -7.92
CA LYS A 73 2.84 -7.36 -8.31
C LYS A 73 3.13 -8.26 -7.12
N GLU A 74 3.36 -9.53 -7.40
CA GLU A 74 3.66 -10.53 -6.38
C GLU A 74 4.72 -10.02 -5.42
N ASN A 75 5.61 -9.18 -5.92
CA ASN A 75 6.67 -8.61 -5.11
C ASN A 75 6.08 -7.66 -4.09
N ALA A 76 5.11 -6.89 -4.55
CA ALA A 76 4.41 -5.91 -3.73
C ALA A 76 4.24 -6.37 -2.29
N VAL A 77 4.53 -5.46 -1.38
CA VAL A 77 4.44 -5.72 0.05
C VAL A 77 4.67 -4.42 0.83
N PRO A 78 3.89 -4.16 1.89
CA PRO A 78 4.03 -2.95 2.71
C PRO A 78 5.05 -3.12 3.85
N THR A 79 6.10 -3.90 3.58
CA THR A 79 7.18 -4.20 4.53
C THR A 79 7.13 -3.38 5.83
N ILE A 80 7.01 -2.06 5.72
CA ILE A 80 7.00 -1.18 6.88
C ILE A 80 6.20 -1.75 8.06
N PHE A 81 5.05 -2.35 7.77
CA PHE A 81 4.22 -2.91 8.82
C PHE A 81 4.44 -4.41 8.98
N LEU A 82 5.13 -5.02 8.02
CA LEU A 82 5.43 -6.45 8.07
C LEU A 82 6.06 -6.84 9.40
N GLU A 83 5.30 -7.58 10.21
CA GLU A 83 5.79 -8.02 11.51
C GLU A 83 6.69 -9.25 11.38
N LEU A 84 6.19 -10.26 10.67
CA LEU A 84 6.94 -11.49 10.48
C LEU A 84 8.27 -11.21 9.79
N VAL A 85 9.34 -11.13 10.58
CA VAL A 85 10.67 -10.86 10.04
C VAL A 85 11.51 -12.14 10.02
N PRO A 86 11.73 -12.73 8.83
CA PRO A 86 12.52 -13.95 8.67
C PRO A 86 13.96 -13.79 9.17
N ARG A 87 14.51 -14.87 9.74
CA ARG A 87 15.87 -14.85 10.26
C ARG A 87 16.59 -16.15 9.93
ZN ZN B . 0.42 5.49 3.98
N MET A 1 -1.63 16.46 -0.93
CA MET A 1 -2.89 15.87 -0.38
C MET A 1 -3.91 15.63 -1.50
N VAL A 2 -3.98 14.38 -1.95
CA VAL A 2 -4.93 14.02 -3.02
C VAL A 2 -5.97 13.03 -2.53
N GLN A 3 -5.66 12.31 -1.46
CA GLN A 3 -6.58 11.33 -0.89
C GLN A 3 -5.91 10.61 0.26
N SER A 4 -6.72 10.15 1.17
CA SER A 4 -6.24 9.43 2.35
C SER A 4 -5.81 8.01 2.00
N CYS A 5 -5.17 7.38 2.96
CA CYS A 5 -4.68 6.02 2.80
C CYS A 5 -5.08 5.19 4.03
N SER A 6 -4.80 3.89 4.02
CA SER A 6 -5.21 3.02 5.12
C SER A 6 -4.32 3.19 6.34
N ALA A 7 -3.01 3.28 6.11
CA ALA A 7 -2.04 3.42 7.19
C ALA A 7 -2.54 4.39 8.26
N TYR A 8 -2.50 3.93 9.52
CA TYR A 8 -2.96 4.74 10.65
C TYR A 8 -2.25 6.09 10.70
N GLY A 9 -3.04 7.16 10.79
CA GLY A 9 -2.49 8.50 10.87
C GLY A 9 -1.40 8.75 9.85
N CYS A 10 -1.65 8.36 8.62
CA CYS A 10 -0.69 8.55 7.55
C CYS A 10 -0.66 10.01 7.09
N LYS A 11 0.44 10.41 6.45
CA LYS A 11 0.58 11.78 5.98
C LYS A 11 0.81 11.83 4.47
N ASN A 12 0.24 10.83 3.77
CA ASN A 12 0.37 10.74 2.32
C ASN A 12 -0.11 12.00 1.63
N ARG A 13 0.33 12.18 0.40
CA ARG A 13 -0.07 13.34 -0.40
C ARG A 13 0.51 13.31 -1.80
N TYR A 14 -0.34 13.12 -2.81
CA TYR A 14 0.10 13.08 -4.19
C TYR A 14 0.31 14.50 -4.74
N ASP A 15 1.46 15.10 -4.40
CA ASP A 15 1.77 16.44 -4.87
C ASP A 15 2.35 16.39 -6.28
N LYS A 16 2.32 17.53 -6.97
CA LYS A 16 2.84 17.60 -8.33
C LYS A 16 4.27 17.08 -8.39
N ASP A 17 4.98 17.24 -7.28
CA ASP A 17 6.36 16.78 -7.17
C ASP A 17 6.40 15.34 -6.67
N LYS A 18 5.73 15.10 -5.55
CA LYS A 18 5.69 13.79 -4.93
C LYS A 18 4.87 12.80 -5.77
N PRO A 19 5.53 11.84 -6.45
CA PRO A 19 4.85 10.84 -7.28
C PRO A 19 4.25 9.69 -6.50
N VAL A 20 3.69 10.01 -5.35
CA VAL A 20 3.08 9.00 -4.48
C VAL A 20 1.73 8.54 -5.04
N SER A 21 1.67 7.27 -5.43
CA SER A 21 0.44 6.70 -5.96
C SER A 21 -0.34 5.94 -4.88
N PHE A 22 -1.60 5.68 -5.15
CA PHE A 22 -2.44 4.95 -4.21
C PHE A 22 -2.97 3.67 -4.84
N HIS A 23 -3.15 2.64 -4.02
CA HIS A 23 -3.60 1.35 -4.51
C HIS A 23 -4.66 0.73 -3.60
N LYS A 24 -5.79 0.36 -4.18
CA LYS A 24 -6.88 -0.27 -3.43
C LYS A 24 -6.49 -1.69 -3.02
N PHE A 25 -7.17 -2.23 -2.00
CA PHE A 25 -6.86 -3.59 -1.55
C PHE A 25 -7.12 -4.58 -2.68
N PRO A 26 -6.11 -5.41 -3.01
CA PRO A 26 -6.19 -6.37 -4.10
C PRO A 26 -6.74 -7.73 -3.68
N LEU A 27 -7.28 -8.46 -4.66
CA LEU A 27 -7.83 -9.78 -4.42
C LEU A 27 -6.99 -10.86 -5.07
N THR A 28 -6.29 -10.50 -6.14
CA THR A 28 -5.42 -11.44 -6.85
C THR A 28 -4.29 -11.89 -5.94
N ARG A 29 -3.91 -11.01 -5.02
CA ARG A 29 -2.86 -11.29 -4.06
C ARG A 29 -3.47 -11.54 -2.69
N PRO A 30 -3.69 -12.82 -2.31
CA PRO A 30 -4.32 -13.19 -1.04
C PRO A 30 -3.34 -13.51 0.10
N SER A 31 -2.63 -14.64 0.02
CA SER A 31 -1.68 -15.00 1.08
C SER A 31 -0.75 -13.84 1.35
N LEU A 32 -0.15 -13.36 0.29
CA LEU A 32 0.73 -12.21 0.35
C LEU A 32 -0.05 -11.03 0.92
N CYS A 33 -1.34 -10.98 0.58
CA CYS A 33 -2.23 -9.92 1.05
C CYS A 33 -2.19 -9.77 2.56
N LYS A 34 -1.94 -10.87 3.25
CA LYS A 34 -1.86 -10.86 4.70
C LYS A 34 -0.89 -9.75 5.10
N GLU A 35 0.15 -9.62 4.30
CA GLU A 35 1.16 -8.62 4.49
C GLU A 35 0.53 -7.25 4.51
N TRP A 36 -0.41 -7.06 3.62
CA TRP A 36 -1.12 -5.80 3.51
C TRP A 36 -1.82 -5.48 4.82
N GLU A 37 -2.27 -6.53 5.51
CA GLU A 37 -2.90 -6.34 6.80
C GLU A 37 -1.95 -5.61 7.73
N ALA A 38 -0.68 -5.94 7.60
CA ALA A 38 0.36 -5.31 8.40
C ALA A 38 0.40 -3.82 8.10
N ALA A 39 0.12 -3.50 6.83
CA ALA A 39 0.10 -2.12 6.39
C ALA A 39 -0.86 -1.31 7.25
N VAL A 40 -1.84 -2.00 7.82
CA VAL A 40 -2.83 -1.37 8.66
C VAL A 40 -2.59 -1.69 10.14
N ARG A 41 -2.76 -2.96 10.49
CA ARG A 41 -2.56 -3.39 11.87
C ARG A 41 -3.53 -2.68 12.82
N ARG A 42 -4.61 -2.17 12.27
CA ARG A 42 -5.62 -1.46 13.06
C ARG A 42 -6.89 -2.30 13.18
N LYS A 43 -8.03 -1.64 13.40
CA LYS A 43 -9.30 -2.33 13.52
C LYS A 43 -9.59 -3.17 12.27
N ASN A 44 -10.81 -3.67 12.16
CA ASN A 44 -11.21 -4.48 11.02
C ASN A 44 -11.24 -3.65 9.74
N PHE A 45 -10.06 -3.24 9.26
CA PHE A 45 -9.92 -2.42 8.05
C PHE A 45 -11.07 -2.62 7.06
N LYS A 46 -12.16 -1.90 7.28
CA LYS A 46 -13.34 -1.99 6.42
C LYS A 46 -12.98 -1.63 4.97
N PRO A 47 -12.93 -2.63 4.07
CA PRO A 47 -12.59 -2.44 2.65
C PRO A 47 -13.48 -1.45 1.91
N THR A 48 -14.46 -0.87 2.59
CA THR A 48 -15.37 0.08 1.97
C THR A 48 -14.61 1.27 1.40
N LYS A 49 -13.94 2.03 2.27
CA LYS A 49 -13.16 3.17 1.82
C LYS A 49 -11.69 3.01 2.25
N TYR A 50 -11.45 2.16 3.25
CA TYR A 50 -10.08 1.90 3.73
C TYR A 50 -9.33 0.98 2.77
N SER A 51 -10.06 0.18 1.99
CA SER A 51 -9.44 -0.74 1.02
C SER A 51 -8.47 -0.03 0.09
N SER A 52 -7.33 0.41 0.61
CA SER A 52 -6.32 1.09 -0.20
C SER A 52 -5.08 1.39 0.62
N ILE A 53 -3.96 1.51 -0.08
CA ILE A 53 -2.69 1.80 0.56
C ILE A 53 -1.94 2.85 -0.25
N CYS A 54 -1.02 3.58 0.39
CA CYS A 54 -0.27 4.60 -0.33
C CYS A 54 1.19 4.14 -0.50
N SER A 55 1.86 4.64 -1.55
CA SER A 55 3.24 4.23 -1.86
C SER A 55 4.21 4.37 -0.68
N GLU A 56 4.01 5.38 0.15
CA GLU A 56 4.89 5.64 1.28
C GLU A 56 5.29 4.39 2.06
N HIS A 57 4.45 3.35 2.02
CA HIS A 57 4.75 2.12 2.75
C HIS A 57 5.26 1.01 1.83
N PHE A 58 5.20 1.25 0.52
CA PHE A 58 5.67 0.27 -0.43
C PHE A 58 7.13 0.51 -0.81
N THR A 59 7.82 -0.54 -1.23
CA THR A 59 9.22 -0.43 -1.63
C THR A 59 9.34 -0.07 -3.10
N PRO A 60 10.33 0.77 -3.44
CA PRO A 60 10.58 1.21 -4.82
C PRO A 60 10.67 0.03 -5.78
N ASP A 61 11.31 -1.04 -5.32
CA ASP A 61 11.48 -2.24 -6.14
C ASP A 61 10.14 -2.88 -6.47
N CYS A 62 9.16 -2.66 -5.60
CA CYS A 62 7.83 -3.22 -5.78
C CYS A 62 7.04 -2.45 -6.85
N PHE A 63 7.63 -1.38 -7.38
CA PHE A 63 6.97 -0.57 -8.40
C PHE A 63 7.67 -0.74 -9.75
N LYS A 64 7.97 -1.97 -10.11
CA LYS A 64 8.63 -2.27 -11.37
C LYS A 64 7.84 -1.73 -12.55
N ARG A 65 6.53 -1.63 -12.40
CA ARG A 65 5.67 -1.12 -13.46
C ARG A 65 5.15 0.27 -13.12
N GLU A 66 4.96 1.09 -14.15
CA GLU A 66 4.46 2.45 -13.97
C GLU A 66 3.10 2.62 -14.63
N CYS A 67 2.14 3.12 -13.86
CA CYS A 67 0.78 3.34 -14.36
C CYS A 67 0.03 4.36 -13.51
N ASN A 68 -1.24 4.55 -13.80
CA ASN A 68 -2.07 5.49 -13.06
C ASN A 68 -2.11 5.12 -11.57
N ASN A 69 -2.73 4.00 -11.26
CA ASN A 69 -2.83 3.53 -9.88
C ASN A 69 -3.03 2.02 -9.82
N LYS A 70 -2.27 1.30 -10.64
CA LYS A 70 -2.34 -0.15 -10.68
C LYS A 70 -0.96 -0.77 -10.63
N LEU A 71 -0.20 -0.42 -9.59
CA LEU A 71 1.15 -0.96 -9.43
C LEU A 71 1.32 -1.62 -8.06
N LEU A 72 1.10 -2.94 -8.03
CA LEU A 72 1.23 -3.70 -6.80
C LEU A 72 1.17 -5.21 -7.11
N LYS A 73 2.09 -5.64 -7.96
CA LYS A 73 2.17 -7.04 -8.36
C LYS A 73 2.61 -7.94 -7.22
N GLU A 74 2.76 -9.23 -7.53
CA GLU A 74 3.18 -10.23 -6.54
C GLU A 74 4.33 -9.73 -5.69
N ASN A 75 5.14 -8.85 -6.25
CA ASN A 75 6.28 -8.29 -5.53
C ASN A 75 5.80 -7.36 -4.42
N ALA A 76 4.80 -6.56 -4.77
CA ALA A 76 4.21 -5.58 -3.87
C ALA A 76 4.18 -6.05 -2.42
N VAL A 77 4.49 -5.11 -1.53
CA VAL A 77 4.54 -5.38 -0.10
C VAL A 77 4.74 -4.07 0.68
N PRO A 78 4.02 -3.86 1.79
CA PRO A 78 4.13 -2.65 2.61
C PRO A 78 5.15 -2.79 3.74
N THR A 79 6.23 -3.54 3.47
CA THR A 79 7.32 -3.80 4.42
C THR A 79 7.33 -2.87 5.65
N ILE A 80 7.20 -1.56 5.42
CA ILE A 80 7.24 -0.59 6.50
C ILE A 80 6.49 -1.05 7.76
N PHE A 81 5.44 -1.86 7.59
CA PHE A 81 4.67 -2.35 8.72
C PHE A 81 4.91 -3.84 8.97
N LEU A 82 5.50 -4.52 7.98
CA LEU A 82 5.78 -5.94 8.11
C LEU A 82 6.70 -6.20 9.29
N GLU A 83 6.12 -6.61 10.41
CA GLU A 83 6.87 -6.88 11.63
C GLU A 83 8.08 -7.78 11.38
N LEU A 84 7.87 -8.87 10.64
CA LEU A 84 8.95 -9.81 10.33
C LEU A 84 10.20 -9.09 9.80
N VAL A 85 11.06 -8.68 10.72
CA VAL A 85 12.29 -7.99 10.34
C VAL A 85 13.51 -8.63 11.00
N PRO A 86 14.03 -9.73 10.41
CA PRO A 86 15.20 -10.44 10.93
C PRO A 86 16.43 -9.56 11.02
N ARG A 87 16.92 -9.33 12.25
CA ARG A 87 18.09 -8.50 12.47
C ARG A 87 17.85 -7.07 11.98
ZN ZN B . 0.04 5.78 3.73
N MET A 1 -1.32 17.30 0.89
CA MET A 1 -2.32 16.32 1.39
C MET A 1 -3.60 16.36 0.56
N VAL A 2 -3.57 15.68 -0.57
CA VAL A 2 -4.73 15.64 -1.47
C VAL A 2 -5.29 14.22 -1.59
N GLN A 3 -4.93 13.35 -0.64
CA GLN A 3 -5.39 11.97 -0.65
C GLN A 3 -4.87 11.24 0.57
N SER A 4 -5.75 10.47 1.17
CA SER A 4 -5.40 9.69 2.35
C SER A 4 -5.05 8.26 1.97
N CYS A 5 -4.51 7.55 2.92
CA CYS A 5 -4.10 6.16 2.73
C CYS A 5 -4.56 5.32 3.94
N SER A 6 -4.34 4.01 3.89
CA SER A 6 -4.77 3.14 4.98
C SER A 6 -3.94 3.41 6.22
N ALA A 7 -2.64 3.49 6.03
CA ALA A 7 -1.71 3.75 7.14
C ALA A 7 -2.23 4.87 8.03
N TYR A 8 -2.60 4.52 9.27
CA TYR A 8 -3.12 5.50 10.21
C TYR A 8 -2.08 6.59 10.49
N GLY A 9 -2.49 7.85 10.34
CA GLY A 9 -1.57 8.95 10.59
C GLY A 9 -0.41 8.96 9.62
N CYS A 10 -0.73 8.82 8.35
CA CYS A 10 0.28 8.81 7.30
C CYS A 10 0.61 10.22 6.83
N LYS A 11 1.76 10.39 6.19
CA LYS A 11 2.20 11.68 5.71
C LYS A 11 2.10 11.78 4.18
N ASN A 12 1.30 10.90 3.60
CA ASN A 12 1.09 10.86 2.16
C ASN A 12 0.45 12.15 1.64
N ARG A 13 0.63 12.40 0.35
CA ARG A 13 0.06 13.59 -0.28
C ARG A 13 0.05 13.45 -1.81
N TYR A 14 -1.14 13.32 -2.40
CA TYR A 14 -1.26 13.20 -3.84
C TYR A 14 -0.90 14.52 -4.52
N ASP A 15 0.40 14.76 -4.68
CA ASP A 15 0.88 15.98 -5.32
C ASP A 15 1.56 15.68 -6.65
N LYS A 16 1.48 16.63 -7.58
CA LYS A 16 2.09 16.46 -8.89
C LYS A 16 3.60 16.24 -8.76
N ASP A 17 4.17 16.79 -7.69
CA ASP A 17 5.60 16.66 -7.44
C ASP A 17 5.90 15.34 -6.74
N LYS A 18 5.22 15.10 -5.63
CA LYS A 18 5.42 13.88 -4.86
C LYS A 18 4.83 12.68 -5.60
N PRO A 19 5.69 11.77 -6.09
CA PRO A 19 5.24 10.57 -6.83
C PRO A 19 4.61 9.51 -5.94
N VAL A 20 4.01 9.95 -4.87
CA VAL A 20 3.36 9.07 -3.91
C VAL A 20 2.03 8.54 -4.45
N SER A 21 2.09 7.51 -5.28
CA SER A 21 0.89 6.92 -5.85
C SER A 21 0.11 6.14 -4.79
N PHE A 22 -1.15 5.86 -5.08
CA PHE A 22 -2.01 5.12 -4.16
C PHE A 22 -2.53 3.86 -4.82
N HIS A 23 -2.73 2.81 -4.02
CA HIS A 23 -3.21 1.53 -4.55
C HIS A 23 -4.28 0.92 -3.66
N LYS A 24 -5.44 0.61 -4.25
CA LYS A 24 -6.54 -0.01 -3.51
C LYS A 24 -6.20 -1.43 -3.11
N PHE A 25 -6.90 -1.97 -2.12
CA PHE A 25 -6.63 -3.33 -1.67
C PHE A 25 -6.91 -4.32 -2.81
N PRO A 26 -5.94 -5.20 -3.08
CA PRO A 26 -6.03 -6.17 -4.17
C PRO A 26 -6.66 -7.49 -3.76
N LEU A 27 -7.30 -8.15 -4.72
CA LEU A 27 -7.95 -9.43 -4.48
C LEU A 27 -7.16 -10.57 -5.12
N THR A 28 -6.39 -10.25 -6.15
CA THR A 28 -5.57 -11.25 -6.84
C THR A 28 -4.50 -11.79 -5.91
N ARG A 29 -4.06 -10.95 -4.99
CA ARG A 29 -3.05 -11.29 -4.01
C ARG A 29 -3.70 -11.47 -2.64
N PRO A 30 -4.05 -12.72 -2.26
CA PRO A 30 -4.72 -13.02 -0.98
C PRO A 30 -3.80 -13.38 0.18
N SER A 31 -3.17 -14.56 0.15
CA SER A 31 -2.29 -14.97 1.24
C SER A 31 -1.31 -13.87 1.55
N LEU A 32 -0.63 -13.43 0.51
CA LEU A 32 0.31 -12.34 0.62
C LEU A 32 -0.41 -11.11 1.13
N CYS A 33 -1.68 -10.97 0.71
CA CYS A 33 -2.52 -9.85 1.12
C CYS A 33 -2.49 -9.66 2.62
N LYS A 34 -2.36 -10.76 3.34
CA LYS A 34 -2.28 -10.70 4.79
C LYS A 34 -1.20 -9.70 5.17
N GLU A 35 -0.15 -9.70 4.36
CA GLU A 35 0.95 -8.79 4.55
C GLU A 35 0.46 -7.35 4.52
N TRP A 36 -0.47 -7.11 3.62
CA TRP A 36 -1.07 -5.78 3.47
C TRP A 36 -1.74 -5.38 4.77
N GLU A 37 -2.26 -6.35 5.51
CA GLU A 37 -2.88 -6.07 6.79
C GLU A 37 -1.86 -5.39 7.69
N ALA A 38 -0.61 -5.83 7.56
CA ALA A 38 0.48 -5.26 8.33
C ALA A 38 0.61 -3.78 8.00
N ALA A 39 0.34 -3.45 6.75
CA ALA A 39 0.39 -2.07 6.28
C ALA A 39 -0.42 -1.18 7.21
N VAL A 40 -1.42 -1.78 7.85
CA VAL A 40 -2.29 -1.07 8.77
C VAL A 40 -1.84 -1.26 10.22
N ARG A 41 -1.97 -2.50 10.71
CA ARG A 41 -1.57 -2.83 12.08
C ARG A 41 -2.51 -2.24 13.14
N ARG A 42 -3.38 -1.31 12.74
CA ARG A 42 -4.30 -0.69 13.69
C ARG A 42 -5.73 -1.21 13.50
N LYS A 43 -6.58 -0.40 12.88
CA LYS A 43 -7.97 -0.80 12.64
C LYS A 43 -8.06 -1.92 11.62
N ASN A 44 -9.19 -2.61 11.60
CA ASN A 44 -9.39 -3.70 10.66
C ASN A 44 -9.58 -3.17 9.24
N PHE A 45 -8.54 -2.51 8.72
CA PHE A 45 -8.54 -1.93 7.37
C PHE A 45 -9.85 -2.16 6.62
N LYS A 46 -10.90 -1.45 7.04
CA LYS A 46 -12.21 -1.57 6.41
C LYS A 46 -12.11 -1.29 4.90
N PRO A 47 -12.14 -2.36 4.07
CA PRO A 47 -12.03 -2.25 2.61
C PRO A 47 -13.07 -1.35 1.96
N THR A 48 -14.04 -0.89 2.74
CA THR A 48 -15.10 -0.03 2.23
C THR A 48 -14.52 1.25 1.63
N LYS A 49 -13.68 1.92 2.42
CA LYS A 49 -13.05 3.15 1.99
C LYS A 49 -11.54 3.11 2.24
N TYR A 50 -11.14 2.32 3.24
CA TYR A 50 -9.73 2.20 3.60
C TYR A 50 -8.98 1.29 2.63
N SER A 51 -9.72 0.42 1.91
CA SER A 51 -9.11 -0.51 0.96
C SER A 51 -8.12 0.20 0.01
N SER A 52 -6.97 0.60 0.55
CA SER A 52 -5.96 1.27 -0.26
C SER A 52 -4.70 1.55 0.55
N ILE A 53 -3.57 1.56 -0.14
CA ILE A 53 -2.28 1.81 0.50
C ILE A 53 -1.51 2.82 -0.33
N CYS A 54 -0.57 3.52 0.28
CA CYS A 54 0.21 4.52 -0.45
C CYS A 54 1.65 4.04 -0.66
N SER A 55 2.35 4.62 -1.62
CA SER A 55 3.72 4.22 -1.96
C SER A 55 4.69 4.31 -0.78
N GLU A 56 4.55 5.35 0.04
CA GLU A 56 5.42 5.59 1.17
C GLU A 56 5.82 4.32 1.94
N HIS A 57 4.97 3.29 1.88
CA HIS A 57 5.24 2.05 2.62
C HIS A 57 5.76 0.94 1.70
N PHE A 58 5.59 1.11 0.40
CA PHE A 58 6.03 0.11 -0.56
C PHE A 58 7.47 0.38 -1.00
N THR A 59 8.16 -0.66 -1.48
CA THR A 59 9.53 -0.51 -1.95
C THR A 59 9.55 -0.16 -3.43
N PRO A 60 10.48 0.71 -3.85
CA PRO A 60 10.63 1.13 -5.25
C PRO A 60 10.72 -0.04 -6.20
N ASP A 61 11.44 -1.08 -5.78
CA ASP A 61 11.62 -2.28 -6.60
C ASP A 61 10.29 -2.99 -6.84
N CYS A 62 9.39 -2.88 -5.89
CA CYS A 62 8.10 -3.53 -5.98
C CYS A 62 7.12 -2.71 -6.83
N PHE A 63 7.58 -1.57 -7.36
CA PHE A 63 6.74 -0.72 -8.19
C PHE A 63 7.13 -0.82 -9.66
N LYS A 64 7.65 -1.98 -10.05
CA LYS A 64 8.06 -2.18 -11.44
C LYS A 64 8.15 -3.68 -11.76
N ARG A 65 7.05 -4.25 -12.23
CA ARG A 65 7.02 -5.67 -12.57
C ARG A 65 6.67 -5.87 -14.05
N GLU A 66 7.13 -6.98 -14.62
CA GLU A 66 6.87 -7.28 -16.03
C GLU A 66 5.64 -8.17 -16.19
N CYS A 67 4.75 -8.14 -15.20
CA CYS A 67 3.54 -8.94 -15.25
C CYS A 67 2.44 -8.20 -16.03
N ASN A 68 1.22 -8.74 -16.00
CA ASN A 68 0.10 -8.13 -16.69
C ASN A 68 0.05 -6.62 -16.41
N ASN A 69 0.51 -6.24 -15.23
CA ASN A 69 0.55 -4.84 -14.84
C ASN A 69 1.92 -4.48 -14.27
N LYS A 70 2.13 -3.20 -13.99
CA LYS A 70 3.40 -2.74 -13.43
C LYS A 70 3.20 -2.13 -12.05
N LEU A 71 2.10 -2.51 -11.39
CA LEU A 71 1.81 -2.02 -10.06
C LEU A 71 1.73 -3.18 -9.06
N LEU A 72 1.71 -2.84 -7.76
CA LEU A 72 1.65 -3.82 -6.66
C LEU A 72 1.36 -5.25 -7.16
N LYS A 73 2.41 -5.92 -7.63
CA LYS A 73 2.29 -7.28 -8.13
C LYS A 73 2.52 -8.28 -7.02
N GLU A 74 2.51 -9.57 -7.39
CA GLU A 74 2.73 -10.65 -6.44
C GLU A 74 3.88 -10.33 -5.50
N ASN A 75 4.86 -9.60 -6.01
CA ASN A 75 6.02 -9.20 -5.23
C ASN A 75 5.64 -8.14 -4.21
N ALA A 76 4.82 -7.20 -4.65
CA ALA A 76 4.34 -6.09 -3.83
C ALA A 76 4.24 -6.45 -2.36
N VAL A 77 4.61 -5.50 -1.52
CA VAL A 77 4.60 -5.67 -0.08
C VAL A 77 4.88 -4.33 0.62
N PRO A 78 4.17 -4.03 1.72
CA PRO A 78 4.37 -2.78 2.48
C PRO A 78 5.48 -2.87 3.51
N THR A 79 6.53 -3.64 3.19
CA THR A 79 7.70 -3.88 4.06
C THR A 79 7.71 -3.05 5.35
N ILE A 80 7.59 -1.72 5.22
CA ILE A 80 7.64 -0.83 6.37
C ILE A 80 6.88 -1.37 7.58
N PHE A 81 5.77 -2.08 7.35
CA PHE A 81 4.98 -2.64 8.43
C PHE A 81 5.17 -4.15 8.52
N LEU A 82 5.78 -4.74 7.49
CA LEU A 82 6.01 -6.18 7.46
C LEU A 82 6.80 -6.63 8.69
N GLU A 83 6.58 -7.87 9.11
CA GLU A 83 7.26 -8.41 10.29
C GLU A 83 8.76 -8.19 10.20
N LEU A 84 9.37 -8.62 9.10
CA LEU A 84 10.81 -8.48 8.91
C LEU A 84 11.18 -8.60 7.43
N VAL A 85 12.25 -7.91 7.04
CA VAL A 85 12.71 -7.95 5.65
C VAL A 85 14.09 -8.58 5.55
N PRO A 86 14.28 -9.56 4.65
CA PRO A 86 15.57 -10.25 4.45
C PRO A 86 16.69 -9.28 4.10
N ARG A 87 17.75 -9.27 4.91
CA ARG A 87 18.88 -8.40 4.67
C ARG A 87 19.61 -8.78 3.39
ZN ZN B . 0.63 5.80 3.62
N MET A 1 -1.82 17.05 1.65
CA MET A 1 -2.78 16.02 2.12
C MET A 1 -4.14 16.18 1.45
N VAL A 2 -4.25 15.67 0.23
CA VAL A 2 -5.51 15.75 -0.53
C VAL A 2 -6.09 14.36 -0.80
N GLN A 3 -5.61 13.37 -0.04
CA GLN A 3 -6.08 12.01 -0.19
C GLN A 3 -5.54 11.18 0.97
N SER A 4 -6.39 10.31 1.49
CA SER A 4 -6.00 9.47 2.63
C SER A 4 -5.52 8.10 2.19
N CYS A 5 -4.93 7.41 3.16
CA CYS A 5 -4.38 6.07 2.97
C CYS A 5 -4.80 5.19 4.16
N SER A 6 -4.52 3.89 4.09
CA SER A 6 -4.91 2.99 5.17
C SER A 6 -4.05 3.22 6.40
N ALA A 7 -2.75 3.33 6.18
CA ALA A 7 -1.79 3.56 7.27
C ALA A 7 -2.32 4.60 8.26
N TYR A 8 -2.41 4.20 9.53
CA TYR A 8 -2.90 5.08 10.58
C TYR A 8 -2.02 6.31 10.73
N GLY A 9 -2.66 7.49 10.74
CA GLY A 9 -1.91 8.73 10.90
C GLY A 9 -0.78 8.86 9.91
N CYS A 10 -1.07 8.60 8.66
CA CYS A 10 -0.08 8.69 7.60
C CYS A 10 0.15 10.14 7.18
N LYS A 11 1.29 10.41 6.54
CA LYS A 11 1.62 11.76 6.10
C LYS A 11 1.53 11.89 4.57
N ASN A 12 0.80 10.97 3.95
CA ASN A 12 0.62 10.96 2.52
C ASN A 12 0.00 12.26 1.99
N ARG A 13 0.11 12.46 0.69
CA ARG A 13 -0.47 13.64 0.05
C ARG A 13 -0.42 13.54 -1.48
N TYR A 14 -1.59 13.47 -2.10
CA TYR A 14 -1.68 13.37 -3.55
C TYR A 14 -1.44 14.73 -4.20
N ASP A 15 -0.17 15.09 -4.37
CA ASP A 15 0.18 16.36 -4.98
C ASP A 15 0.93 16.15 -6.30
N LYS A 16 0.95 17.19 -7.13
CA LYS A 16 1.62 17.11 -8.42
C LYS A 16 3.12 16.92 -8.25
N ASP A 17 3.63 17.44 -7.13
CA ASP A 17 5.05 17.34 -6.83
C ASP A 17 5.36 16.00 -6.18
N LYS A 18 4.66 15.72 -5.10
CA LYS A 18 4.84 14.48 -4.37
C LYS A 18 4.43 13.27 -5.21
N PRO A 19 5.40 12.44 -5.65
CA PRO A 19 5.13 11.27 -6.47
C PRO A 19 4.54 10.10 -5.69
N VAL A 20 3.84 10.42 -4.64
CA VAL A 20 3.21 9.43 -3.77
C VAL A 20 1.94 8.89 -4.39
N SER A 21 2.06 7.74 -5.07
CA SER A 21 0.91 7.11 -5.70
C SER A 21 0.07 6.36 -4.67
N PHE A 22 -1.17 6.04 -5.05
CA PHE A 22 -2.08 5.33 -4.16
C PHE A 22 -2.60 4.06 -4.82
N HIS A 23 -2.88 3.05 -4.01
CA HIS A 23 -3.36 1.76 -4.53
C HIS A 23 -4.43 1.15 -3.63
N LYS A 24 -5.59 0.88 -4.19
CA LYS A 24 -6.70 0.29 -3.44
C LYS A 24 -6.39 -1.18 -3.13
N PHE A 25 -7.05 -1.74 -2.11
CA PHE A 25 -6.82 -3.13 -1.75
C PHE A 25 -7.15 -4.03 -2.94
N PRO A 26 -6.18 -4.87 -3.34
CA PRO A 26 -6.32 -5.75 -4.50
C PRO A 26 -6.93 -7.11 -4.16
N LEU A 27 -7.60 -7.70 -5.14
CA LEU A 27 -8.23 -8.99 -4.97
C LEU A 27 -7.40 -10.09 -5.63
N THR A 28 -6.59 -9.72 -6.62
CA THR A 28 -5.74 -10.68 -7.31
C THR A 28 -4.71 -11.25 -6.34
N ARG A 29 -4.33 -10.44 -5.35
CA ARG A 29 -3.37 -10.83 -4.34
C ARG A 29 -4.09 -11.04 -3.01
N PRO A 30 -4.47 -12.30 -2.69
CA PRO A 30 -5.20 -12.64 -1.46
C PRO A 30 -4.32 -13.09 -0.29
N SER A 31 -3.73 -14.28 -0.37
CA SER A 31 -2.87 -14.77 0.72
C SER A 31 -1.83 -13.72 1.05
N LEU A 32 -1.16 -13.27 0.00
CA LEU A 32 -0.16 -12.24 0.12
C LEU A 32 -0.82 -10.99 0.69
N CYS A 33 -2.09 -10.79 0.33
CA CYS A 33 -2.87 -9.65 0.80
C CYS A 33 -2.82 -9.54 2.32
N LYS A 34 -2.70 -10.68 2.98
CA LYS A 34 -2.62 -10.69 4.43
C LYS A 34 -1.51 -9.76 4.84
N GLU A 35 -0.45 -9.75 4.03
CA GLU A 35 0.69 -8.90 4.26
C GLU A 35 0.25 -7.44 4.30
N TRP A 36 -0.67 -7.12 3.39
CA TRP A 36 -1.21 -5.78 3.31
C TRP A 36 -1.85 -5.38 4.63
N GLU A 37 -2.39 -6.37 5.33
CA GLU A 37 -2.99 -6.11 6.63
C GLU A 37 -1.98 -5.45 7.55
N ALA A 38 -0.74 -5.90 7.43
CA ALA A 38 0.35 -5.36 8.22
C ALA A 38 0.53 -3.88 7.90
N ALA A 39 0.26 -3.54 6.65
CA ALA A 39 0.36 -2.16 6.20
C ALA A 39 -0.48 -1.25 7.08
N VAL A 40 -1.52 -1.84 7.68
CA VAL A 40 -2.42 -1.10 8.54
C VAL A 40 -1.97 -1.15 10.00
N ARG A 41 -1.89 -2.36 10.56
CA ARG A 41 -1.46 -2.56 11.95
C ARG A 41 -2.49 -2.00 12.95
N ARG A 42 -3.63 -1.57 12.44
CA ARG A 42 -4.69 -1.02 13.29
C ARG A 42 -5.91 -1.93 13.28
N LYS A 43 -7.10 -1.36 13.48
CA LYS A 43 -8.33 -2.14 13.47
C LYS A 43 -8.45 -2.94 12.18
N ASN A 44 -9.57 -3.64 12.04
CA ASN A 44 -9.81 -4.46 10.85
C ASN A 44 -10.02 -3.58 9.62
N PHE A 45 -8.93 -2.92 9.17
CA PHE A 45 -8.95 -2.03 7.99
C PHE A 45 -10.25 -2.16 7.20
N LYS A 46 -11.26 -1.39 7.58
CA LYS A 46 -12.55 -1.42 6.89
C LYS A 46 -12.40 -1.08 5.41
N PRO A 47 -12.55 -2.09 4.53
CA PRO A 47 -12.43 -1.91 3.06
C PRO A 47 -13.38 -0.88 2.46
N THR A 48 -14.21 -0.27 3.30
CA THR A 48 -15.17 0.72 2.84
C THR A 48 -14.46 1.90 2.18
N LYS A 49 -13.54 2.50 2.93
CA LYS A 49 -12.76 3.63 2.43
C LYS A 49 -11.28 3.42 2.69
N TYR A 50 -10.96 2.57 3.66
CA TYR A 50 -9.57 2.29 4.00
C TYR A 50 -8.93 1.31 3.03
N SER A 51 -9.75 0.52 2.32
CA SER A 51 -9.23 -0.47 1.37
C SER A 51 -8.29 0.16 0.34
N SER A 52 -7.12 0.60 0.79
CA SER A 52 -6.13 1.22 -0.09
C SER A 52 -4.86 1.51 0.68
N ILE A 53 -3.74 1.58 -0.03
CA ILE A 53 -2.46 1.84 0.58
C ILE A 53 -1.73 2.91 -0.22
N CYS A 54 -0.79 3.61 0.41
CA CYS A 54 -0.05 4.64 -0.28
C CYS A 54 1.40 4.18 -0.50
N SER A 55 2.09 4.76 -1.49
CA SER A 55 3.46 4.35 -1.82
C SER A 55 4.44 4.46 -0.65
N GLU A 56 4.28 5.48 0.18
CA GLU A 56 5.16 5.71 1.30
C GLU A 56 5.58 4.42 2.04
N HIS A 57 4.73 3.40 1.98
CA HIS A 57 5.02 2.14 2.68
C HIS A 57 5.57 1.06 1.74
N PHE A 58 5.36 1.25 0.44
CA PHE A 58 5.84 0.28 -0.54
C PHE A 58 7.29 0.55 -0.94
N THR A 59 7.94 -0.43 -1.53
CA THR A 59 9.33 -0.27 -1.97
C THR A 59 9.39 0.33 -3.38
N PRO A 60 10.37 1.20 -3.62
CA PRO A 60 10.57 1.87 -4.91
C PRO A 60 10.60 0.87 -6.08
N ASP A 61 11.20 -0.28 -5.81
CA ASP A 61 11.34 -1.34 -6.83
C ASP A 61 9.98 -1.88 -7.26
N CYS A 62 8.97 -1.72 -6.42
CA CYS A 62 7.64 -2.20 -6.74
C CYS A 62 6.80 -1.13 -7.43
N PHE A 63 7.47 -0.13 -8.00
CA PHE A 63 6.79 0.96 -8.69
C PHE A 63 7.40 1.17 -10.07
N LYS A 64 7.70 0.06 -10.74
CA LYS A 64 8.31 0.11 -12.08
C LYS A 64 7.68 1.20 -12.95
N ARG A 65 6.67 0.85 -13.75
CA ARG A 65 6.01 1.83 -14.62
C ARG A 65 4.91 1.19 -15.45
N GLU A 66 5.22 0.06 -16.08
CA GLU A 66 4.26 -0.64 -16.93
C GLU A 66 2.90 -0.77 -16.24
N CYS A 67 1.90 -1.19 -17.01
CA CYS A 67 0.55 -1.35 -16.49
C CYS A 67 0.53 -2.30 -15.30
N ASN A 68 -0.67 -2.66 -14.84
CA ASN A 68 -0.83 -3.56 -13.70
C ASN A 68 0.14 -4.73 -13.79
N ASN A 69 0.45 -5.14 -15.01
CA ASN A 69 1.37 -6.26 -15.24
C ASN A 69 2.69 -6.06 -14.49
N LYS A 70 3.03 -4.82 -14.20
CA LYS A 70 4.27 -4.51 -13.49
C LYS A 70 4.01 -3.61 -12.28
N LEU A 71 2.78 -3.64 -11.78
CA LEU A 71 2.41 -2.85 -10.62
C LEU A 71 2.14 -3.76 -9.42
N LEU A 72 2.09 -3.20 -8.21
CA LEU A 72 1.86 -3.96 -6.97
C LEU A 72 1.43 -5.41 -7.23
N LYS A 73 2.41 -6.22 -7.67
CA LYS A 73 2.16 -7.63 -7.99
C LYS A 73 2.61 -8.54 -6.86
N GLU A 74 2.62 -9.84 -7.15
CA GLU A 74 3.01 -10.86 -6.18
C GLU A 74 4.18 -10.41 -5.33
N ASN A 75 5.06 -9.61 -5.89
CA ASN A 75 6.21 -9.09 -5.17
C ASN A 75 5.77 -8.03 -4.17
N ALA A 76 4.88 -7.17 -4.63
CA ALA A 76 4.33 -6.09 -3.82
C ALA A 76 4.17 -6.45 -2.36
N VAL A 77 4.51 -5.48 -1.51
CA VAL A 77 4.44 -5.64 -0.08
C VAL A 77 4.73 -4.29 0.60
N PRO A 78 4.00 -3.95 1.68
CA PRO A 78 4.19 -2.69 2.41
C PRO A 78 5.34 -2.78 3.43
N THR A 79 6.38 -3.54 3.07
CA THR A 79 7.58 -3.75 3.90
C THR A 79 7.60 -2.96 5.20
N ILE A 80 7.51 -1.63 5.11
CA ILE A 80 7.55 -0.76 6.28
C ILE A 80 6.77 -1.33 7.46
N PHE A 81 5.71 -2.09 7.17
CA PHE A 81 4.89 -2.70 8.21
C PHE A 81 4.99 -4.22 8.16
N LEU A 82 5.46 -4.76 7.03
CA LEU A 82 5.61 -6.19 6.86
C LEU A 82 6.95 -6.65 7.44
N GLU A 83 6.92 -7.77 8.17
CA GLU A 83 8.12 -8.30 8.81
C GLU A 83 9.30 -8.42 7.85
N LEU A 84 9.09 -9.11 6.73
CA LEU A 84 10.15 -9.30 5.74
C LEU A 84 10.01 -8.33 4.58
N VAL A 85 10.78 -8.57 3.52
CA VAL A 85 10.75 -7.71 2.34
C VAL A 85 10.90 -8.55 1.06
N PRO A 86 10.23 -8.14 -0.03
CA PRO A 86 10.28 -8.86 -1.32
C PRO A 86 11.69 -8.95 -1.88
N ARG A 87 12.34 -7.79 -2.01
CA ARG A 87 13.70 -7.74 -2.54
C ARG A 87 14.69 -7.37 -1.44
ZN ZN B . 0.38 5.80 3.83
#